data_5EH4
# 
_entry.id   5EH4 
# 
_audit_conform.dict_name       mmcif_pdbx.dic 
_audit_conform.dict_version    5.379 
_audit_conform.dict_location   http://mmcif.pdb.org/dictionaries/ascii/mmcif_pdbx.dic 
# 
loop_
_database_2.database_id 
_database_2.database_code 
_database_2.pdbx_database_accession 
_database_2.pdbx_DOI 
PDB   5EH4         pdb_00005eh4 10.2210/pdb5eh4/pdb 
WWPDB D_1000214044 ?            ?                   
# 
_pdbx_database_related.content_type   unspecified 
_pdbx_database_related.db_id          5EH6 
_pdbx_database_related.db_name        PDB 
_pdbx_database_related.details        . 
# 
_pdbx_database_status.status_code                     REL 
_pdbx_database_status.status_code_sf                  REL 
_pdbx_database_status.status_code_mr                  ? 
_pdbx_database_status.entry_id                        5EH4 
_pdbx_database_status.recvd_initial_deposition_date   2015-10-28 
_pdbx_database_status.SG_entry                        N 
_pdbx_database_status.deposit_site                    RCSB 
_pdbx_database_status.process_site                    RCSB 
_pdbx_database_status.status_code_cs                  ? 
_pdbx_database_status.methods_development_category    ? 
_pdbx_database_status.pdb_format_compatible           Y 
_pdbx_database_status.status_code_nmr_data            ? 
# 
loop_
_audit_author.name 
_audit_author.pdbx_ordinal 
'Call, M.J.'  1 
'Call, M.E.'  2 
'Trenker, R.' 3 
# 
_citation.abstract                  ? 
_citation.abstract_id_CAS           ? 
_citation.book_id_ISBN              ? 
_citation.book_publisher            ? 
_citation.book_publisher_city       ? 
_citation.book_title                ? 
_citation.coordinate_linkage        ? 
_citation.country                   US 
_citation.database_id_Medline       ? 
_citation.details                   ? 
_citation.id                        primary 
_citation.journal_abbrev            J.Am.Chem.Soc. 
_citation.journal_id_ASTM           JACSAT 
_citation.journal_id_CSD            ? 
_citation.journal_id_ISSN           1520-5126 
_citation.journal_full              ? 
_citation.journal_issue             ? 
_citation.journal_volume            137 
_citation.language                  ? 
_citation.page_first                15676 
_citation.page_last                 15679 
_citation.title                     'Crystal Structure of the Glycophorin A Transmembrane Dimer in Lipidic Cubic Phase.' 
_citation.year                      2015 
_citation.database_id_CSD           ? 
_citation.pdbx_database_id_DOI      10.1021/jacs.5b11354 
_citation.pdbx_database_id_PubMed   26642914 
_citation.unpublished_flag          ? 
# 
loop_
_citation_author.citation_id 
_citation_author.name 
_citation_author.ordinal 
_citation_author.identifier_ORCID 
primary 'Trenker, R.' 1 ? 
primary 'Call, M.E.'  2 ? 
primary 'Call, M.J.'  3 ? 
# 
_cell.angle_alpha                  90.00 
_cell.angle_alpha_esd              ? 
_cell.angle_beta                   90.00 
_cell.angle_beta_esd               ? 
_cell.angle_gamma                  120.00 
_cell.angle_gamma_esd              ? 
_cell.entry_id                     5EH4 
_cell.details                      ? 
_cell.formula_units_Z              ? 
_cell.length_a                     43.195 
_cell.length_a_esd                 ? 
_cell.length_b                     43.195 
_cell.length_b_esd                 ? 
_cell.length_c                     129.419 
_cell.length_c_esd                 ? 
_cell.volume                       ? 
_cell.volume_esd                   ? 
_cell.Z_PDB                        24 
_cell.reciprocal_angle_alpha       ? 
_cell.reciprocal_angle_beta        ? 
_cell.reciprocal_angle_gamma       ? 
_cell.reciprocal_angle_alpha_esd   ? 
_cell.reciprocal_angle_beta_esd    ? 
_cell.reciprocal_angle_gamma_esd   ? 
_cell.reciprocal_length_a          ? 
_cell.reciprocal_length_b          ? 
_cell.reciprocal_length_c          ? 
_cell.reciprocal_length_a_esd      ? 
_cell.reciprocal_length_b_esd      ? 
_cell.reciprocal_length_c_esd      ? 
_cell.pdbx_unique_axis             ? 
# 
_symmetry.entry_id                         5EH4 
_symmetry.cell_setting                     ? 
_symmetry.Int_Tables_number                151 
_symmetry.space_group_name_Hall            ? 
_symmetry.space_group_name_H-M             'P 31 1 2' 
_symmetry.pdbx_full_space_group_name_H-M   ? 
# 
loop_
_entity.id 
_entity.type 
_entity.src_method 
_entity.pdbx_description 
_entity.formula_weight 
_entity.pdbx_number_of_molecules 
_entity.pdbx_ec 
_entity.pdbx_mutation 
_entity.pdbx_fragment 
_entity.details 
1 polymer     man Glycophorin-A                                    3292.054 4 ? M81I 'unp residues 89-117' ? 
2 non-polymer syn '(2S)-2,3-dihydroxypropyl (9Z)-octadec-9-enoate' 356.540  1 ? ?    ?                     ? 
# 
_entity_name_com.entity_id   1 
_entity_name_com.name        'MN sialoglycoprotein,PAS-2,Sialoglycoprotein alpha' 
# 
_entity_poly.entity_id                      1 
_entity_poly.type                           'polypeptide(L)' 
_entity_poly.nstd_linkage                   no 
_entity_poly.nstd_monomer                   yes 
_entity_poly.pdbx_seq_one_letter_code       'EPEITLIIFGVIAGVIGTILLISYGIRRL(SCH)' 
_entity_poly.pdbx_seq_one_letter_code_can   EPEITLIIFGVIAGVIGTILLISYGIRRLC 
_entity_poly.pdbx_strand_id                 A,B,C,D 
_entity_poly.pdbx_target_identifier         ? 
# 
loop_
_entity_poly_seq.entity_id 
_entity_poly_seq.num 
_entity_poly_seq.mon_id 
_entity_poly_seq.hetero 
1 1  GLU n 
1 2  PRO n 
1 3  GLU n 
1 4  ILE n 
1 5  THR n 
1 6  LEU n 
1 7  ILE n 
1 8  ILE n 
1 9  PHE n 
1 10 GLY n 
1 11 VAL n 
1 12 ILE n 
1 13 ALA n 
1 14 GLY n 
1 15 VAL n 
1 16 ILE n 
1 17 GLY n 
1 18 THR n 
1 19 ILE n 
1 20 LEU n 
1 21 LEU n 
1 22 ILE n 
1 23 SER n 
1 24 TYR n 
1 25 GLY n 
1 26 ILE n 
1 27 ARG n 
1 28 ARG n 
1 29 LEU n 
1 30 SCH n 
# 
_entity_src_gen.entity_id                          1 
_entity_src_gen.pdbx_src_id                        1 
_entity_src_gen.pdbx_alt_source_flag               sample 
_entity_src_gen.pdbx_seq_type                      'Biological sequence' 
_entity_src_gen.pdbx_beg_seq_num                   1 
_entity_src_gen.pdbx_end_seq_num                   30 
_entity_src_gen.gene_src_common_name               Human 
_entity_src_gen.gene_src_genus                     ? 
_entity_src_gen.pdbx_gene_src_gene                 'GYPA, GPA' 
_entity_src_gen.gene_src_species                   ? 
_entity_src_gen.gene_src_strain                    ? 
_entity_src_gen.gene_src_tissue                    ? 
_entity_src_gen.gene_src_tissue_fraction           ? 
_entity_src_gen.gene_src_details                   ? 
_entity_src_gen.pdbx_gene_src_fragment             ? 
_entity_src_gen.pdbx_gene_src_scientific_name      'Homo sapiens' 
_entity_src_gen.pdbx_gene_src_ncbi_taxonomy_id     9606 
_entity_src_gen.pdbx_gene_src_variant              ? 
_entity_src_gen.pdbx_gene_src_cell_line            ? 
_entity_src_gen.pdbx_gene_src_atcc                 ? 
_entity_src_gen.pdbx_gene_src_organ                ? 
_entity_src_gen.pdbx_gene_src_organelle            ? 
_entity_src_gen.pdbx_gene_src_cell                 Erythrocyte 
_entity_src_gen.pdbx_gene_src_cellular_location    ? 
_entity_src_gen.host_org_common_name               ? 
_entity_src_gen.pdbx_host_org_scientific_name      'Escherichia coli' 
_entity_src_gen.pdbx_host_org_ncbi_taxonomy_id     562 
_entity_src_gen.host_org_genus                     ? 
_entity_src_gen.pdbx_host_org_gene                 ? 
_entity_src_gen.pdbx_host_org_organ                ? 
_entity_src_gen.host_org_species                   ? 
_entity_src_gen.pdbx_host_org_tissue               ? 
_entity_src_gen.pdbx_host_org_tissue_fraction      ? 
_entity_src_gen.pdbx_host_org_strain               ? 
_entity_src_gen.pdbx_host_org_variant              ? 
_entity_src_gen.pdbx_host_org_cell_line            ? 
_entity_src_gen.pdbx_host_org_atcc                 ? 
_entity_src_gen.pdbx_host_org_culture_collection   ? 
_entity_src_gen.pdbx_host_org_cell                 ? 
_entity_src_gen.pdbx_host_org_organelle            ? 
_entity_src_gen.pdbx_host_org_cellular_location    ? 
_entity_src_gen.pdbx_host_org_vector_type          ? 
_entity_src_gen.pdbx_host_org_vector               ? 
_entity_src_gen.host_org_details                   ? 
_entity_src_gen.expression_system_id               ? 
_entity_src_gen.plasmid_name                       pTRPLE 
_entity_src_gen.plasmid_details                    ? 
_entity_src_gen.pdbx_description                   ? 
# 
_struct_ref.id                         1 
_struct_ref.db_name                    UNP 
_struct_ref.db_code                    GLPA_HUMAN 
_struct_ref.pdbx_db_accession          P02724 
_struct_ref.pdbx_db_isoform            ? 
_struct_ref.entity_id                  1 
_struct_ref.pdbx_seq_one_letter_code   EPEITLIIFGVMAGVIGTILLISYGIRRL 
_struct_ref.pdbx_align_begin           89 
# 
loop_
_struct_ref_seq.align_id 
_struct_ref_seq.ref_id 
_struct_ref_seq.pdbx_PDB_id_code 
_struct_ref_seq.pdbx_strand_id 
_struct_ref_seq.seq_align_beg 
_struct_ref_seq.pdbx_seq_align_beg_ins_code 
_struct_ref_seq.seq_align_end 
_struct_ref_seq.pdbx_seq_align_end_ins_code 
_struct_ref_seq.pdbx_db_accession 
_struct_ref_seq.db_align_beg 
_struct_ref_seq.pdbx_db_align_beg_ins_code 
_struct_ref_seq.db_align_end 
_struct_ref_seq.pdbx_db_align_end_ins_code 
_struct_ref_seq.pdbx_auth_seq_align_beg 
_struct_ref_seq.pdbx_auth_seq_align_end 
1 1 5EH4 A 1 ? 29 ? P02724 89 ? 117 ? 70 98 
2 1 5EH4 B 1 ? 29 ? P02724 89 ? 117 ? 70 98 
3 1 5EH4 C 1 ? 29 ? P02724 89 ? 117 ? 70 98 
4 1 5EH4 D 1 ? 29 ? P02724 89 ? 117 ? 70 98 
# 
loop_
_struct_ref_seq_dif.align_id 
_struct_ref_seq_dif.pdbx_pdb_id_code 
_struct_ref_seq_dif.mon_id 
_struct_ref_seq_dif.pdbx_pdb_strand_id 
_struct_ref_seq_dif.seq_num 
_struct_ref_seq_dif.pdbx_pdb_ins_code 
_struct_ref_seq_dif.pdbx_seq_db_name 
_struct_ref_seq_dif.pdbx_seq_db_accession_code 
_struct_ref_seq_dif.db_mon_id 
_struct_ref_seq_dif.pdbx_seq_db_seq_num 
_struct_ref_seq_dif.details 
_struct_ref_seq_dif.pdbx_auth_seq_num 
_struct_ref_seq_dif.pdbx_ordinal 
1 5EH4 ILE A 12 ? UNP P02724 MET 100 'engineered mutation' 81 1 
2 5EH4 ILE B 12 ? UNP P02724 MET 100 'engineered mutation' 81 2 
3 5EH4 ILE C 12 ? UNP P02724 MET 100 'engineered mutation' 81 3 
4 5EH4 ILE D 12 ? UNP P02724 MET 100 'engineered mutation' 81 4 
# 
loop_
_chem_comp.id 
_chem_comp.type 
_chem_comp.mon_nstd_flag 
_chem_comp.name 
_chem_comp.pdbx_synonyms 
_chem_comp.formula 
_chem_comp.formula_weight 
ALA 'L-peptide linking' y ALANINE                                          ? 'C3 H7 N O2'     89.093  
ARG 'L-peptide linking' y ARGININE                                         ? 'C6 H15 N4 O2 1' 175.209 
GLU 'L-peptide linking' y 'GLUTAMIC ACID'                                  ? 'C5 H9 N O4'     147.129 
GLY 'peptide linking'   y GLYCINE                                          ? 'C2 H5 N O2'     75.067  
ILE 'L-peptide linking' y ISOLEUCINE                                       ? 'C6 H13 N O2'    131.173 
LEU 'L-peptide linking' y LEUCINE                                          ? 'C6 H13 N O2'    131.173 
MET 'L-peptide linking' y METHIONINE                                       ? 'C5 H11 N O2 S'  149.211 
OLB non-polymer         . '(2S)-2,3-dihydroxypropyl (9Z)-octadec-9-enoate' ? 'C21 H40 O4'     356.540 
PHE 'L-peptide linking' y PHENYLALANINE                                    ? 'C9 H11 N O2'    165.189 
PRO 'L-peptide linking' y PROLINE                                          ? 'C5 H9 N O2'     115.130 
SCH 'L-peptide linking' n S-METHYL-THIO-CYSTEINE                           ? 'C4 H9 N O2 S2'  167.250 
SER 'L-peptide linking' y SERINE                                           ? 'C3 H7 N O3'     105.093 
THR 'L-peptide linking' y THREONINE                                        ? 'C4 H9 N O3'     119.119 
TYR 'L-peptide linking' y TYROSINE                                         ? 'C9 H11 N O3'    181.189 
VAL 'L-peptide linking' y VALINE                                           ? 'C5 H11 N O2'    117.146 
# 
_exptl.absorpt_coefficient_mu     ? 
_exptl.absorpt_correction_T_max   ? 
_exptl.absorpt_correction_T_min   ? 
_exptl.absorpt_correction_type    ? 
_exptl.absorpt_process_details    ? 
_exptl.entry_id                   5EH4 
_exptl.crystals_number            ? 
_exptl.details                    ? 
_exptl.method                     'X-RAY DIFFRACTION' 
_exptl.method_details             ? 
# 
_exptl_crystal.colour                      ? 
_exptl_crystal.density_diffrn              ? 
_exptl_crystal.density_Matthews            2.65 
_exptl_crystal.density_method              ? 
_exptl_crystal.density_percent_sol         53.53 
_exptl_crystal.description                 Discoid 
_exptl_crystal.F_000                       ? 
_exptl_crystal.id                          1 
_exptl_crystal.preparation                 ? 
_exptl_crystal.size_max                    ? 
_exptl_crystal.size_mid                    ? 
_exptl_crystal.size_min                    ? 
_exptl_crystal.size_rad                    ? 
_exptl_crystal.colour_lustre               ? 
_exptl_crystal.colour_modifier             ? 
_exptl_crystal.colour_primary              ? 
_exptl_crystal.density_meas                ? 
_exptl_crystal.density_meas_esd            ? 
_exptl_crystal.density_meas_gt             ? 
_exptl_crystal.density_meas_lt             ? 
_exptl_crystal.density_meas_temp           ? 
_exptl_crystal.density_meas_temp_esd       ? 
_exptl_crystal.density_meas_temp_gt        ? 
_exptl_crystal.density_meas_temp_lt        ? 
_exptl_crystal.pdbx_crystal_image_url      ? 
_exptl_crystal.pdbx_crystal_image_format   ? 
_exptl_crystal.pdbx_mosaicity              ? 
_exptl_crystal.pdbx_mosaicity_esd          ? 
# 
_exptl_crystal_grow.apparatus       ? 
_exptl_crystal_grow.atmosphere      ? 
_exptl_crystal_grow.crystal_id      1 
_exptl_crystal_grow.details         ? 
_exptl_crystal_grow.method          'LIPIDIC CUBIC PHASE' 
_exptl_crystal_grow.method_ref      ? 
_exptl_crystal_grow.pH              ? 
_exptl_crystal_grow.pressure        ? 
_exptl_crystal_grow.pressure_esd    ? 
_exptl_crystal_grow.seeding         ? 
_exptl_crystal_grow.seeding_ref     ? 
_exptl_crystal_grow.temp            293 
_exptl_crystal_grow.temp_details    ? 
_exptl_crystal_grow.temp_esd        ? 
_exptl_crystal_grow.time            ? 
_exptl_crystal_grow.pdbx_details    
;20% (w/v)PEG 8000, 0.1 M sodium HEPES pH 7.5 
10 mM TRIS-HCl pH 8, 40 mM NaCl
;
_exptl_crystal_grow.pdbx_pH_range   7-8 
# 
_diffrn.ambient_environment    ? 
_diffrn.ambient_temp           100 
_diffrn.ambient_temp_details   ? 
_diffrn.ambient_temp_esd       ? 
_diffrn.crystal_id             1 
_diffrn.crystal_support        ? 
_diffrn.crystal_treatment      ? 
_diffrn.details                ? 
_diffrn.id                     1 
_diffrn.ambient_pressure       ? 
_diffrn.ambient_pressure_esd   ? 
_diffrn.ambient_pressure_gt    ? 
_diffrn.ambient_pressure_lt    ? 
_diffrn.ambient_temp_gt        ? 
_diffrn.ambient_temp_lt        ? 
# 
_diffrn_detector.details                      ? 
_diffrn_detector.detector                     CCD 
_diffrn_detector.diffrn_id                    1 
_diffrn_detector.type                         'ADSC QUANTUM 315r' 
_diffrn_detector.area_resol_mean              ? 
_diffrn_detector.dtime                        ? 
_diffrn_detector.pdbx_frames_total            ? 
_diffrn_detector.pdbx_collection_time_total   ? 
_diffrn_detector.pdbx_collection_date         2015-08-13 
# 
_diffrn_radiation.collimation                      ? 
_diffrn_radiation.diffrn_id                        1 
_diffrn_radiation.filter_edge                      ? 
_diffrn_radiation.inhomogeneity                    ? 
_diffrn_radiation.monochromator                    ? 
_diffrn_radiation.polarisn_norm                    ? 
_diffrn_radiation.polarisn_ratio                   ? 
_diffrn_radiation.probe                            ? 
_diffrn_radiation.type                             ? 
_diffrn_radiation.xray_symbol                      ? 
_diffrn_radiation.wavelength_id                    1 
_diffrn_radiation.pdbx_monochromatic_or_laue_m_l   M 
_diffrn_radiation.pdbx_wavelength_list             ? 
_diffrn_radiation.pdbx_wavelength                  ? 
_diffrn_radiation.pdbx_diffrn_protocol             'SINGLE WAVELENGTH' 
_diffrn_radiation.pdbx_analyzer                    ? 
_diffrn_radiation.pdbx_scattering_type             x-ray 
# 
_diffrn_radiation_wavelength.id           1 
_diffrn_radiation_wavelength.wavelength   0.9537 
_diffrn_radiation_wavelength.wt           1.0 
# 
_diffrn_source.current                     ? 
_diffrn_source.details                     ? 
_diffrn_source.diffrn_id                   1 
_diffrn_source.power                       ? 
_diffrn_source.size                        ? 
_diffrn_source.source                      SYNCHROTRON 
_diffrn_source.target                      ? 
_diffrn_source.type                        'AUSTRALIAN SYNCHROTRON BEAMLINE MX2' 
_diffrn_source.voltage                     ? 
_diffrn_source.take-off_angle              ? 
_diffrn_source.pdbx_wavelength_list        0.9537 
_diffrn_source.pdbx_wavelength             ? 
_diffrn_source.pdbx_synchrotron_beamline   MX2 
_diffrn_source.pdbx_synchrotron_site       'Australian Synchrotron' 
# 
_reflns.B_iso_Wilson_estimate            ? 
_reflns.entry_id                         5EH4 
_reflns.data_reduction_details           ? 
_reflns.data_reduction_method            ? 
_reflns.d_resolution_high                2.81 
_reflns.d_resolution_low                 35.94 
_reflns.details                          ? 
_reflns.limit_h_max                      ? 
_reflns.limit_h_min                      ? 
_reflns.limit_k_max                      ? 
_reflns.limit_k_min                      ? 
_reflns.limit_l_max                      ? 
_reflns.limit_l_min                      ? 
_reflns.number_all                       ? 
_reflns.number_obs                       3581 
_reflns.observed_criterion               ? 
_reflns.observed_criterion_F_max         ? 
_reflns.observed_criterion_F_min         ? 
_reflns.observed_criterion_I_max         ? 
_reflns.observed_criterion_I_min         ? 
_reflns.observed_criterion_sigma_F       ? 
_reflns.observed_criterion_sigma_I       ? 
_reflns.percent_possible_obs             99.5 
_reflns.R_free_details                   ? 
_reflns.Rmerge_F_all                     ? 
_reflns.Rmerge_F_obs                     ? 
_reflns.Friedel_coverage                 ? 
_reflns.number_gt                        ? 
_reflns.threshold_expression             ? 
_reflns.pdbx_redundancy                  12.2 
_reflns.pdbx_Rmerge_I_obs                0.3602 
_reflns.pdbx_Rmerge_I_all                ? 
_reflns.pdbx_Rsym_value                  ? 
_reflns.pdbx_netI_over_av_sigmaI         ? 
_reflns.pdbx_netI_over_sigmaI            14.6 
_reflns.pdbx_res_netI_over_av_sigmaI_2   ? 
_reflns.pdbx_res_netI_over_sigmaI_2      ? 
_reflns.pdbx_chi_squared                 ? 
_reflns.pdbx_scaling_rejects             ? 
_reflns.pdbx_d_res_high_opt              ? 
_reflns.pdbx_d_res_low_opt               ? 
_reflns.pdbx_d_res_opt_method            ? 
_reflns.phase_calculation_details        ? 
_reflns.pdbx_Rrim_I_all                  ? 
_reflns.pdbx_Rpim_I_all                  ? 
_reflns.pdbx_d_opt                       ? 
_reflns.pdbx_number_measured_all         ? 
_reflns.pdbx_diffrn_id                   1 
_reflns.pdbx_ordinal                     1 
_reflns.pdbx_CC_half                     ? 
_reflns.pdbx_R_split                     ? 
# 
_reflns_shell.d_res_high                  2.81 
_reflns_shell.d_res_low                   2.91 
_reflns_shell.meanI_over_sigI_all         ? 
_reflns_shell.meanI_over_sigI_obs         3.1 
_reflns_shell.number_measured_all         ? 
_reflns_shell.number_measured_obs         ? 
_reflns_shell.number_possible             ? 
_reflns_shell.number_unique_all           ? 
_reflns_shell.number_unique_obs           ? 
_reflns_shell.percent_possible_all        97.4 
_reflns_shell.percent_possible_obs        ? 
_reflns_shell.Rmerge_F_all                ? 
_reflns_shell.Rmerge_F_obs                ? 
_reflns_shell.Rmerge_I_all                ? 
_reflns_shell.Rmerge_I_obs                1.862 
_reflns_shell.meanI_over_sigI_gt          ? 
_reflns_shell.meanI_over_uI_all           ? 
_reflns_shell.meanI_over_uI_gt            ? 
_reflns_shell.number_measured_gt          ? 
_reflns_shell.number_unique_gt            ? 
_reflns_shell.percent_possible_gt         ? 
_reflns_shell.Rmerge_F_gt                 ? 
_reflns_shell.Rmerge_I_gt                 ? 
_reflns_shell.pdbx_redundancy             7.3 
_reflns_shell.pdbx_Rsym_value             ? 
_reflns_shell.pdbx_chi_squared            ? 
_reflns_shell.pdbx_netI_over_sigmaI_all   ? 
_reflns_shell.pdbx_netI_over_sigmaI_obs   ? 
_reflns_shell.pdbx_Rrim_I_all             ? 
_reflns_shell.pdbx_Rpim_I_all             ? 
_reflns_shell.pdbx_rejects                ? 
_reflns_shell.pdbx_ordinal                1 
_reflns_shell.pdbx_diffrn_id              1 
_reflns_shell.pdbx_CC_half                ? 
_reflns_shell.pdbx_R_split                ? 
# 
_refine.aniso_B[1][1]                            ? 
_refine.aniso_B[1][2]                            ? 
_refine.aniso_B[1][3]                            ? 
_refine.aniso_B[2][2]                            ? 
_refine.aniso_B[2][3]                            ? 
_refine.aniso_B[3][3]                            ? 
_refine.B_iso_max                                ? 
_refine.B_iso_mean                               29.3 
_refine.B_iso_min                                ? 
_refine.correlation_coeff_Fo_to_Fc               ? 
_refine.correlation_coeff_Fo_to_Fc_free          ? 
_refine.details                                  ? 
_refine.diff_density_max                         ? 
_refine.diff_density_max_esd                     ? 
_refine.diff_density_min                         ? 
_refine.diff_density_min_esd                     ? 
_refine.diff_density_rms                         ? 
_refine.diff_density_rms_esd                     ? 
_refine.entry_id                                 5EH4 
_refine.pdbx_refine_id                           'X-RAY DIFFRACTION' 
_refine.ls_abs_structure_details                 ? 
_refine.ls_abs_structure_Flack                   ? 
_refine.ls_abs_structure_Flack_esd               ? 
_refine.ls_abs_structure_Rogers                  ? 
_refine.ls_abs_structure_Rogers_esd              ? 
_refine.ls_d_res_high                            2.810 
_refine.ls_d_res_low                             35.937 
_refine.ls_extinction_coef                       ? 
_refine.ls_extinction_coef_esd                   ? 
_refine.ls_extinction_expression                 ? 
_refine.ls_extinction_method                     ? 
_refine.ls_goodness_of_fit_all                   ? 
_refine.ls_goodness_of_fit_all_esd               ? 
_refine.ls_goodness_of_fit_obs                   ? 
_refine.ls_goodness_of_fit_obs_esd               ? 
_refine.ls_hydrogen_treatment                    ? 
_refine.ls_matrix_type                           ? 
_refine.ls_number_constraints                    ? 
_refine.ls_number_parameters                     ? 
_refine.ls_number_reflns_all                     ? 
_refine.ls_number_reflns_obs                     3515 
_refine.ls_number_reflns_R_free                  367 
_refine.ls_number_reflns_R_work                  ? 
_refine.ls_number_restraints                     ? 
_refine.ls_percent_reflns_obs                    98.68 
_refine.ls_percent_reflns_R_free                 10.44 
_refine.ls_R_factor_all                          ? 
_refine.ls_R_factor_obs                          0.2323 
_refine.ls_R_factor_R_free                       0.2598 
_refine.ls_R_factor_R_free_error                 ? 
_refine.ls_R_factor_R_free_error_details         ? 
_refine.ls_R_factor_R_work                       0.2278 
_refine.ls_R_Fsqd_factor_obs                     ? 
_refine.ls_R_I_factor_obs                        ? 
_refine.ls_redundancy_reflns_all                 ? 
_refine.ls_redundancy_reflns_obs                 ? 
_refine.ls_restrained_S_all                      ? 
_refine.ls_restrained_S_obs                      ? 
_refine.ls_shift_over_esd_max                    ? 
_refine.ls_shift_over_esd_mean                   ? 
_refine.ls_structure_factor_coef                 ? 
_refine.ls_weighting_details                     ? 
_refine.ls_weighting_scheme                      ? 
_refine.ls_wR_factor_all                         ? 
_refine.ls_wR_factor_obs                         ? 
_refine.ls_wR_factor_R_free                      ? 
_refine.ls_wR_factor_R_work                      ? 
_refine.occupancy_max                            ? 
_refine.occupancy_min                            ? 
_refine.solvent_model_details                    'FLAT BULK SOLVENT MODEL' 
_refine.solvent_model_param_bsol                 ? 
_refine.solvent_model_param_ksol                 ? 
_refine.ls_R_factor_gt                           ? 
_refine.ls_goodness_of_fit_gt                    ? 
_refine.ls_goodness_of_fit_ref                   ? 
_refine.ls_shift_over_su_max                     ? 
_refine.ls_shift_over_su_max_lt                  ? 
_refine.ls_shift_over_su_mean                    ? 
_refine.ls_shift_over_su_mean_lt                 ? 
_refine.pdbx_ls_sigma_I                          ? 
_refine.pdbx_ls_sigma_F                          1.36 
_refine.pdbx_ls_sigma_Fsqd                       ? 
_refine.pdbx_data_cutoff_high_absF               ? 
_refine.pdbx_data_cutoff_high_rms_absF           ? 
_refine.pdbx_data_cutoff_low_absF                ? 
_refine.pdbx_isotropic_thermal_model             ? 
_refine.pdbx_ls_cross_valid_method               'FREE R-VALUE' 
_refine.pdbx_method_to_determine_struct          'MOLECULAR REPLACEMENT' 
_refine.pdbx_starting_model                      5EH6 
_refine.pdbx_stereochemistry_target_values       TWIN_LSQ_F 
_refine.pdbx_R_Free_selection_details            ? 
_refine.pdbx_stereochem_target_val_spec_case     ? 
_refine.pdbx_overall_ESU_R                       ? 
_refine.pdbx_overall_ESU_R_Free                  ? 
_refine.pdbx_solvent_vdw_probe_radii             1.11 
_refine.pdbx_solvent_ion_probe_radii             ? 
_refine.pdbx_solvent_shrinkage_radii             0.90 
_refine.pdbx_real_space_R                        ? 
_refine.pdbx_density_correlation                 ? 
_refine.pdbx_pd_number_of_powder_patterns        ? 
_refine.pdbx_pd_number_of_points                 ? 
_refine.pdbx_pd_meas_number_of_points            ? 
_refine.pdbx_pd_proc_ls_prof_R_factor            ? 
_refine.pdbx_pd_proc_ls_prof_wR_factor           ? 
_refine.pdbx_pd_Marquardt_correlation_coeff      ? 
_refine.pdbx_pd_Fsqrd_R_factor                   ? 
_refine.pdbx_pd_ls_matrix_band_width             ? 
_refine.pdbx_overall_phase_error                 27.19 
_refine.pdbx_overall_SU_R_free_Cruickshank_DPI   ? 
_refine.pdbx_overall_SU_R_free_Blow_DPI          ? 
_refine.pdbx_overall_SU_R_Blow_DPI               ? 
_refine.pdbx_TLS_residual_ADP_flag               ? 
_refine.pdbx_diffrn_id                           1 
_refine.overall_SU_B                             ? 
_refine.overall_SU_ML                            ? 
_refine.overall_SU_R_Cruickshank_DPI             ? 
_refine.overall_SU_R_free                        ? 
_refine.overall_FOM_free_R_set                   ? 
_refine.overall_FOM_work_R_set                   ? 
_refine.pdbx_average_fsc_overall                 ? 
_refine.pdbx_average_fsc_work                    ? 
_refine.pdbx_average_fsc_free                    ? 
# 
_refine_hist.pdbx_refine_id                   'X-RAY DIFFRACTION' 
_refine_hist.cycle_id                         LAST 
_refine_hist.pdbx_number_atoms_protein        920 
_refine_hist.pdbx_number_atoms_nucleic_acid   0 
_refine_hist.pdbx_number_atoms_ligand         25 
_refine_hist.number_atoms_solvent             0 
_refine_hist.number_atoms_total               945 
_refine_hist.d_res_high                       2.810 
_refine_hist.d_res_low                        35.937 
# 
loop_
_refine_ls_restr.pdbx_refine_id 
_refine_ls_restr.criterion 
_refine_ls_restr.dev_ideal 
_refine_ls_restr.dev_ideal_target 
_refine_ls_restr.number 
_refine_ls_restr.rejects 
_refine_ls_restr.type 
_refine_ls_restr.weight 
_refine_ls_restr.pdbx_restraint_function 
'X-RAY DIFFRACTION' ? 0.002  ? 952  ? f_bond_d           ? ? 
'X-RAY DIFFRACTION' ? 0.638  ? 1281 ? f_angle_d          ? ? 
'X-RAY DIFFRACTION' ? 12.222 ? 346  ? f_dihedral_angle_d ? ? 
'X-RAY DIFFRACTION' ? 0.020  ? 169  ? f_chiral_restr     ? ? 
'X-RAY DIFFRACTION' ? 0.004  ? 150  ? f_plane_restr      ? ? 
# 
loop_
_refine_ls_shell.pdbx_refine_id 
_refine_ls_shell.d_res_high 
_refine_ls_shell.d_res_low 
_refine_ls_shell.number_reflns_all 
_refine_ls_shell.number_reflns_obs 
_refine_ls_shell.number_reflns_R_free 
_refine_ls_shell.number_reflns_R_work 
_refine_ls_shell.percent_reflns_obs 
_refine_ls_shell.percent_reflns_R_free 
_refine_ls_shell.R_factor_all 
_refine_ls_shell.R_factor_obs 
_refine_ls_shell.R_factor_R_free 
_refine_ls_shell.R_factor_R_free_error 
_refine_ls_shell.R_factor_R_work 
_refine_ls_shell.redundancy_reflns_all 
_refine_ls_shell.redundancy_reflns_obs 
_refine_ls_shell.wR_factor_all 
_refine_ls_shell.wR_factor_obs 
_refine_ls_shell.wR_factor_R_free 
_refine_ls_shell.wR_factor_R_work 
_refine_ls_shell.pdbx_total_number_of_bins_used 
_refine_ls_shell.pdbx_phase_error 
_refine_ls_shell.pdbx_fsc_work 
_refine_ls_shell.pdbx_fsc_free 
'X-RAY DIFFRACTION' 2.8102 3.2157  . . 116 996  86.00 . . . 0.3785 . 0.2362 . . . . . . . . . . 
'X-RAY DIFFRACTION' 3.2157 4.0470  . . 122 1046 90.00 . . . 0.2445 . 0.2234 . . . . . . . . . . 
'X-RAY DIFFRACTION' 4.0470 21.5705 . . 128 1102 90.00 . . . 0.2233 . 0.2292 . . . . . . . . . . 
# 
_struct.entry_id                     5EH4 
_struct.title                        'Crystal Structure of the Glycophorin A Transmembrane Dimer in Lipidic Cubic Phase' 
_struct.pdbx_model_details           ? 
_struct.pdbx_formula_weight          ? 
_struct.pdbx_formula_weight_method   ? 
_struct.pdbx_model_type_details      ? 
_struct.pdbx_CASP_flag               ? 
# 
_struct_keywords.entry_id        5EH4 
_struct_keywords.text            'Receptor, lipidic cubic phase, peptides, transmembrane, MEMBRANE PROTEIN' 
_struct_keywords.pdbx_keywords   'MEMBRANE PROTEIN' 
# 
loop_
_struct_asym.id 
_struct_asym.pdbx_blank_PDB_chainid_flag 
_struct_asym.pdbx_modified 
_struct_asym.entity_id 
_struct_asym.details 
A N N 1 ? 
B N N 1 ? 
C N N 1 ? 
D N N 1 ? 
E N N 2 ? 
# 
loop_
_struct_conf.conf_type_id 
_struct_conf.id 
_struct_conf.pdbx_PDB_helix_id 
_struct_conf.beg_label_comp_id 
_struct_conf.beg_label_asym_id 
_struct_conf.beg_label_seq_id 
_struct_conf.pdbx_beg_PDB_ins_code 
_struct_conf.end_label_comp_id 
_struct_conf.end_label_asym_id 
_struct_conf.end_label_seq_id 
_struct_conf.pdbx_end_PDB_ins_code 
_struct_conf.beg_auth_comp_id 
_struct_conf.beg_auth_asym_id 
_struct_conf.beg_auth_seq_id 
_struct_conf.end_auth_comp_id 
_struct_conf.end_auth_asym_id 
_struct_conf.end_auth_seq_id 
_struct_conf.pdbx_PDB_helix_class 
_struct_conf.details 
_struct_conf.pdbx_PDB_helix_length 
HELX_P HELX_P1 AA1 GLU A 1 ? ARG A 27 ? GLU A 70 ARG A 96 1 ? 27 
HELX_P HELX_P2 AA2 ILE B 4 ? ARG B 27 ? ILE B 73 ARG B 96 1 ? 24 
HELX_P HELX_P3 AA3 PRO C 2 ? ARG C 28 ? PRO C 71 ARG C 97 1 ? 27 
HELX_P HELX_P4 AA4 GLU D 3 ? SCH D 30 ? GLU D 72 SCH D 99 1 ? 28 
# 
_struct_conf_type.id          HELX_P 
_struct_conf_type.criteria    ? 
_struct_conf_type.reference   ? 
# 
loop_
_struct_conn.id 
_struct_conn.conn_type_id 
_struct_conn.pdbx_leaving_atom_flag 
_struct_conn.pdbx_PDB_id 
_struct_conn.ptnr1_label_asym_id 
_struct_conn.ptnr1_label_comp_id 
_struct_conn.ptnr1_label_seq_id 
_struct_conn.ptnr1_label_atom_id 
_struct_conn.pdbx_ptnr1_label_alt_id 
_struct_conn.pdbx_ptnr1_PDB_ins_code 
_struct_conn.pdbx_ptnr1_standard_comp_id 
_struct_conn.ptnr1_symmetry 
_struct_conn.ptnr2_label_asym_id 
_struct_conn.ptnr2_label_comp_id 
_struct_conn.ptnr2_label_seq_id 
_struct_conn.ptnr2_label_atom_id 
_struct_conn.pdbx_ptnr2_label_alt_id 
_struct_conn.pdbx_ptnr2_PDB_ins_code 
_struct_conn.ptnr1_auth_asym_id 
_struct_conn.ptnr1_auth_comp_id 
_struct_conn.ptnr1_auth_seq_id 
_struct_conn.ptnr2_auth_asym_id 
_struct_conn.ptnr2_auth_comp_id 
_struct_conn.ptnr2_auth_seq_id 
_struct_conn.ptnr2_symmetry 
_struct_conn.pdbx_ptnr3_label_atom_id 
_struct_conn.pdbx_ptnr3_label_seq_id 
_struct_conn.pdbx_ptnr3_label_comp_id 
_struct_conn.pdbx_ptnr3_label_asym_id 
_struct_conn.pdbx_ptnr3_label_alt_id 
_struct_conn.pdbx_ptnr3_PDB_ins_code 
_struct_conn.details 
_struct_conn.pdbx_dist_value 
_struct_conn.pdbx_value_order 
_struct_conn.pdbx_role 
covale1 covale both ? A LEU 29 C ? ? ? 1_555 A SCH 30 N ? ? A LEU 98 A SCH 99 1_555 ? ? ? ? ? ? ? 1.329 ? ? 
covale2 covale both ? B LEU 29 C ? ? ? 1_555 B SCH 30 N ? ? B LEU 98 B SCH 99 1_555 ? ? ? ? ? ? ? 1.331 ? ? 
covale3 covale both ? C LEU 29 C ? ? ? 1_555 C SCH 30 N ? ? C LEU 98 C SCH 99 1_555 ? ? ? ? ? ? ? 1.331 ? ? 
covale4 covale both ? D LEU 29 C ? ? ? 1_555 D SCH 30 N ? ? D LEU 98 D SCH 99 1_555 ? ? ? ? ? ? ? 1.329 ? ? 
# 
_struct_conn_type.id          covale 
_struct_conn_type.criteria    ? 
_struct_conn_type.reference   ? 
# 
_struct_site.id                   AC1 
_struct_site.pdbx_evidence_code   Software 
_struct_site.pdbx_auth_asym_id    A 
_struct_site.pdbx_auth_comp_id    OLB 
_struct_site.pdbx_auth_seq_id     101 
_struct_site.pdbx_auth_ins_code   ? 
_struct_site.pdbx_num_residues    6 
_struct_site.details              'binding site for residue OLB A 101' 
# 
loop_
_struct_site_gen.id 
_struct_site_gen.site_id 
_struct_site_gen.pdbx_num_res 
_struct_site_gen.label_comp_id 
_struct_site_gen.label_asym_id 
_struct_site_gen.label_seq_id 
_struct_site_gen.pdbx_auth_ins_code 
_struct_site_gen.auth_comp_id 
_struct_site_gen.auth_asym_id 
_struct_site_gen.auth_seq_id 
_struct_site_gen.label_atom_id 
_struct_site_gen.label_alt_id 
_struct_site_gen.symmetry 
_struct_site_gen.details 
1 AC1 6 PHE A 9  ? PHE A 78 . ? 1_555 ? 
2 AC1 6 VAL B 15 ? VAL B 84 . ? 1_555 ? 
3 AC1 6 THR C 5  ? THR C 74 . ? 5_655 ? 
4 AC1 6 VAL C 15 ? VAL C 84 . ? 1_555 ? 
5 AC1 6 ALA D 13 ? ALA D 82 . ? 1_555 ? 
6 AC1 6 LEU D 21 ? LEU D 90 . ? 1_555 ? 
# 
_atom_sites.entry_id                    5EH4 
_atom_sites.fract_transf_matrix[1][1]   0.00166077 
_atom_sites.fract_transf_matrix[1][2]   0.00366343 
_atom_sites.fract_transf_matrix[1][3]   0.02642801 
_atom_sites.fract_transf_matrix[2][1]   0.01083515 
_atom_sites.fract_transf_matrix[2][2]   -0.01892414 
_atom_sites.fract_transf_matrix[2][3]   0.01546209 
_atom_sites.fract_transf_matrix[3][1]   0.00695163 
_atom_sites.fract_transf_matrix[3][2]   0.00325465 
_atom_sites.fract_transf_matrix[3][3]   -0.00088801 
_atom_sites.fract_transf_vector[1]      0.974892 
_atom_sites.fract_transf_vector[2]      0.378266 
_atom_sites.fract_transf_vector[3]      0.168338 
# 
loop_
_atom_type.symbol 
C 
N 
O 
S 
# 
loop_
_atom_site.group_PDB 
_atom_site.id 
_atom_site.type_symbol 
_atom_site.label_atom_id 
_atom_site.label_alt_id 
_atom_site.label_comp_id 
_atom_site.label_asym_id 
_atom_site.label_entity_id 
_atom_site.label_seq_id 
_atom_site.pdbx_PDB_ins_code 
_atom_site.Cartn_x 
_atom_site.Cartn_y 
_atom_site.Cartn_z 
_atom_site.occupancy 
_atom_site.B_iso_or_equiv 
_atom_site.pdbx_formal_charge 
_atom_site.auth_seq_id 
_atom_site.auth_comp_id 
_atom_site.auth_asym_id 
_atom_site.auth_atom_id 
_atom_site.pdbx_PDB_model_num 
ATOM   1   N N   . GLU A 1 1  ? 18.978  1.372   5.702   1.00 49.43 ? 70  GLU A N   1 
ATOM   2   C CA  . GLU A 1 1  ? 18.114  2.447   6.184   1.00 52.71 ? 70  GLU A CA  1 
ATOM   3   C C   . GLU A 1 1  ? 17.089  2.907   5.138   1.00 47.39 ? 70  GLU A C   1 
ATOM   4   O O   . GLU A 1 1  ? 15.934  3.156   5.482   1.00 48.17 ? 70  GLU A O   1 
ATOM   5   C CB  . GLU A 1 1  ? 18.959  3.633   6.668   1.00 59.65 ? 70  GLU A CB  1 
ATOM   6   C CG  . GLU A 1 1  ? 19.922  3.258   7.789   1.00 65.98 ? 70  GLU A CG  1 
ATOM   7   C CD  . GLU A 1 1  ? 20.448  4.460   8.555   1.00 88.44 ? 70  GLU A CD  1 
ATOM   8   O OE1 . GLU A 1 1  ? 19.825  5.542   8.488   1.00 89.93 ? 70  GLU A OE1 1 
ATOM   9   O OE2 . GLU A 1 1  ? 21.493  4.320   9.221   1.00 96.79 ? 70  GLU A OE2 1 
ATOM   10  N N   . PRO A 1 2  ? 17.493  3.034   3.861   1.00 42.14 ? 71  PRO A N   1 
ATOM   11  C CA  . PRO A 1 2  ? 16.417  3.271   2.897   1.00 36.43 ? 71  PRO A CA  1 
ATOM   12  C C   . PRO A 1 2  ? 15.699  1.975   2.546   1.00 34.79 ? 71  PRO A C   1 
ATOM   13  O O   . PRO A 1 2  ? 14.515  1.990   2.216   1.00 38.39 ? 71  PRO A O   1 
ATOM   14  C CB  . PRO A 1 2  ? 17.150  3.840   1.684   1.00 39.93 ? 71  PRO A CB  1 
ATOM   15  C CG  . PRO A 1 2  ? 18.500  3.236   1.759   1.00 44.55 ? 71  PRO A CG  1 
ATOM   16  C CD  . PRO A 1 2  ? 18.822  3.140   3.227   1.00 46.66 ? 71  PRO A CD  1 
ATOM   17  N N   . GLU A 1 3  ? 16.425  0.862   2.614   1.00 33.48 ? 72  GLU A N   1 
ATOM   18  C CA  . GLU A 1 3  ? 15.846  -0.448  2.350   1.00 32.53 ? 72  GLU A CA  1 
ATOM   19  C C   . GLU A 1 3  ? 14.795  -0.789  3.396   1.00 34.10 ? 72  GLU A C   1 
ATOM   20  O O   . GLU A 1 3  ? 13.706  -1.257  3.070   1.00 32.35 ? 72  GLU A O   1 
ATOM   21  C CB  . GLU A 1 3  ? 16.930  -1.526  2.330   1.00 31.59 ? 72  GLU A CB  1 
ATOM   22  C CG  . GLU A 1 3  ? 17.994  -1.335  1.267   1.00 36.52 ? 72  GLU A CG  1 
ATOM   23  C CD  . GLU A 1 3  ? 18.959  -2.502  1.197   1.00 40.06 ? 72  GLU A CD  1 
ATOM   24  O OE1 . GLU A 1 3  ? 18.565  -3.628  1.570   1.00 34.71 ? 72  GLU A OE1 1 
ATOM   25  O OE2 . GLU A 1 3  ? 20.117  -2.297  0.775   1.00 50.69 ? 72  GLU A OE2 1 
ATOM   26  N N   . ILE A 1 4  ? 15.132  -0.546  4.659   1.00 33.76 ? 73  ILE A N   1 
ATOM   27  C CA  . ILE A 1 4  ? 14.223  -0.845  5.757   1.00 31.43 ? 73  ILE A CA  1 
ATOM   28  C C   . ILE A 1 4  ? 13.024  0.099   5.745   1.00 30.09 ? 73  ILE A C   1 
ATOM   29  O O   . ILE A 1 4  ? 11.971  -0.223  6.289   1.00 29.39 ? 73  ILE A O   1 
ATOM   30  C CB  . ILE A 1 4  ? 14.934  -0.757  7.126   1.00 37.55 ? 73  ILE A CB  1 
ATOM   31  C CG1 . ILE A 1 4  ? 15.218  0.699   7.501   1.00 38.97 ? 73  ILE A CG1 1 
ATOM   32  C CG2 . ILE A 1 4  ? 16.218  -1.575  7.115   1.00 39.15 ? 73  ILE A CG2 1 
ATOM   33  C CD1 . ILE A 1 4  ? 15.906  0.869   8.839   1.00 38.84 ? 73  ILE A CD1 1 
ATOM   34  N N   . THR A 1 5  ? 13.186  1.259   5.114   1.00 33.94 ? 74  THR A N   1 
ATOM   35  C CA  . THR A 1 5  ? 12.100  2.226   4.998   1.00 28.10 ? 74  THR A CA  1 
ATOM   36  C C   . THR A 1 5  ? 11.052  1.722   4.013   1.00 28.31 ? 74  THR A C   1 
ATOM   37  O O   . THR A 1 5  ? 9.851   1.878   4.234   1.00 30.12 ? 74  THR A O   1 
ATOM   38  C CB  . THR A 1 5  ? 12.615  3.603   4.544   1.00 32.29 ? 74  THR A CB  1 
ATOM   39  O OG1 . THR A 1 5  ? 13.564  4.096   5.498   1.00 45.33 ? 74  THR A OG1 1 
ATOM   40  C CG2 . THR A 1 5  ? 11.466  4.593   4.428   1.00 22.50 ? 74  THR A CG2 1 
ATOM   41  N N   . LEU A 1 6  ? 11.516  1.107   2.930   1.00 29.45 ? 75  LEU A N   1 
ATOM   42  C CA  . LEU A 1 6  ? 10.624  0.535   1.930   1.00 27.71 ? 75  LEU A CA  1 
ATOM   43  C C   . LEU A 1 6  ? 9.915   -0.703  2.473   1.00 27.69 ? 75  LEU A C   1 
ATOM   44  O O   . LEU A 1 6  ? 8.744   -0.944  2.179   1.00 25.91 ? 75  LEU A O   1 
ATOM   45  C CB  . LEU A 1 6  ? 11.397  0.177   0.661   1.00 31.64 ? 75  LEU A CB  1 
ATOM   46  C CG  . LEU A 1 6  ? 12.220  1.283   -0.001  1.00 30.99 ? 75  LEU A CG  1 
ATOM   47  C CD1 . LEU A 1 6  ? 12.818  0.778   -1.303  1.00 24.59 ? 75  LEU A CD1 1 
ATOM   48  C CD2 . LEU A 1 6  ? 11.373  2.525   -0.238  1.00 24.40 ? 75  LEU A CD2 1 
ATOM   49  N N   . ILE A 1 7  ? 10.641  -1.486  3.265   1.00 29.59 ? 76  ILE A N   1 
ATOM   50  C CA  . ILE A 1 7  ? 10.095  -2.704  3.852   1.00 26.54 ? 76  ILE A CA  1 
ATOM   51  C C   . ILE A 1 7  ? 9.048   -2.384  4.915   1.00 22.88 ? 76  ILE A C   1 
ATOM   52  O O   . ILE A 1 7  ? 7.995   -3.018  4.966   1.00 28.46 ? 76  ILE A O   1 
ATOM   53  C CB  . ILE A 1 7  ? 11.205  -3.579  4.468   1.00 27.75 ? 76  ILE A CB  1 
ATOM   54  C CG1 . ILE A 1 7  ? 12.185  -4.035  3.383   1.00 27.13 ? 76  ILE A CG1 1 
ATOM   55  C CG2 . ILE A 1 7  ? 10.608  -4.785  5.180   1.00 21.86 ? 76  ILE A CG2 1 
ATOM   56  C CD1 . ILE A 1 7  ? 13.335  -4.870  3.906   1.00 22.29 ? 76  ILE A CD1 1 
ATOM   57  N N   . ILE A 1 8  ? 9.339   -1.395  5.755   1.00 21.73 ? 77  ILE A N   1 
ATOM   58  C CA  . ILE A 1 8  ? 8.415   -0.977  6.805   1.00 17.91 ? 77  ILE A CA  1 
ATOM   59  C C   . ILE A 1 8  ? 7.111   -0.448  6.215   1.00 22.73 ? 77  ILE A C   1 
ATOM   60  O O   . ILE A 1 8  ? 6.027   -0.789  6.690   1.00 21.14 ? 77  ILE A O   1 
ATOM   61  C CB  . ILE A 1 8  ? 9.047   0.096   7.717   1.00 21.22 ? 77  ILE A CB  1 
ATOM   62  C CG1 . ILE A 1 8  ? 10.001  -0.558  8.718   1.00 22.86 ? 77  ILE A CG1 1 
ATOM   63  C CG2 . ILE A 1 8  ? 7.976   0.870   8.469   1.00 17.38 ? 77  ILE A CG2 1 
ATOM   64  C CD1 . ILE A 1 8  ? 10.671  0.424   9.659   1.00 25.55 ? 77  ILE A CD1 1 
ATOM   65  N N   . PHE A 1 9  ? 7.213   0.370   5.171   1.00 24.38 ? 78  PHE A N   1 
ATOM   66  C CA  . PHE A 1 9  ? 6.024   0.890   4.504   1.00 20.70 ? 78  PHE A CA  1 
ATOM   67  C C   . PHE A 1 9  ? 5.165   -0.235  3.935   1.00 20.20 ? 78  PHE A C   1 
ATOM   68  O O   . PHE A 1 9  ? 3.935   -0.181  3.991   1.00 18.64 ? 78  PHE A O   1 
ATOM   69  C CB  . PHE A 1 9  ? 6.402   1.861   3.384   1.00 18.17 ? 78  PHE A CB  1 
ATOM   70  C CG  . PHE A 1 9  ? 5.268   2.159   2.442   1.00 16.66 ? 78  PHE A CG  1 
ATOM   71  C CD1 . PHE A 1 9  ? 4.225   2.984   2.830   1.00 18.53 ? 78  PHE A CD1 1 
ATOM   72  C CD2 . PHE A 1 9  ? 5.239   1.603   1.174   1.00 15.38 ? 78  PHE A CD2 1 
ATOM   73  C CE1 . PHE A 1 9  ? 3.175   3.252   1.967   1.00 17.16 ? 78  PHE A CE1 1 
ATOM   74  C CE2 . PHE A 1 9  ? 4.193   1.866   0.310   1.00 14.39 ? 78  PHE A CE2 1 
ATOM   75  C CZ  . PHE A 1 9  ? 3.161   2.692   0.706   1.00 12.59 ? 78  PHE A CZ  1 
ATOM   76  N N   . GLY A 1 10 ? 5.820   -1.246  3.373   1.00 17.95 ? 79  GLY A N   1 
ATOM   77  C CA  . GLY A 1 10 ? 5.119   -2.406  2.858   1.00 20.37 ? 79  GLY A CA  1 
ATOM   78  C C   . GLY A 1 10 ? 4.333   -3.096  3.955   1.00 18.88 ? 79  GLY A C   1 
ATOM   79  O O   . GLY A 1 10 ? 3.212   -3.555  3.735   1.00 17.27 ? 79  GLY A O   1 
ATOM   80  N N   . VAL A 1 11 ? 4.927   -3.164  5.143   1.00 15.81 ? 80  VAL A N   1 
ATOM   81  C CA  . VAL A 1 11 ? 4.271   -3.754  6.301   1.00 13.90 ? 80  VAL A CA  1 
ATOM   82  C C   . VAL A 1 11 ? 3.069   -2.920  6.728   1.00 11.46 ? 80  VAL A C   1 
ATOM   83  O O   . VAL A 1 11 ? 1.974   -3.447  6.914   1.00 12.05 ? 80  VAL A O   1 
ATOM   84  C CB  . VAL A 1 11 ? 5.239   -3.893  7.492   1.00 14.76 ? 80  VAL A CB  1 
ATOM   85  C CG1 . VAL A 1 11 ? 4.487   -4.349  8.735   1.00 11.50 ? 80  VAL A CG1 1 
ATOM   86  C CG2 . VAL A 1 11 ? 6.364   -4.860  7.154   1.00 15.11 ? 80  VAL A CG2 1 
ATOM   87  N N   . ILE A 1 12 ? 3.279   -1.614  6.872   1.00 13.74 ? 81  ILE A N   1 
ATOM   88  C CA  . ILE A 1 12 ? 2.211   -0.704  7.276   1.00 11.19 ? 81  ILE A CA  1 
ATOM   89  C C   . ILE A 1 12 ? 1.067   -0.712  6.269   1.00 11.42 ? 81  ILE A C   1 
ATOM   90  O O   . ILE A 1 12 ? -0.101  -0.799  6.647   1.00 11.98 ? 81  ILE A O   1 
ATOM   91  C CB  . ILE A 1 12 ? 2.723   0.738   7.438   1.00 11.58 ? 81  ILE A CB  1 
ATOM   92  C CG1 . ILE A 1 12 ? 3.860   0.790   8.457   1.00 13.96 ? 81  ILE A CG1 1 
ATOM   93  C CG2 . ILE A 1 12 ? 1.591   1.659   7.872   1.00 19.71 ? 81  ILE A CG2 1 
ATOM   94  C CD1 . ILE A 1 12 ? 4.401   2.182   8.685   1.00 21.87 ? 81  ILE A CD1 1 
ATOM   95  N N   . ALA A 1 13 ? 1.408   -0.624  4.988   1.00 10.20 ? 82  ALA A N   1 
ATOM   96  C CA  . ALA A 1 13 ? 0.408   -0.700  3.931   1.00 10.76 ? 82  ALA A CA  1 
ATOM   97  C C   . ALA A 1 13 ? -0.268  -2.067  3.932   1.00 8.73  ? 82  ALA A C   1 
ATOM   98  O O   . ALA A 1 13 ? -1.447  -2.187  3.603   1.00 9.21  ? 82  ALA A O   1 
ATOM   99  C CB  . ALA A 1 13 ? 1.039   -0.421  2.578   1.00 11.31 ? 82  ALA A CB  1 
ATOM   100 N N   . GLY A 1 14 ? 0.487   -3.093  4.306   1.00 9.38  ? 83  GLY A N   1 
ATOM   101 C CA  . GLY A 1 14 ? -0.043  -4.441  4.383   1.00 10.17 ? 83  GLY A CA  1 
ATOM   102 C C   . GLY A 1 14 ? -0.953  -4.627  5.580   1.00 9.64  ? 83  GLY A C   1 
ATOM   103 O O   . GLY A 1 14 ? -2.004  -5.261  5.482   1.00 9.16  ? 83  GLY A O   1 
ATOM   104 N N   . VAL A 1 15 ? -0.547  -4.071  6.717   1.00 10.74 ? 84  VAL A N   1 
ATOM   105 C CA  . VAL A 1 15 ? -1.344  -4.151  7.935   1.00 8.62  ? 84  VAL A CA  1 
ATOM   106 C C   . VAL A 1 15 ? -2.665  -3.402  7.775   1.00 11.72 ? 84  VAL A C   1 
ATOM   107 O O   . VAL A 1 15 ? -3.733  -3.953  8.036   1.00 14.93 ? 84  VAL A O   1 
ATOM   108 C CB  . VAL A 1 15 ? -0.580  -3.590  9.154   1.00 10.30 ? 84  VAL A CB  1 
ATOM   109 C CG1 . VAL A 1 15 ? -1.530  -3.358  10.319  1.00 7.57  ? 84  VAL A CG1 1 
ATOM   110 C CG2 . VAL A 1 15 ? 0.542   -4.533  9.557   1.00 11.03 ? 84  VAL A CG2 1 
ATOM   111 N N   . ILE A 1 16 ? -2.586  -2.150  7.330   1.00 13.26 ? 85  ILE A N   1 
ATOM   112 C CA  . ILE A 1 16 ? -3.778  -1.328  7.130   1.00 13.00 ? 85  ILE A CA  1 
ATOM   113 C C   . ILE A 1 16 ? -4.665  -1.902  6.021   1.00 10.62 ? 85  ILE A C   1 
ATOM   114 O O   . ILE A 1 16 ? -5.894  -1.871  6.110   1.00 10.53 ? 85  ILE A O   1 
ATOM   115 C CB  . ILE A 1 16 ? -3.403  0.133   6.791   1.00 9.02  ? 85  ILE A CB  1 
ATOM   116 C CG1 . ILE A 1 16 ? -2.557  0.736   7.914   1.00 6.51  ? 85  ILE A CG1 1 
ATOM   117 C CG2 . ILE A 1 16 ? -4.651  0.972   6.570   1.00 10.29 ? 85  ILE A CG2 1 
ATOM   118 C CD1 . ILE A 1 16 ? -2.125  2.153   7.656   1.00 9.68  ? 85  ILE A CD1 1 
ATOM   119 N N   . GLY A 1 17 ? -4.030  -2.449  4.990   1.00 8.86  ? 86  GLY A N   1 
ATOM   120 C CA  . GLY A 1 17 ? -4.743  -3.019  3.862   1.00 8.44  ? 86  GLY A CA  1 
ATOM   121 C C   . GLY A 1 17 ? -5.592  -4.221  4.224   1.00 11.55 ? 86  GLY A C   1 
ATOM   122 O O   . GLY A 1 17 ? -6.746  -4.321  3.810   1.00 17.08 ? 86  GLY A O   1 
ATOM   123 N N   . THR A 1 18 ? -5.023  -5.135  5.003   1.00 12.85 ? 87  THR A N   1 
ATOM   124 C CA  . THR A 1 18 ? -5.713  -6.364  5.385   1.00 13.27 ? 87  THR A CA  1 
ATOM   125 C C   . THR A 1 18 ? -6.825  -6.100  6.397   1.00 14.05 ? 87  THR A C   1 
ATOM   126 O O   . THR A 1 18 ? -7.911  -6.676  6.300   1.00 13.40 ? 87  THR A O   1 
ATOM   127 C CB  . THR A 1 18 ? -4.732  -7.394  5.972   1.00 12.08 ? 87  THR A CB  1 
ATOM   128 O OG1 . THR A 1 18 ? -3.664  -7.618  5.043   1.00 11.25 ? 87  THR A OG1 1 
ATOM   129 C CG2 . THR A 1 18 ? -5.442  -8.711  6.247   1.00 9.63  ? 87  THR A CG2 1 
ATOM   130 N N   . ILE A 1 19 ? -6.550  -5.231  7.368   1.00 12.00 ? 88  ILE A N   1 
ATOM   131 C CA  . ILE A 1 19 ? -7.548  -4.849  8.360   1.00 11.31 ? 88  ILE A CA  1 
ATOM   132 C C   . ILE A 1 19 ? -8.802  -4.316  7.683   1.00 18.12 ? 88  ILE A C   1 
ATOM   133 O O   . ILE A 1 19 ? -9.899  -4.814  7.919   1.00 29.47 ? 88  ILE A O   1 
ATOM   134 C CB  . ILE A 1 19 ? -7.015  -3.782  9.335   1.00 15.70 ? 88  ILE A CB  1 
ATOM   135 C CG1 . ILE A 1 19 ? -5.946  -4.379  10.250  1.00 13.58 ? 88  ILE A CG1 1 
ATOM   136 C CG2 . ILE A 1 19 ? -8.153  -3.212  10.177  1.00 17.55 ? 88  ILE A CG2 1 
ATOM   137 C CD1 . ILE A 1 19 ? -5.300  -3.364  11.174  1.00 6.81  ? 88  ILE A CD1 1 
ATOM   138 N N   . LEU A 1 20 ? -8.629  -3.317  6.824   1.00 15.26 ? 89  LEU A N   1 
ATOM   139 C CA  . LEU A 1 20 ? -9.749  -2.726  6.104   1.00 18.13 ? 89  LEU A CA  1 
ATOM   140 C C   . LEU A 1 20 ? -10.413 -3.720  5.158   1.00 19.10 ? 89  LEU A C   1 
ATOM   141 O O   . LEU A 1 20 ? -11.625 -3.683  4.970   1.00 22.04 ? 89  LEU A O   1 
ATOM   142 C CB  . LEU A 1 20 ? -9.295  -1.494  5.319   1.00 16.84 ? 89  LEU A CB  1 
ATOM   143 C CG  . LEU A 1 20 ? -8.857  -0.286  6.145   1.00 16.93 ? 89  LEU A CG  1 
ATOM   144 C CD1 . LEU A 1 20 ? -8.430  0.852   5.232   1.00 19.53 ? 89  LEU A CD1 1 
ATOM   145 C CD2 . LEU A 1 20 ? -9.971  0.158   7.078   1.00 16.00 ? 89  LEU A CD2 1 
ATOM   146 N N   . LEU A 1 21 ? -9.619  -4.608  4.568   1.00 18.48 ? 90  LEU A N   1 
ATOM   147 C CA  . LEU A 1 21 ? -10.135 -5.547  3.577   1.00 17.89 ? 90  LEU A CA  1 
ATOM   148 C C   . LEU A 1 21 ? -11.164 -6.505  4.170   1.00 17.46 ? 90  LEU A C   1 
ATOM   149 O O   . LEU A 1 21 ? -12.247 -6.687  3.613   1.00 20.22 ? 90  LEU A O   1 
ATOM   150 C CB  . LEU A 1 21 ? -8.993  -6.344  2.943   1.00 14.30 ? 90  LEU A CB  1 
ATOM   151 C CG  . LEU A 1 21 ? -9.400  -7.316  1.834   1.00 19.62 ? 90  LEU A CG  1 
ATOM   152 C CD1 . LEU A 1 21 ? -10.168 -6.586  0.743   1.00 25.25 ? 90  LEU A CD1 1 
ATOM   153 C CD2 . LEU A 1 21 ? -8.181  -8.013  1.255   1.00 23.02 ? 90  LEU A CD2 1 
ATOM   154 N N   . ILE A 1 22 ? -10.828 -7.118  5.300   1.00 15.24 ? 91  ILE A N   1 
ATOM   155 C CA  . ILE A 1 22 ? -11.722 -8.094  5.907   1.00 16.16 ? 91  ILE A CA  1 
ATOM   156 C C   . ILE A 1 22 ? -12.776 -7.429  6.788   1.00 26.79 ? 91  ILE A C   1 
ATOM   157 O O   . ILE A 1 22 ? -13.870 -7.962  6.954   1.00 30.69 ? 91  ILE A O   1 
ATOM   158 C CB  . ILE A 1 22 ? -10.947 -9.143  6.733   1.00 18.42 ? 91  ILE A CB  1 
ATOM   159 C CG1 . ILE A 1 22 ? -10.172 -8.480  7.871   1.00 19.03 ? 91  ILE A CG1 1 
ATOM   160 C CG2 . ILE A 1 22 ? -10.007 -9.936  5.839   1.00 13.14 ? 91  ILE A CG2 1 
ATOM   161 C CD1 . ILE A 1 22 ? -9.395  -9.461  8.726   1.00 16.06 ? 91  ILE A CD1 1 
ATOM   162 N N   . SER A 1 23 ? -12.459 -6.258  7.340   1.00 22.30 ? 92  SER A N   1 
ATOM   163 C CA  . SER A 1 23 ? -13.438 -5.512  8.124   1.00 22.16 ? 92  SER A CA  1 
ATOM   164 C C   . SER A 1 23 ? -14.537 -4.991  7.210   1.00 26.15 ? 92  SER A C   1 
ATOM   165 O O   . SER A 1 23 ? -15.707 -4.957  7.586   1.00 30.24 ? 92  SER A O   1 
ATOM   166 C CB  . SER A 1 23 ? -12.781 -4.354  8.876   1.00 29.28 ? 92  SER A CB  1 
ATOM   167 O OG  . SER A 1 23 ? -11.811 -4.829  9.791   1.00 36.91 ? 92  SER A OG  1 
ATOM   168 N N   . TYR A 1 24 ? -14.150 -4.591  6.004   1.00 26.23 ? 93  TYR A N   1 
ATOM   169 C CA  . TYR A 1 24 ? -15.102 -4.149  4.995   1.00 23.16 ? 93  TYR A CA  1 
ATOM   170 C C   . TYR A 1 24 ? -15.499 -5.320  4.106   1.00 24.74 ? 93  TYR A C   1 
ATOM   171 O O   . TYR A 1 24 ? -15.922 -5.137  2.967   1.00 25.53 ? 93  TYR A O   1 
ATOM   172 C CB  . TYR A 1 24 ? -14.513 -3.014  4.153   1.00 26.95 ? 93  TYR A CB  1 
ATOM   173 C CG  . TYR A 1 24 ? -14.446 -1.684  4.871   1.00 27.69 ? 93  TYR A CG  1 
ATOM   174 C CD1 . TYR A 1 24 ? -13.593 -1.491  5.951   1.00 26.19 ? 93  TYR A CD1 1 
ATOM   175 C CD2 . TYR A 1 24 ? -15.234 -0.620  4.461   1.00 33.26 ? 93  TYR A CD2 1 
ATOM   176 C CE1 . TYR A 1 24 ? -13.533 -0.276  6.606   1.00 32.01 ? 93  TYR A CE1 1 
ATOM   177 C CE2 . TYR A 1 24 ? -15.183 0.598   5.106   1.00 39.28 ? 93  TYR A CE2 1 
ATOM   178 C CZ  . TYR A 1 24 ? -14.332 0.766   6.177   1.00 36.38 ? 93  TYR A CZ  1 
ATOM   179 O OH  . TYR A 1 24 ? -14.280 1.983   6.820   1.00 49.88 ? 93  TYR A OH  1 
ATOM   180 N N   . GLY A 1 25 ? -15.350 -6.528  4.642   1.00 28.13 ? 94  GLY A N   1 
ATOM   181 C CA  . GLY A 1 25 ? -15.725 -7.738  3.936   1.00 34.14 ? 94  GLY A CA  1 
ATOM   182 C C   . GLY A 1 25 ? -16.641 -8.595  4.788   1.00 30.86 ? 94  GLY A C   1 
ATOM   183 O O   . GLY A 1 25 ? -17.523 -9.285  4.277   1.00 34.03 ? 94  GLY A O   1 
ATOM   184 N N   . ILE A 1 26 ? -16.430 -8.544  6.099   1.00 26.94 ? 95  ILE A N   1 
ATOM   185 C CA  . ILE A 1 26 ? -17.278 -9.261  7.045   1.00 27.16 ? 95  ILE A CA  1 
ATOM   186 C C   . ILE A 1 26 ? -18.649 -8.605  7.139   1.00 35.78 ? 95  ILE A C   1 
ATOM   187 O O   . ILE A 1 26 ? -19.681 -9.269  7.024   1.00 46.36 ? 95  ILE A O   1 
ATOM   188 C CB  . ILE A 1 26 ? -16.646 -9.311  8.448   1.00 35.31 ? 95  ILE A CB  1 
ATOM   189 C CG1 . ILE A 1 26 ? -15.414 -10.216 8.450   1.00 37.42 ? 95  ILE A CG1 1 
ATOM   190 C CG2 . ILE A 1 26 ? -17.658 -9.802  9.476   1.00 40.99 ? 95  ILE A CG2 1 
ATOM   191 C CD1 . ILE A 1 26 ? -14.612 -10.148 9.734   1.00 32.98 ? 95  ILE A CD1 1 
ATOM   192 N N   . ARG A 1 27 ? -18.645 -7.291  7.338   1.00 38.07 ? 96  ARG A N   1 
ATOM   193 C CA  . ARG A 1 27 ? -19.873 -6.522  7.500   1.00 33.97 ? 96  ARG A CA  1 
ATOM   194 C C   . ARG A 1 27 ? -20.682 -6.477  6.208   1.00 32.17 ? 96  ARG A C   1 
ATOM   195 O O   . ARG A 1 27 ? -21.907 -6.372  6.237   1.00 35.39 ? 96  ARG A O   1 
ATOM   196 C CB  . ARG A 1 27 ? -19.542 -5.103  7.970   1.00 42.06 ? 96  ARG A CB  1 
ATOM   197 C CG  . ARG A 1 27 ? -18.634 -5.076  9.187   1.00 50.16 ? 96  ARG A CG  1 
ATOM   198 C CD  . ARG A 1 27 ? -17.995 -3.715  9.399   1.00 51.92 ? 96  ARG A CD  1 
ATOM   199 N NE  . ARG A 1 27 ? -16.829 -3.813  10.275  1.00 52.64 ? 96  ARG A NE  1 
ATOM   200 C CZ  . ARG A 1 27 ? -16.053 -2.790  10.614  1.00 58.90 ? 96  ARG A CZ  1 
ATOM   201 N NH1 . ARG A 1 27 ? -16.309 -1.573  10.159  1.00 59.12 ? 96  ARG A NH1 1 
ATOM   202 N NH2 . ARG A 1 27 ? -15.017 -2.983  11.419  1.00 61.16 ? 96  ARG A NH2 1 
ATOM   203 N N   . ARG A 1 28 ? -19.991 -6.563  5.076   1.00 40.50 ? 97  ARG A N   1 
ATOM   204 C CA  . ARG A 1 28 ? -20.645 -6.508  3.773   1.00 44.02 ? 97  ARG A CA  1 
ATOM   205 C C   . ARG A 1 28 ? -21.335 -7.827  3.431   1.00 42.47 ? 97  ARG A C   1 
ATOM   206 O O   . ARG A 1 28 ? -22.515 -7.851  3.087   1.00 49.80 ? 97  ARG A O   1 
ATOM   207 C CB  . ARG A 1 28 ? -19.638 -6.156  2.677   1.00 44.77 ? 97  ARG A CB  1 
ATOM   208 C CG  . ARG A 1 28 ? -20.274 -5.889  1.321   1.00 50.81 ? 97  ARG A CG  1 
ATOM   209 C CD  . ARG A 1 28 ? -19.247 -5.920  0.203   1.00 52.66 ? 97  ARG A CD  1 
ATOM   210 N NE  . ARG A 1 28 ? -18.689 -7.256  0.016   1.00 55.05 ? 97  ARG A NE  1 
ATOM   211 C CZ  . ARG A 1 28 ? -17.898 -7.599  -0.995  1.00 67.45 ? 97  ARG A CZ  1 
ATOM   212 N NH1 . ARG A 1 28 ? -17.571 -6.706  -1.918  1.00 65.43 ? 97  ARG A NH1 1 
ATOM   213 N NH2 . ARG A 1 28 ? -17.437 -8.840  -1.087  1.00 60.50 ? 97  ARG A NH2 1 
ATOM   214 N N   . LEU A 1 29 ? -20.588 -8.922  3.535   1.00 37.27 ? 98  LEU A N   1 
ATOM   215 C CA  . LEU A 1 29 ? -21.103 -10.241 3.178   1.00 41.49 ? 98  LEU A CA  1 
ATOM   216 C C   . LEU A 1 29 ? -21.960 -10.853 4.285   1.00 42.44 ? 98  LEU A C   1 
ATOM   217 O O   . LEU A 1 29 ? -22.139 -12.071 4.331   1.00 59.97 ? 98  LEU A O   1 
ATOM   218 C CB  . LEU A 1 29 ? -19.945 -11.184 2.843   1.00 48.13 ? 98  LEU A CB  1 
ATOM   219 C CG  . LEU A 1 29 ? -19.061 -10.801 1.655   1.00 49.89 ? 98  LEU A CG  1 
ATOM   220 C CD1 . LEU A 1 29 ? -17.864 -11.732 1.564   1.00 51.96 ? 98  LEU A CD1 1 
ATOM   221 C CD2 . LEU A 1 29 ? -19.859 -10.823 0.362   1.00 48.93 ? 98  LEU A CD2 1 
HETATM 222 N N   . SCH A 1 30 ? -22.483 -10.005 5.165   1.00 36.57 ? 99  SCH A N   1 
HETATM 223 C CA  . SCH A 1 30 ? -23.293 -10.438 6.280   1.00 37.82 ? 99  SCH A CA  1 
HETATM 224 C CB  . SCH A 1 30 ? -24.677 -10.968 5.887   1.00 30.70 ? 99  SCH A CB  1 
HETATM 225 S SG  . SCH A 1 30 ? -25.969 -10.458 6.967   1.00 29.44 ? 99  SCH A SG  1 
HETATM 226 S SD  . SCH A 1 30 ? -25.602 -11.251 8.884   1.00 30.48 ? 99  SCH A SD  1 
HETATM 227 C CE  . SCH A 1 30 ? -25.729 -9.899  9.986   1.00 25.37 ? 99  SCH A CE  1 
HETATM 228 C C   . SCH A 1 30 ? -22.614 -11.480 7.171   1.00 31.89 ? 99  SCH A C   1 
HETATM 229 O O   . SCH A 1 30 ? -23.442 -12.464 7.617   1.00 31.64 ? 99  SCH A O   1 
HETATM 230 O OXT . SCH A 1 30 ? -21.432 -11.529 7.520   1.00 25.74 ? 99  SCH A OXT 1 
ATOM   231 N N   . GLU B 1 1  ? 14.093  -1.789  -11.413 1.00 56.82 ? 70  GLU B N   1 
ATOM   232 C CA  . GLU B 1 1  ? 15.173  -2.119  -10.489 1.00 50.00 ? 70  GLU B CA  1 
ATOM   233 C C   . GLU B 1 1  ? 14.629  -2.595  -9.146  1.00 51.72 ? 70  GLU B C   1 
ATOM   234 O O   . GLU B 1 1  ? 13.629  -2.070  -8.655  1.00 52.95 ? 70  GLU B O   1 
ATOM   235 C CB  . GLU B 1 1  ? 16.092  -0.912  -10.287 1.00 48.32 ? 70  GLU B CB  1 
ATOM   236 C CG  . GLU B 1 1  ? 16.956  -0.573  -11.493 1.00 57.65 ? 70  GLU B CG  1 
ATOM   237 C CD  . GLU B 1 1  ? 18.165  -1.483  -11.631 1.00 52.25 ? 70  GLU B CD  1 
ATOM   238 O OE1 . GLU B 1 1  ? 18.343  -2.382  -10.783 1.00 49.41 ? 70  GLU B OE1 1 
ATOM   239 O OE2 . GLU B 1 1  ? 18.947  -1.293  -12.585 1.00 51.95 ? 70  GLU B OE2 1 
ATOM   240 N N   . PRO B 1 2  ? 15.293  -3.597  -8.548  1.00 47.96 ? 71  PRO B N   1 
ATOM   241 C CA  . PRO B 1 2  ? 14.891  -4.185  -7.264  1.00 44.89 ? 71  PRO B CA  1 
ATOM   242 C C   . PRO B 1 2  ? 14.880  -3.195  -6.099  1.00 45.31 ? 71  PRO B C   1 
ATOM   243 O O   . PRO B 1 2  ? 15.723  -3.280  -5.204  1.00 45.66 ? 71  PRO B O   1 
ATOM   244 C CB  . PRO B 1 2  ? 15.946  -5.277  -7.031  1.00 44.87 ? 71  PRO B CB  1 
ATOM   245 C CG  . PRO B 1 2  ? 17.082  -4.926  -7.932  1.00 46.80 ? 71  PRO B CG  1 
ATOM   246 C CD  . PRO B 1 2  ? 16.450  -4.297  -9.127  1.00 41.66 ? 71  PRO B CD  1 
ATOM   247 N N   . GLU B 1 3  ? 13.933  -2.266  -6.125  1.00 39.55 ? 72  GLU B N   1 
ATOM   248 C CA  . GLU B 1 3  ? 13.616  -1.443  -4.965  1.00 31.48 ? 72  GLU B CA  1 
ATOM   249 C C   . GLU B 1 3  ? 12.160  -1.701  -4.613  1.00 29.05 ? 72  GLU B C   1 
ATOM   250 O O   . GLU B 1 3  ? 11.701  -1.397  -3.514  1.00 32.64 ? 72  GLU B O   1 
ATOM   251 C CB  . GLU B 1 3  ? 13.854  0.041   -5.243  1.00 36.07 ? 72  GLU B CB  1 
ATOM   252 C CG  . GLU B 1 3  ? 15.260  0.373   -5.709  1.00 42.85 ? 72  GLU B CG  1 
ATOM   253 C CD  . GLU B 1 3  ? 15.320  0.709   -7.186  1.00 46.06 ? 72  GLU B CD  1 
ATOM   254 O OE1 . GLU B 1 3  ? 16.416  1.051   -7.676  1.00 50.32 ? 72  GLU B OE1 1 
ATOM   255 O OE2 . GLU B 1 3  ? 14.270  0.637   -7.858  1.00 41.62 ? 72  GLU B OE2 1 
ATOM   256 N N   . ILE B 1 4  ? 11.443  -2.275  -5.573  1.00 28.46 ? 73  ILE B N   1 
ATOM   257 C CA  . ILE B 1 4  ? 10.040  -2.625  -5.408  1.00 30.75 ? 73  ILE B CA  1 
ATOM   258 C C   . ILE B 1 4  ? 9.913   -3.979  -4.714  1.00 29.13 ? 73  ILE B C   1 
ATOM   259 O O   . ILE B 1 4  ? 8.910   -4.263  -4.060  1.00 29.78 ? 73  ILE B O   1 
ATOM   260 C CB  . ILE B 1 4  ? 9.314   -2.662  -6.770  1.00 32.36 ? 73  ILE B CB  1 
ATOM   261 C CG1 . ILE B 1 4  ? 9.635   -1.398  -7.573  1.00 39.06 ? 73  ILE B CG1 1 
ATOM   262 C CG2 . ILE B 1 4  ? 7.811   -2.813  -6.584  1.00 35.15 ? 73  ILE B CG2 1 
ATOM   263 C CD1 . ILE B 1 4  ? 8.918   -1.318  -8.901  1.00 48.60 ? 73  ILE B CD1 1 
ATOM   264 N N   . THR B 1 5  ? 10.945  -4.807  -4.852  1.00 27.83 ? 74  THR B N   1 
ATOM   265 C CA  . THR B 1 5  ? 10.985  -6.110  -4.196  1.00 24.77 ? 74  THR B CA  1 
ATOM   266 C C   . THR B 1 5  ? 10.876  -5.969  -2.680  1.00 29.76 ? 74  THR B C   1 
ATOM   267 O O   . THR B 1 5  ? 10.299  -6.823  -2.005  1.00 35.57 ? 74  THR B O   1 
ATOM   268 C CB  . THR B 1 5  ? 12.279  -6.875  -4.536  1.00 28.55 ? 74  THR B CB  1 
ATOM   269 O OG1 . THR B 1 5  ? 13.411  -6.137  -4.061  1.00 35.95 ? 74  THR B OG1 1 
ATOM   270 C CG2 . THR B 1 5  ? 12.407  -7.073  -6.036  1.00 36.04 ? 74  THR B CG2 1 
ATOM   271 N N   . LEU B 1 6  ? 11.436  -4.887  -2.152  1.00 24.82 ? 75  LEU B N   1 
ATOM   272 C CA  . LEU B 1 6  ? 11.374  -4.610  -0.725  1.00 25.61 ? 75  LEU B CA  1 
ATOM   273 C C   . LEU B 1 6  ? 9.957   -4.222  -0.307  1.00 29.04 ? 75  LEU B C   1 
ATOM   274 O O   . LEU B 1 6  ? 9.549   -4.444  0.831   1.00 29.96 ? 75  LEU B O   1 
ATOM   275 C CB  . LEU B 1 6  ? 12.357  -3.499  -0.355  1.00 30.01 ? 75  LEU B CB  1 
ATOM   276 C CG  . LEU B 1 6  ? 13.781  -3.652  -0.897  1.00 30.42 ? 75  LEU B CG  1 
ATOM   277 C CD1 . LEU B 1 6  ? 14.641  -2.466  -0.494  1.00 24.86 ? 75  LEU B CD1 1 
ATOM   278 C CD2 . LEU B 1 6  ? 14.408  -4.958  -0.428  1.00 22.11 ? 75  LEU B CD2 1 
ATOM   279 N N   . ILE B 1 7  ? 9.215   -3.637  -1.243  1.00 30.05 ? 76  ILE B N   1 
ATOM   280 C CA  . ILE B 1 7  ? 7.848   -3.198  -0.988  1.00 26.95 ? 76  ILE B CA  1 
ATOM   281 C C   . ILE B 1 7  ? 6.872   -4.367  -1.031  1.00 31.09 ? 76  ILE B C   1 
ATOM   282 O O   . ILE B 1 7  ? 6.067   -4.545  -0.116  1.00 31.66 ? 76  ILE B O   1 
ATOM   283 C CB  . ILE B 1 7  ? 7.396   -2.131  -2.010  1.00 23.84 ? 76  ILE B CB  1 
ATOM   284 C CG1 . ILE B 1 7  ? 8.252   -0.869  -1.885  1.00 26.60 ? 76  ILE B CG1 1 
ATOM   285 C CG2 . ILE B 1 7  ? 5.920   -1.802  -1.834  1.00 26.65 ? 76  ILE B CG2 1 
ATOM   286 C CD1 . ILE B 1 7  ? 7.790   0.270   -2.760  1.00 28.38 ? 76  ILE B CD1 1 
ATOM   287 N N   . ILE B 1 8  ? 6.943   -5.151  -2.103  1.00 29.22 ? 77  ILE B N   1 
ATOM   288 C CA  . ILE B 1 8  ? 6.068   -6.304  -2.285  1.00 23.18 ? 77  ILE B CA  1 
ATOM   289 C C   . ILE B 1 8  ? 6.209   -7.289  -1.131  1.00 23.45 ? 77  ILE B C   1 
ATOM   290 O O   . ILE B 1 8  ? 5.217   -7.724  -0.552  1.00 21.61 ? 77  ILE B O   1 
ATOM   291 C CB  . ILE B 1 8  ? 6.362   -7.031  -3.609  1.00 20.10 ? 77  ILE B CB  1 
ATOM   292 C CG1 . ILE B 1 8  ? 6.138   -6.088  -4.792  1.00 21.24 ? 77  ILE B CG1 1 
ATOM   293 C CG2 . ILE B 1 8  ? 5.498   -8.273  -3.742  1.00 19.34 ? 77  ILE B CG2 1 
ATOM   294 C CD1 . ILE B 1 8  ? 6.401   -6.724  -6.141  1.00 15.54 ? 77  ILE B CD1 1 
ATOM   295 N N   . PHE B 1 9  ? 7.449   -7.624  -0.792  1.00 26.69 ? 78  PHE B N   1 
ATOM   296 C CA  . PHE B 1 9  ? 7.712   -8.565  0.292   1.00 28.86 ? 78  PHE B CA  1 
ATOM   297 C C   . PHE B 1 9  ? 7.273   -7.987  1.636   1.00 26.10 ? 78  PHE B C   1 
ATOM   298 O O   . PHE B 1 9  ? 6.769   -8.710  2.497   1.00 22.63 ? 78  PHE B O   1 
ATOM   299 C CB  . PHE B 1 9  ? 9.195   -8.936  0.326   1.00 28.84 ? 78  PHE B CB  1 
ATOM   300 C CG  . PHE B 1 9  ? 9.480   -10.209 1.070   1.00 38.43 ? 78  PHE B CG  1 
ATOM   301 C CD1 . PHE B 1 9  ? 9.090   -11.431 0.548   1.00 45.86 ? 78  PHE B CD1 1 
ATOM   302 C CD2 . PHE B 1 9  ? 10.141  -10.186 2.286   1.00 38.86 ? 78  PHE B CD2 1 
ATOM   303 C CE1 . PHE B 1 9  ? 9.350   -12.608 1.224   1.00 40.96 ? 78  PHE B CE1 1 
ATOM   304 C CE2 . PHE B 1 9  ? 10.406  -11.361 2.969   1.00 42.80 ? 78  PHE B CE2 1 
ATOM   305 C CZ  . PHE B 1 9  ? 10.009  -12.573 2.436   1.00 52.45 ? 78  PHE B CZ  1 
ATOM   306 N N   . GLY B 1 10 ? 7.458   -6.682  1.805   1.00 24.16 ? 79  GLY B N   1 
ATOM   307 C CA  . GLY B 1 10 ? 6.999   -5.997  3.000   1.00 18.61 ? 79  GLY B CA  1 
ATOM   308 C C   . GLY B 1 10 ? 5.489   -6.067  3.112   1.00 20.06 ? 79  GLY B C   1 
ATOM   309 O O   . GLY B 1 10 ? 4.942   -6.192  4.207   1.00 19.19 ? 79  GLY B O   1 
ATOM   310 N N   . VAL B 1 11 ? 4.819   -5.983  1.966   1.00 20.84 ? 80  VAL B N   1 
ATOM   311 C CA  . VAL B 1 11 ? 3.372   -6.155  1.900   1.00 20.70 ? 80  VAL B CA  1 
ATOM   312 C C   . VAL B 1 11 ? 3.001   -7.601  2.210   1.00 19.33 ? 80  VAL B C   1 
ATOM   313 O O   . VAL B 1 11 ? 2.081   -7.862  2.986   1.00 18.40 ? 80  VAL B O   1 
ATOM   314 C CB  . VAL B 1 11 ? 2.815   -5.759  0.514   1.00 21.13 ? 80  VAL B CB  1 
ATOM   315 C CG1 . VAL B 1 11 ? 1.400   -6.285  0.335   1.00 12.28 ? 80  VAL B CG1 1 
ATOM   316 C CG2 . VAL B 1 11 ? 2.858   -4.249  0.338   1.00 18.54 ? 80  VAL B CG2 1 
ATOM   317 N N   . ILE B 1 12 ? 3.733   -8.533  1.606   1.00 17.91 ? 81  ILE B N   1 
ATOM   318 C CA  . ILE B 1 12 ? 3.535   -9.956  1.853   1.00 12.88 ? 81  ILE B CA  1 
ATOM   319 C C   . ILE B 1 12 ? 3.707   -10.273 3.335   1.00 14.02 ? 81  ILE B C   1 
ATOM   320 O O   . ILE B 1 12 ? 2.894   -10.981 3.925   1.00 18.51 ? 81  ILE B O   1 
ATOM   321 C CB  . ILE B 1 12 ? 4.514   -10.812 1.030   1.00 20.77 ? 81  ILE B CB  1 
ATOM   322 C CG1 . ILE B 1 12 ? 4.198   -10.697 -0.461  1.00 21.05 ? 81  ILE B CG1 1 
ATOM   323 C CG2 . ILE B 1 12 ? 4.446   -12.267 1.462   1.00 23.53 ? 81  ILE B CG2 1 
ATOM   324 C CD1 . ILE B 1 12 ? 5.184   -11.422 -1.353  1.00 22.03 ? 81  ILE B CD1 1 
ATOM   325 N N   . ALA B 1 13 ? 4.760   -9.732  3.937   1.00 16.01 ? 82  ALA B N   1 
ATOM   326 C CA  . ALA B 1 13 ? 5.003   -9.922  5.363   1.00 16.91 ? 82  ALA B CA  1 
ATOM   327 C C   . ALA B 1 13 ? 4.014   -9.110  6.196   1.00 19.62 ? 82  ALA B C   1 
ATOM   328 O O   . ALA B 1 13 ? 3.843   -9.357  7.389   1.00 23.28 ? 82  ALA B O   1 
ATOM   329 C CB  . ALA B 1 13 ? 6.433   -9.544  5.720   1.00 17.11 ? 82  ALA B CB  1 
ATOM   330 N N   . GLY B 1 14 ? 3.365   -8.142  5.556   1.00 19.61 ? 83  GLY B N   1 
ATOM   331 C CA  . GLY B 1 14 ? 2.375   -7.316  6.220   1.00 14.34 ? 83  GLY B CA  1 
ATOM   332 C C   . GLY B 1 14 ? 0.988   -7.927  6.160   1.00 12.04 ? 83  GLY B C   1 
ATOM   333 O O   . GLY B 1 14 ? 0.236   -7.873  7.133   1.00 10.82 ? 83  GLY B O   1 
ATOM   334 N N   . VAL B 1 15 ? 0.651   -8.509  5.014   1.00 11.75 ? 84  VAL B N   1 
ATOM   335 C CA  . VAL B 1 15 ? -0.644  -9.156  4.825   1.00 11.80 ? 84  VAL B CA  1 
ATOM   336 C C   . VAL B 1 15 ? -0.728  -10.466 5.606   1.00 14.06 ? 84  VAL B C   1 
ATOM   337 O O   . VAL B 1 15 ? -1.688  -10.701 6.342   1.00 15.18 ? 84  VAL B O   1 
ATOM   338 C CB  . VAL B 1 15 ? -0.924  -9.435  3.335   1.00 12.05 ? 84  VAL B CB  1 
ATOM   339 C CG1 . VAL B 1 15 ? -2.180  -10.275 3.179   1.00 8.01  ? 84  VAL B CG1 1 
ATOM   340 C CG2 . VAL B 1 15 ? -1.055  -8.128  2.568   1.00 16.02 ? 84  VAL B CG2 1 
ATOM   341 N N   . ILE B 1 16 ? 0.283   -11.315 5.440   1.00 17.09 ? 85  ILE B N   1 
ATOM   342 C CA  . ILE B 1 16 ? 0.364   -12.581 6.165   1.00 14.22 ? 85  ILE B CA  1 
ATOM   343 C C   . ILE B 1 16 ? 0.350   -12.360 7.676   1.00 16.49 ? 85  ILE B C   1 
ATOM   344 O O   . ILE B 1 16 ? -0.348  -13.061 8.411   1.00 20.48 ? 85  ILE B O   1 
ATOM   345 C CB  . ILE B 1 16 ? 1.637   -13.369 5.780   1.00 13.07 ? 85  ILE B CB  1 
ATOM   346 C CG1 . ILE B 1 16 ? 1.555   -13.841 4.327   1.00 13.62 ? 85  ILE B CG1 1 
ATOM   347 C CG2 . ILE B 1 16 ? 1.841   -14.562 6.705   1.00 11.35 ? 85  ILE B CG2 1 
ATOM   348 C CD1 . ILE B 1 16 ? 2.784   -14.591 3.863   1.00 16.42 ? 85  ILE B CD1 1 
ATOM   349 N N   . GLY B 1 17 ? 1.114   -11.371 8.130   1.00 17.50 ? 86  GLY B N   1 
ATOM   350 C CA  . GLY B 1 17 ? 1.216   -11.060 9.543   1.00 13.39 ? 86  GLY B CA  1 
ATOM   351 C C   . GLY B 1 17 ? -0.109  -10.704 10.189  1.00 15.87 ? 86  GLY B C   1 
ATOM   352 O O   . GLY B 1 17 ? -0.400  -11.138 11.301  1.00 22.43 ? 86  GLY B O   1 
ATOM   353 N N   . THR B 1 18 ? -0.924  -9.918  9.488   1.00 14.11 ? 87  THR B N   1 
ATOM   354 C CA  . THR B 1 18 ? -2.203  -9.464  10.027  1.00 15.64 ? 87  THR B CA  1 
ATOM   355 C C   . THR B 1 18 ? -3.251  -10.576 10.035  1.00 16.74 ? 87  THR B C   1 
ATOM   356 O O   . THR B 1 18 ? -3.983  -10.738 11.012  1.00 15.28 ? 87  THR B O   1 
ATOM   357 C CB  . THR B 1 18 ? -2.745  -8.258  9.234   1.00 13.52 ? 87  THR B CB  1 
ATOM   358 O OG1 . THR B 1 18 ? -1.870  -7.141  9.415   1.00 11.15 ? 87  THR B OG1 1 
ATOM   359 C CG2 . THR B 1 18 ? -4.129  -7.870  9.722   1.00 14.97 ? 87  THR B CG2 1 
ATOM   360 N N   . ILE B 1 19 ? -3.314  -11.343 8.950   1.00 17.26 ? 88  ILE B N   1 
ATOM   361 C CA  . ILE B 1 19 ? -4.252  -12.459 8.848   1.00 16.20 ? 88  ILE B CA  1 
ATOM   362 C C   . ILE B 1 19 ? -4.074  -13.443 10.002  1.00 21.12 ? 88  ILE B C   1 
ATOM   363 O O   . ILE B 1 19 ? -5.042  -13.814 10.666  1.00 21.56 ? 88  ILE B O   1 
ATOM   364 C CB  . ILE B 1 19 ? -4.095  -13.217 7.510   1.00 15.95 ? 88  ILE B CB  1 
ATOM   365 C CG1 . ILE B 1 19 ? -4.595  -12.358 6.347   1.00 13.81 ? 88  ILE B CG1 1 
ATOM   366 C CG2 . ILE B 1 19 ? -4.854  -14.534 7.544   1.00 20.58 ? 88  ILE B CG2 1 
ATOM   367 C CD1 . ILE B 1 19 ? -4.609  -13.082 5.017   1.00 11.01 ? 88  ILE B CD1 1 
ATOM   368 N N   . LEU B 1 20 ? -2.831  -13.845 10.249  1.00 23.32 ? 89  LEU B N   1 
ATOM   369 C CA  . LEU B 1 20 ? -2.524  -14.814 11.297  1.00 21.22 ? 89  LEU B CA  1 
ATOM   370 C C   . LEU B 1 20 ? -2.776  -14.258 12.697  1.00 21.83 ? 89  LEU B C   1 
ATOM   371 O O   . LEU B 1 20 ? -3.322  -14.953 13.554  1.00 24.71 ? 89  LEU B O   1 
ATOM   372 C CB  . LEU B 1 20 ? -1.072  -15.284 11.180  1.00 17.36 ? 89  LEU B CB  1 
ATOM   373 C CG  . LEU B 1 20 ? -0.701  -16.036 9.900   1.00 12.85 ? 89  LEU B CG  1 
ATOM   374 C CD1 . LEU B 1 20 ? 0.735   -16.531 9.965   1.00 9.04  ? 89  LEU B CD1 1 
ATOM   375 C CD2 . LEU B 1 20 ? -1.662  -17.188 9.658   1.00 17.86 ? 89  LEU B CD2 1 
ATOM   376 N N   . LEU B 1 21 ? -2.374  -13.011 12.928  1.00 19.62 ? 90  LEU B N   1 
ATOM   377 C CA  . LEU B 1 21 ? -2.559  -12.381 14.231  1.00 23.35 ? 90  LEU B CA  1 
ATOM   378 C C   . LEU B 1 21 ? -4.035  -12.258 14.599  1.00 25.84 ? 90  LEU B C   1 
ATOM   379 O O   . LEU B 1 21 ? -4.420  -12.489 15.745  1.00 27.14 ? 90  LEU B O   1 
ATOM   380 C CB  . LEU B 1 21 ? -1.905  -10.999 14.263  1.00 23.31 ? 90  LEU B CB  1 
ATOM   381 C CG  . LEU B 1 21 ? -0.388  -10.935 14.456  1.00 29.06 ? 90  LEU B CG  1 
ATOM   382 C CD1 . LEU B 1 21 ? 0.033   -9.556  14.954  1.00 23.25 ? 90  LEU B CD1 1 
ATOM   383 C CD2 . LEU B 1 21 ? 0.090   -12.025 15.403  1.00 31.68 ? 90  LEU B CD2 1 
ATOM   384 N N   . ILE B 1 22 ? -4.855  -11.890 13.621  1.00 25.49 ? 91  ILE B N   1 
ATOM   385 C CA  . ILE B 1 22 ? -6.291  -11.776 13.836  1.00 26.40 ? 91  ILE B CA  1 
ATOM   386 C C   . ILE B 1 22 ? -6.910  -13.167 13.950  1.00 27.50 ? 91  ILE B C   1 
ATOM   387 O O   . ILE B 1 22 ? -7.841  -13.381 14.724  1.00 27.56 ? 91  ILE B O   1 
ATOM   388 C CB  . ILE B 1 22 ? -6.966  -10.972 12.704  1.00 23.63 ? 91  ILE B CB  1 
ATOM   389 C CG1 . ILE B 1 22 ? -6.424  -9.541  12.696  1.00 25.10 ? 91  ILE B CG1 1 
ATOM   390 C CG2 . ILE B 1 22 ? -8.475  -10.953 12.873  1.00 20.14 ? 91  ILE B CG2 1 
ATOM   391 C CD1 . ILE B 1 22 ? -7.149  -8.602  11.756  1.00 23.39 ? 91  ILE B CD1 1 
ATOM   392 N N   . SER B 1 23 ? -6.368  -14.118 13.196  1.00 28.48 ? 92  SER B N   1 
ATOM   393 C CA  . SER B 1 23 ? -6.832  -15.499 13.261  1.00 26.64 ? 92  SER B CA  1 
ATOM   394 C C   . SER B 1 23 ? -6.483  -16.139 14.603  1.00 28.96 ? 92  SER B C   1 
ATOM   395 O O   . SER B 1 23 ? -7.032  -17.179 14.966  1.00 28.77 ? 92  SER B O   1 
ATOM   396 C CB  . SER B 1 23 ? -6.236  -16.324 12.121  1.00 28.24 ? 92  SER B CB  1 
ATOM   397 O OG  . SER B 1 23 ? -6.797  -17.623 12.087  1.00 26.84 ? 92  SER B OG  1 
ATOM   398 N N   . TYR B 1 24 ? -5.562  -15.517 15.333  1.00 31.05 ? 93  TYR B N   1 
ATOM   399 C CA  . TYR B 1 24 ? -5.208  -15.981 16.669  1.00 33.25 ? 93  TYR B CA  1 
ATOM   400 C C   . TYR B 1 24 ? -5.995  -15.213 17.726  1.00 35.96 ? 93  TYR B C   1 
ATOM   401 O O   . TYR B 1 24 ? -5.974  -15.557 18.907  1.00 44.58 ? 93  TYR B O   1 
ATOM   402 C CB  . TYR B 1 24 ? -3.704  -15.838 16.917  1.00 34.35 ? 93  TYR B CB  1 
ATOM   403 C CG  . TYR B 1 24 ? -3.229  -16.515 18.185  1.00 36.78 ? 93  TYR B CG  1 
ATOM   404 C CD1 . TYR B 1 24 ? -3.057  -17.892 18.235  1.00 33.94 ? 93  TYR B CD1 1 
ATOM   405 C CD2 . TYR B 1 24 ? -2.953  -15.778 19.331  1.00 42.21 ? 93  TYR B CD2 1 
ATOM   406 C CE1 . TYR B 1 24 ? -2.628  -18.517 19.388  1.00 38.88 ? 93  TYR B CE1 1 
ATOM   407 C CE2 . TYR B 1 24 ? -2.523  -16.395 20.490  1.00 43.05 ? 93  TYR B CE2 1 
ATOM   408 C CZ  . TYR B 1 24 ? -2.362  -17.764 20.513  1.00 40.90 ? 93  TYR B CZ  1 
ATOM   409 O OH  . TYR B 1 24 ? -1.933  -18.384 21.664  1.00 52.59 ? 93  TYR B OH  1 
ATOM   410 N N   . GLY B 1 25 ? -6.695  -14.170 17.294  1.00 31.08 ? 94  GLY B N   1 
ATOM   411 C CA  . GLY B 1 25 ? -7.553  -13.414 18.186  1.00 28.68 ? 94  GLY B CA  1 
ATOM   412 C C   . GLY B 1 25 ? -9.000  -13.823 18.009  1.00 37.83 ? 94  GLY B C   1 
ATOM   413 O O   . GLY B 1 25 ? -9.873  -13.408 18.770  1.00 48.25 ? 94  GLY B O   1 
ATOM   414 N N   . ILE B 1 26 ? -9.247  -14.651 16.998  1.00 38.82 ? 95  ILE B N   1 
ATOM   415 C CA  . ILE B 1 26 ? -10.597 -15.086 16.662  1.00 38.89 ? 95  ILE B CA  1 
ATOM   416 C C   . ILE B 1 26 ? -10.757 -16.596 16.882  1.00 46.54 ? 95  ILE B C   1 
ATOM   417 O O   . ILE B 1 26 ? -11.872 -17.094 17.040  1.00 54.07 ? 95  ILE B O   1 
ATOM   418 C CB  . ILE B 1 26 ? -10.947 -14.700 15.193  1.00 39.31 ? 95  ILE B CB  1 
ATOM   419 C CG1 . ILE B 1 26 ? -10.974 -13.177 15.036  1.00 41.86 ? 95  ILE B CG1 1 
ATOM   420 C CG2 . ILE B 1 26 ? -12.289 -15.271 14.756  1.00 50.35 ? 95  ILE B CG2 1 
ATOM   421 C CD1 . ILE B 1 26 ? -11.571 -12.703 13.727  1.00 46.36 ? 95  ILE B CD1 1 
ATOM   422 N N   . ARG B 1 27 ? -9.637  -17.316 16.936  1.00 49.00 ? 96  ARG B N   1 
ATOM   423 C CA  . ARG B 1 27 ? -9.662  -18.771 17.097  1.00 48.55 ? 96  ARG B CA  1 
ATOM   424 C C   . ARG B 1 27 ? -10.411 -19.195 18.361  1.00 56.02 ? 96  ARG B C   1 
ATOM   425 O O   . ARG B 1 27 ? -10.919 -20.313 18.443  1.00 61.23 ? 96  ARG B O   1 
ATOM   426 C CB  . ARG B 1 27 ? -8.240  -19.337 17.130  1.00 40.30 ? 96  ARG B CB  1 
ATOM   427 C CG  . ARG B 1 27 ? -7.666  -19.490 18.528  1.00 42.18 ? 96  ARG B CG  1 
ATOM   428 C CD  . ARG B 1 27 ? -6.406  -18.674 18.700  1.00 44.53 ? 96  ARG B CD  1 
ATOM   429 N NE  . ARG B 1 27 ? -5.862  -18.782 20.050  1.00 46.74 ? 96  ARG B NE  1 
ATOM   430 C CZ  . ARG B 1 27 ? -6.026  -17.865 21.001  1.00 50.15 ? 96  ARG B CZ  1 
ATOM   431 N NH1 . ARG B 1 27 ? -6.717  -16.763 20.749  1.00 46.99 ? 96  ARG B NH1 1 
ATOM   432 N NH2 . ARG B 1 27 ? -5.493  -18.046 22.200  1.00 52.52 ? 96  ARG B NH2 1 
ATOM   433 N N   . ARG B 1 28 ? -10.466 -18.301 19.346  1.00 56.98 ? 97  ARG B N   1 
ATOM   434 C CA  . ARG B 1 28 ? -11.225 -18.554 20.566  1.00 62.65 ? 97  ARG B CA  1 
ATOM   435 C C   . ARG B 1 28 ? -12.694 -18.199 20.367  1.00 63.82 ? 97  ARG B C   1 
ATOM   436 O O   . ARG B 1 28 ? -13.565 -18.700 21.078  1.00 67.87 ? 97  ARG B O   1 
ATOM   437 C CB  . ARG B 1 28 ? -10.650 -17.761 21.744  1.00 56.96 ? 97  ARG B CB  1 
ATOM   438 C CG  . ARG B 1 28 ? -9.296  -18.250 22.228  1.00 54.46 ? 97  ARG B CG  1 
ATOM   439 C CD  . ARG B 1 28 ? -9.385  -19.631 22.867  1.00 48.45 ? 97  ARG B CD  1 
ATOM   440 N NE  . ARG B 1 28 ? -8.079  -20.107 23.316  1.00 53.18 ? 97  ARG B NE  1 
ATOM   441 C CZ  . ARG B 1 28 ? -7.579  -19.888 24.528  1.00 58.22 ? 97  ARG B CZ  1 
ATOM   442 N NH1 . ARG B 1 28 ? -8.278  -19.199 25.421  1.00 57.95 ? 97  ARG B NH1 1 
ATOM   443 N NH2 . ARG B 1 28 ? -6.380  -20.359 24.847  1.00 54.45 ? 97  ARG B NH2 1 
ATOM   444 N N   . LEU B 1 29 ? -12.964 -17.340 19.389  1.00 59.91 ? 98  LEU B N   1 
ATOM   445 C CA  . LEU B 1 29 ? -14.317 -16.842 19.149  1.00 60.73 ? 98  LEU B CA  1 
ATOM   446 C C   . LEU B 1 29 ? -15.123 -17.741 18.212  1.00 60.43 ? 98  LEU B C   1 
ATOM   447 O O   . LEU B 1 29 ? -16.164 -17.332 17.695  1.00 64.35 ? 98  LEU B O   1 
ATOM   448 C CB  . LEU B 1 29 ? -14.264 -15.427 18.572  1.00 68.69 ? 98  LEU B CB  1 
ATOM   449 C CG  . LEU B 1 29 ? -13.559 -14.380 19.432  1.00 73.15 ? 98  LEU B CG  1 
ATOM   450 C CD1 . LEU B 1 29 ? -13.549 -13.030 18.737  1.00 65.10 ? 98  LEU B CD1 1 
ATOM   451 C CD2 . LEU B 1 29 ? -14.226 -14.281 20.790  1.00 74.40 ? 98  LEU B CD2 1 
HETATM 452 N N   . SCH B 1 30 ? -14.629 -18.956 17.991  1.00 59.33 ? 99  SCH B N   1 
HETATM 453 C CA  . SCH B 1 30 ? -15.303 -19.924 17.158  1.00 60.41 ? 99  SCH B CA  1 
HETATM 454 C CB  . SCH B 1 30 ? -16.625 -20.412 17.763  1.00 57.33 ? 99  SCH B CB  1 
HETATM 455 S SG  . SCH B 1 30 ? -17.621 -21.383 16.686  1.00 59.05 ? 99  SCH B SG  1 
HETATM 456 S SD  . SCH B 1 30 ? -18.210 -23.120 17.717  1.00 45.88 ? 99  SCH B SD  1 
HETATM 457 C CE  . SCH B 1 30 ? -17.652 -24.442 16.717  1.00 45.03 ? 99  SCH B CE  1 
HETATM 458 C C   . SCH B 1 30 ? -15.553 -19.458 15.720  1.00 66.97 ? 99  SCH B C   1 
HETATM 459 O O   . SCH B 1 30 ? -16.460 -18.739 15.289  1.00 69.09 ? 99  SCH B O   1 
HETATM 460 O OXT . SCH B 1 30 ? -14.634 -19.907 14.821  1.00 64.34 ? 99  SCH B OXT 1 
ATOM   461 N N   . GLU C 1 1  ? -13.175 -9.957  -2.971  1.00 43.80 ? 70  GLU C N   1 
ATOM   462 C CA  . GLU C 1 1  ? -12.731 -10.411 -4.284  1.00 37.55 ? 70  GLU C CA  1 
ATOM   463 C C   . GLU C 1 1  ? -12.902 -9.311  -5.343  1.00 32.65 ? 70  GLU C C   1 
ATOM   464 O O   . GLU C 1 1  ? -11.999 -9.095  -6.154  1.00 37.14 ? 70  GLU C O   1 
ATOM   465 C CB  . GLU C 1 1  ? -13.478 -11.685 -4.691  1.00 47.29 ? 70  GLU C CB  1 
ATOM   466 C CG  . GLU C 1 1  ? -13.834 -12.592 -3.524  1.00 50.11 ? 70  GLU C CG  1 
ATOM   467 C CD  . GLU C 1 1  ? -15.320 -12.592 -3.221  1.00 49.58 ? 70  GLU C CD  1 
ATOM   468 O OE1 . GLU C 1 1  ? -15.886 -11.502 -3.002  1.00 49.68 ? 70  GLU C OE1 1 
ATOM   469 O OE2 . GLU C 1 1  ? -15.926 -13.685 -3.204  1.00 55.17 ? 70  GLU C OE2 1 
ATOM   470 N N   . PRO C 1 2  ? -14.057 -8.614  -5.353  1.00 31.37 ? 71  PRO C N   1 
ATOM   471 C CA  . PRO C 1 2  ? -14.043 -7.370  -6.125  1.00 35.69 ? 71  PRO C CA  1 
ATOM   472 C C   . PRO C 1 2  ? -13.583 -6.216  -5.243  1.00 33.63 ? 71  PRO C C   1 
ATOM   473 O O   . PRO C 1 2  ? -13.346 -5.105  -5.718  1.00 35.19 ? 71  PRO C O   1 
ATOM   474 C CB  . PRO C 1 2  ? -15.501 -7.204  -6.544  1.00 33.54 ? 71  PRO C CB  1 
ATOM   475 C CG  . PRO C 1 2  ? -16.256 -7.797  -5.418  1.00 34.42 ? 71  PRO C CG  1 
ATOM   476 C CD  . PRO C 1 2  ? -15.426 -8.954  -4.911  1.00 40.59 ? 71  PRO C CD  1 
ATOM   477 N N   . GLU C 1 3  ? -13.465 -6.505  -3.951  1.00 34.59 ? 72  GLU C N   1 
ATOM   478 C CA  . GLU C 1 3  ? -12.975 -5.546  -2.970  1.00 28.64 ? 72  GLU C CA  1 
ATOM   479 C C   . GLU C 1 3  ? -11.507 -5.246  -3.226  1.00 29.60 ? 72  GLU C C   1 
ATOM   480 O O   . GLU C 1 3  ? -11.027 -4.145  -2.962  1.00 33.46 ? 72  GLU C O   1 
ATOM   481 C CB  . GLU C 1 3  ? -13.160 -6.089  -1.553  1.00 39.06 ? 72  GLU C CB  1 
ATOM   482 C CG  . GLU C 1 3  ? -14.305 -7.082  -1.422  1.00 38.67 ? 72  GLU C CG  1 
ATOM   483 C CD  . GLU C 1 3  ? -14.194 -7.947  -0.181  1.00 40.19 ? 72  GLU C CD  1 
ATOM   484 O OE1 . GLU C 1 3  ? -13.290 -7.697  0.642   1.00 42.97 ? 72  GLU C OE1 1 
ATOM   485 O OE2 . GLU C 1 3  ? -15.008 -8.882  -0.030  1.00 43.43 ? 72  GLU C OE2 1 
ATOM   486 N N   . ILE C 1 4  ? -10.803 -6.244  -3.746  1.00 30.56 ? 73  ILE C N   1 
ATOM   487 C CA  . ILE C 1 4  ? -9.385  -6.117  -4.046  1.00 30.93 ? 73  ILE C CA  1 
ATOM   488 C C   . ILE C 1 4  ? -9.166  -5.212  -5.252  1.00 31.43 ? 73  ILE C C   1 
ATOM   489 O O   . ILE C 1 4  ? -8.261  -4.379  -5.255  1.00 36.69 ? 73  ILE C O   1 
ATOM   490 C CB  . ILE C 1 4  ? -8.745  -7.494  -4.311  1.00 35.62 ? 73  ILE C CB  1 
ATOM   491 C CG1 . ILE C 1 4  ? -9.085  -8.461  -3.176  1.00 43.03 ? 73  ILE C CG1 1 
ATOM   492 C CG2 . ILE C 1 4  ? -7.239  -7.364  -4.477  1.00 36.16 ? 73  ILE C CG2 1 
ATOM   493 C CD1 . ILE C 1 4  ? -8.477  -9.836  -3.328  1.00 48.14 ? 73  ILE C CD1 1 
ATOM   494 N N   . THR C 1 5  ? -10.008 -5.375  -6.268  1.00 29.48 ? 74  THR C N   1 
ATOM   495 C CA  . THR C 1 5  ? -9.917  -4.573  -7.484  1.00 31.31 ? 74  THR C CA  1 
ATOM   496 C C   . THR C 1 5  ? -10.088 -3.087  -7.182  1.00 30.72 ? 74  THR C C   1 
ATOM   497 O O   . THR C 1 5  ? -9.574  -2.234  -7.903  1.00 29.76 ? 74  THR C O   1 
ATOM   498 C CB  . THR C 1 5  ? -10.973 -4.998  -8.521  1.00 29.24 ? 74  THR C CB  1 
ATOM   499 O OG1 . THR C 1 5  ? -12.284 -4.704  -8.020  1.00 36.10 ? 74  THR C OG1 1 
ATOM   500 C CG2 . THR C 1 5  ? -10.867 -6.486  -8.811  1.00 26.98 ? 74  THR C CG2 1 
ATOM   501 N N   . LEU C 1 6  ? -10.819 -2.790  -6.112  1.00 30.03 ? 75  LEU C N   1 
ATOM   502 C CA  . LEU C 1 6  ? -11.018 -1.416  -5.671  1.00 25.51 ? 75  LEU C CA  1 
ATOM   503 C C   . LEU C 1 6  ? -9.707  -0.815  -5.174  1.00 26.41 ? 75  LEU C C   1 
ATOM   504 O O   . LEU C 1 6  ? -9.332  0.292   -5.560  1.00 27.31 ? 75  LEU C O   1 
ATOM   505 C CB  . LEU C 1 6  ? -12.078 -1.353  -4.569  1.00 27.20 ? 75  LEU C CB  1 
ATOM   506 C CG  . LEU C 1 6  ? -13.483 -1.828  -4.946  1.00 27.34 ? 75  LEU C CG  1 
ATOM   507 C CD1 . LEU C 1 6  ? -14.394 -1.831  -3.728  1.00 21.37 ? 75  LEU C CD1 1 
ATOM   508 C CD2 . LEU C 1 6  ? -14.061 -0.957  -6.049  1.00 22.66 ? 75  LEU C CD2 1 
ATOM   509 N N   . ILE C 1 7  ? -9.016  -1.559  -4.317  1.00 27.85 ? 76  ILE C N   1 
ATOM   510 C CA  . ILE C 1 7  ? -7.751  -1.112  -3.747  1.00 22.35 ? 76  ILE C CA  1 
ATOM   511 C C   . ILE C 1 7  ? -6.681  -0.984  -4.824  1.00 23.14 ? 76  ILE C C   1 
ATOM   512 O O   . ILE C 1 7  ? -5.924  -0.013  -4.848  1.00 26.44 ? 76  ILE C O   1 
ATOM   513 C CB  . ILE C 1 7  ? -7.258  -2.074  -2.647  1.00 19.57 ? 76  ILE C CB  1 
ATOM   514 C CG1 . ILE C 1 7  ? -8.278  -2.152  -1.510  1.00 24.64 ? 76  ILE C CG1 1 
ATOM   515 C CG2 . ILE C 1 7  ? -5.907  -1.628  -2.108  1.00 19.70 ? 76  ILE C CG2 1 
ATOM   516 C CD1 . ILE C 1 7  ? -7.815  -2.987  -0.336  1.00 18.64 ? 76  ILE C CD1 1 
ATOM   517 N N   . ILE C 1 8  ? -6.637  -1.960  -5.725  1.00 22.69 ? 77  ILE C N   1 
ATOM   518 C CA  . ILE C 1 8  ? -5.637  -1.985  -6.785  1.00 26.04 ? 77  ILE C CA  1 
ATOM   519 C C   . ILE C 1 8  ? -5.744  -0.771  -7.706  1.00 26.08 ? 77  ILE C C   1 
ATOM   520 O O   . ILE C 1 8  ? -4.741  -0.120  -7.997  1.00 27.53 ? 77  ILE C O   1 
ATOM   521 C CB  . ILE C 1 8  ? -5.752  -3.269  -7.633  1.00 24.75 ? 77  ILE C CB  1 
ATOM   522 C CG1 . ILE C 1 8  ? -5.502  -4.505  -6.768  1.00 24.72 ? 77  ILE C CG1 1 
ATOM   523 C CG2 . ILE C 1 8  ? -4.773  -3.233  -8.794  1.00 29.30 ? 77  ILE C CG2 1 
ATOM   524 C CD1 . ILE C 1 8  ? -5.602  -5.808  -7.518  1.00 30.48 ? 77  ILE C CD1 1 
ATOM   525 N N   . PHE C 1 9  ? -6.956  -0.470  -8.165  1.00 29.87 ? 78  PHE C N   1 
ATOM   526 C CA  . PHE C 1 9  ? -7.163  0.670   -9.051  1.00 30.69 ? 78  PHE C CA  1 
ATOM   527 C C   . PHE C 1 9  ? -6.791  1.974   -8.354  1.00 25.60 ? 78  PHE C C   1 
ATOM   528 O O   . PHE C 1 9  ? -6.274  2.897   -8.984  1.00 23.78 ? 78  PHE C O   1 
ATOM   529 C CB  . PHE C 1 9  ? -8.611  0.729   -9.541  1.00 33.15 ? 78  PHE C CB  1 
ATOM   530 C CG  . PHE C 1 9  ? -8.882  1.868   -10.485 1.00 43.43 ? 78  PHE C CG  1 
ATOM   531 C CD1 . PHE C 1 9  ? -8.513  1.784   -11.819 1.00 42.18 ? 78  PHE C CD1 1 
ATOM   532 C CD2 . PHE C 1 9  ? -9.500  3.025   -10.040 1.00 52.41 ? 78  PHE C CD2 1 
ATOM   533 C CE1 . PHE C 1 9  ? -8.757  2.832   -12.691 1.00 43.81 ? 78  PHE C CE1 1 
ATOM   534 C CE2 . PHE C 1 9  ? -9.747  4.077   -10.906 1.00 55.12 ? 78  PHE C CE2 1 
ATOM   535 C CZ  . PHE C 1 9  ? -9.376  3.980   -12.233 1.00 48.22 ? 78  PHE C CZ  1 
ATOM   536 N N   . GLY C 1 10 ? -7.056  2.039   -7.053  1.00 22.28 ? 79  GLY C N   1 
ATOM   537 C CA  . GLY C 1 10 ? -6.656  3.178   -6.249  1.00 18.78 ? 79  GLY C CA  1 
ATOM   538 C C   . GLY C 1 10 ? -5.150  3.340   -6.262  1.00 19.27 ? 79  GLY C C   1 
ATOM   539 O O   . GLY C 1 10 ? -4.642  4.442   -6.458  1.00 20.31 ? 79  GLY C O   1 
ATOM   540 N N   . VAL C 1 11 ? -4.437  2.234   -6.059  1.00 19.42 ? 80  VAL C N   1 
ATOM   541 C CA  . VAL C 1 11 ? -2.978  2.225   -6.120  1.00 16.13 ? 80  VAL C CA  1 
ATOM   542 C C   . VAL C 1 11 ? -2.495  2.660   -7.498  1.00 22.62 ? 80  VAL C C   1 
ATOM   543 O O   . VAL C 1 11 ? -1.603  3.498   -7.618  1.00 23.27 ? 80  VAL C O   1 
ATOM   544 C CB  . VAL C 1 11 ? -2.406  0.831   -5.793  1.00 16.71 ? 80  VAL C CB  1 
ATOM   545 C CG1 . VAL C 1 11 ? -0.914  0.783   -6.082  1.00 15.05 ? 80  VAL C CG1 1 
ATOM   546 C CG2 . VAL C 1 11 ? -2.684  0.472   -4.343  1.00 14.82 ? 80  VAL C CG2 1 
ATOM   547 N N   . ILE C 1 12 ? -3.102  2.093   -8.536  1.00 22.61 ? 81  ILE C N   1 
ATOM   548 C CA  . ILE C 1 12 ? -2.760  2.445   -9.909  1.00 21.66 ? 81  ILE C CA  1 
ATOM   549 C C   . ILE C 1 12 ? -3.002  3.927   -10.184 1.00 22.26 ? 81  ILE C C   1 
ATOM   550 O O   . ILE C 1 12 ? -2.124  4.621   -10.691 1.00 24.70 ? 81  ILE C O   1 
ATOM   551 C CB  . ILE C 1 12 ? -3.561  1.606   -10.922 1.00 21.94 ? 81  ILE C CB  1 
ATOM   552 C CG1 . ILE C 1 12 ? -3.181  0.128   -10.802 1.00 19.24 ? 81  ILE C CG1 1 
ATOM   553 C CG2 . ILE C 1 12 ? -3.313  2.100   -12.341 1.00 27.64 ? 81  ILE C CG2 1 
ATOM   554 C CD1 . ILE C 1 12 ? -3.958  -0.779  -11.729 1.00 23.14 ? 81  ILE C CD1 1 
ATOM   555 N N   . ALA C 1 13 ? -4.192  4.411   -9.840  1.00 20.20 ? 82  ALA C N   1 
ATOM   556 C CA  . ALA C 1 13 ? -4.523  5.818   -10.033 1.00 17.06 ? 82  ALA C CA  1 
ATOM   557 C C   . ALA C 1 13 ? -3.685  6.701   -9.117  1.00 19.63 ? 82  ALA C C   1 
ATOM   558 O O   . ALA C 1 13 ? -3.426  7.863   -9.426  1.00 24.17 ? 82  ALA C O   1 
ATOM   559 C CB  . ALA C 1 13 ? -6.004  6.056   -9.790  1.00 19.40 ? 82  ALA C CB  1 
ATOM   560 N N   . GLY C 1 14 ? -3.259  6.141   -7.988  1.00 16.75 ? 83  GLY C N   1 
ATOM   561 C CA  . GLY C 1 14 ? -2.417  6.858   -7.049  1.00 14.30 ? 83  GLY C CA  1 
ATOM   562 C C   . GLY C 1 14 ? -0.985  6.950   -7.537  1.00 14.10 ? 83  GLY C C   1 
ATOM   563 O O   . GLY C 1 14 ? -0.304  7.952   -7.316  1.00 11.42 ? 83  GLY C O   1 
ATOM   564 N N   . VAL C 1 15 ? -0.530  5.896   -8.206  1.00 16.44 ? 84  VAL C N   1 
ATOM   565 C CA  . VAL C 1 15 ? 0.814   5.859   -8.772  1.00 15.12 ? 84  VAL C CA  1 
ATOM   566 C C   . VAL C 1 15 ? 0.934   6.780   -9.983  1.00 18.34 ? 84  VAL C C   1 
ATOM   567 O O   . VAL C 1 15 ? 1.878   7.565   -10.086 1.00 19.70 ? 84  VAL C O   1 
ATOM   568 C CB  . VAL C 1 15 ? 1.213   4.424   -9.179  1.00 16.85 ? 84  VAL C CB  1 
ATOM   569 C CG1 . VAL C 1 15 ? 2.382   4.443   -10.152 1.00 19.34 ? 84  VAL C CG1 1 
ATOM   570 C CG2 . VAL C 1 15 ? 1.553   3.601   -7.947  1.00 21.66 ? 84  VAL C CG2 1 
ATOM   571 N N   . ILE C 1 16 ? -0.031  6.680   -10.894 1.00 19.53 ? 85  ILE C N   1 
ATOM   572 C CA  . ILE C 1 16 ? -0.043  7.496   -12.104 1.00 16.44 ? 85  ILE C CA  1 
ATOM   573 C C   . ILE C 1 16 ? -0.067  8.986   -11.773 1.00 15.94 ? 85  ILE C C   1 
ATOM   574 O O   . ILE C 1 16 ? 0.738   9.756   -12.293 1.00 17.09 ? 85  ILE C O   1 
ATOM   575 C CB  . ILE C 1 16 ? -1.252  7.158   -12.999 1.00 19.59 ? 85  ILE C CB  1 
ATOM   576 C CG1 . ILE C 1 16 ? -1.156  5.716   -13.504 1.00 20.09 ? 85  ILE C CG1 1 
ATOM   577 C CG2 . ILE C 1 16 ? -1.332  8.122   -14.177 1.00 15.74 ? 85  ILE C CG2 1 
ATOM   578 C CD1 . ILE C 1 16 ? -2.383  5.256   -14.272 1.00 16.49 ? 85  ILE C CD1 1 
ATOM   579 N N   . GLY C 1 17 ? -0.981  9.380   -10.892 1.00 17.71 ? 86  GLY C N   1 
ATOM   580 C CA  . GLY C 1 17 ? -1.123  10.773  -10.503 1.00 17.76 ? 86  GLY C CA  1 
ATOM   581 C C   . GLY C 1 17 ? 0.095   11.345  -9.800  1.00 21.39 ? 86  GLY C C   1 
ATOM   582 O O   . GLY C 1 17 ? 0.354   12.546  -9.865  1.00 25.31 ? 86  GLY C O   1 
ATOM   583 N N   . THR C 1 18 ? 0.848   10.482  -9.123  1.00 18.32 ? 87  THR C N   1 
ATOM   584 C CA  . THR C 1 18 ? 2.035   10.908  -8.394  1.00 17.44 ? 87  THR C CA  1 
ATOM   585 C C   . THR C 1 18 ? 3.225   11.110  -9.334  1.00 22.75 ? 87  THR C C   1 
ATOM   586 O O   . THR C 1 18 ? 3.968   12.085  -9.215  1.00 20.17 ? 87  THR C O   1 
ATOM   587 C CB  . THR C 1 18 ? 2.420   9.889   -7.302  1.00 20.32 ? 87  THR C CB  1 
ATOM   588 O OG1 . THR C 1 18 ? 1.309   9.688   -6.417  1.00 18.67 ? 87  THR C OG1 1 
ATOM   589 C CG2 . THR C 1 18 ? 3.621   10.382  -6.507  1.00 18.34 ? 87  THR C CG2 1 
ATOM   590 N N   . ILE C 1 19 ? 3.397   10.178  -10.267 1.00 21.51 ? 88  ILE C N   1 
ATOM   591 C CA  . ILE C 1 19 ? 4.480   10.252  -11.242 1.00 18.81 ? 88  ILE C CA  1 
ATOM   592 C C   . ILE C 1 19 ? 4.345   11.484  -12.133 1.00 18.98 ? 88  ILE C C   1 
ATOM   593 O O   . ILE C 1 19 ? 5.318   12.199  -12.371 1.00 20.07 ? 88  ILE C O   1 
ATOM   594 C CB  . ILE C 1 19 ? 4.521   8.988   -12.122 1.00 17.85 ? 88  ILE C CB  1 
ATOM   595 C CG1 . ILE C 1 19 ? 4.929   7.776   -11.285 1.00 24.94 ? 88  ILE C CG1 1 
ATOM   596 C CG2 . ILE C 1 19 ? 5.477   9.173   -13.287 1.00 18.65 ? 88  ILE C CG2 1 
ATOM   597 C CD1 . ILE C 1 19 ? 4.975   6.482   -12.063 1.00 35.98 ? 88  ILE C CD1 1 
ATOM   598 N N   . LEU C 1 20 ? 3.130   11.731  -12.611 1.00 19.52 ? 89  LEU C N   1 
ATOM   599 C CA  . LEU C 1 20 ? 2.859   12.868  -13.487 1.00 17.33 ? 89  LEU C CA  1 
ATOM   600 C C   . LEU C 1 20 ? 3.020   14.205  -12.765 1.00 15.37 ? 89  LEU C C   1 
ATOM   601 O O   . LEU C 1 20 ? 3.456   15.192  -13.359 1.00 18.42 ? 89  LEU C O   1 
ATOM   602 C CB  . LEU C 1 20 ? 1.446   12.766  -14.071 1.00 17.77 ? 89  LEU C CB  1 
ATOM   603 C CG  . LEU C 1 20 ? 1.115   11.531  -14.911 1.00 17.16 ? 89  LEU C CG  1 
ATOM   604 C CD1 . LEU C 1 20 ? -0.347  11.543  -15.323 1.00 16.06 ? 89  LEU C CD1 1 
ATOM   605 C CD2 . LEU C 1 20 ? 2.015   11.443  -16.129 1.00 20.59 ? 89  LEU C CD2 1 
ATOM   606 N N   . LEU C 1 21 ? 2.663   14.236  -11.485 1.00 12.78 ? 90  LEU C N   1 
ATOM   607 C CA  . LEU C 1 21 ? 2.684   15.478  -10.717 1.00 15.45 ? 90  LEU C CA  1 
ATOM   608 C C   . LEU C 1 21 ? 4.096   15.851  -10.275 1.00 20.13 ? 90  LEU C C   1 
ATOM   609 O O   . LEU C 1 21 ? 4.456   17.029  -10.248 1.00 25.25 ? 90  LEU C O   1 
ATOM   610 C CB  . LEU C 1 21 ? 1.764   15.365  -9.500  1.00 18.26 ? 90  LEU C CB  1 
ATOM   611 C CG  . LEU C 1 21 ? 1.564   16.624  -8.656  1.00 24.81 ? 90  LEU C CG  1 
ATOM   612 C CD1 . LEU C 1 21 ? 1.102   17.788  -9.520  1.00 24.21 ? 90  LEU C CD1 1 
ATOM   613 C CD2 . LEU C 1 21 ? 0.564   16.357  -7.543  1.00 27.55 ? 90  LEU C CD2 1 
ATOM   614 N N   . ILE C 1 22 ? 4.889   14.845  -9.922  1.00 23.94 ? 91  ILE C N   1 
ATOM   615 C CA  . ILE C 1 22 ? 6.282   15.062  -9.545  1.00 16.85 ? 91  ILE C CA  1 
ATOM   616 C C   . ILE C 1 22 ? 7.109   15.407  -10.779 1.00 16.18 ? 91  ILE C C   1 
ATOM   617 O O   . ILE C 1 22 ? 7.966   16.292  -10.738 1.00 20.48 ? 91  ILE C O   1 
ATOM   618 C CB  . ILE C 1 22 ? 6.879   13.828  -8.839  1.00 19.31 ? 91  ILE C CB  1 
ATOM   619 C CG1 . ILE C 1 22 ? 6.191   13.610  -7.491  1.00 20.64 ? 91  ILE C CG1 1 
ATOM   620 C CG2 . ILE C 1 22 ? 8.378   13.992  -8.634  1.00 11.79 ? 91  ILE C CG2 1 
ATOM   621 C CD1 . ILE C 1 22 ? 6.724   12.424  -6.715  1.00 27.93 ? 91  ILE C CD1 1 
ATOM   622 N N   . SER C 1 23 ? 6.835   14.714  -11.881 1.00 17.60 ? 92  SER C N   1 
ATOM   623 C CA  . SER C 1 23 ? 7.482   15.010  -13.155 1.00 17.87 ? 92  SER C CA  1 
ATOM   624 C C   . SER C 1 23 ? 7.188   16.445  -13.572 1.00 24.50 ? 92  SER C C   1 
ATOM   625 O O   . SER C 1 23 ? 8.064   17.150  -14.069 1.00 28.02 ? 92  SER C O   1 
ATOM   626 C CB  . SER C 1 23 ? 7.019   14.038  -14.241 1.00 18.59 ? 92  SER C CB  1 
ATOM   627 O OG  . SER C 1 23 ? 7.141   12.697  -13.802 1.00 21.74 ? 92  SER C OG  1 
ATOM   628 N N   . TYR C 1 24 ? 5.947   16.871  -13.356 1.00 24.40 ? 93  TYR C N   1 
ATOM   629 C CA  . TYR C 1 24 ? 5.553   18.251  -13.601 1.00 22.11 ? 93  TYR C CA  1 
ATOM   630 C C   . TYR C 1 24 ? 6.207   19.172  -12.582 1.00 27.40 ? 93  TYR C C   1 
ATOM   631 O O   . TYR C 1 24 ? 6.504   20.331  -12.873 1.00 28.39 ? 93  TYR C O   1 
ATOM   632 C CB  . TYR C 1 24 ? 4.032   18.397  -13.548 1.00 20.90 ? 93  TYR C CB  1 
ATOM   633 C CG  . TYR C 1 24 ? 3.552   19.827  -13.659 1.00 24.99 ? 93  TYR C CG  1 
ATOM   634 C CD1 . TYR C 1 24 ? 3.414   20.438  -14.897 1.00 28.06 ? 93  TYR C CD1 1 
ATOM   635 C CD2 . TYR C 1 24 ? 3.233   20.563  -12.526 1.00 23.63 ? 93  TYR C CD2 1 
ATOM   636 C CE1 . TYR C 1 24 ? 2.979   21.747  -15.003 1.00 26.84 ? 93  TYR C CE1 1 
ATOM   637 C CE2 . TYR C 1 24 ? 2.796   21.871  -12.623 1.00 27.02 ? 93  TYR C CE2 1 
ATOM   638 C CZ  . TYR C 1 24 ? 2.670   22.458  -13.864 1.00 26.97 ? 93  TYR C CZ  1 
ATOM   639 O OH  . TYR C 1 24 ? 2.236   23.758  -13.970 1.00 23.29 ? 93  TYR C OH  1 
ATOM   640 N N   . GLY C 1 25 ? 6.419   18.647  -11.379 1.00 21.28 ? 94  GLY C N   1 
ATOM   641 C CA  . GLY C 1 25 ? 7.067   19.400  -10.324 1.00 21.47 ? 94  GLY C CA  1 
ATOM   642 C C   . GLY C 1 25 ? 8.534   19.654  -10.613 1.00 22.46 ? 94  GLY C C   1 
ATOM   643 O O   . GLY C 1 25 ? 9.045   20.743  -10.358 1.00 23.51 ? 94  GLY C O   1 
ATOM   644 N N   . ILE C 1 26 ? 9.214   18.646  -11.150 1.00 23.17 ? 95  ILE C N   1 
ATOM   645 C CA  . ILE C 1 26 ? 10.636  18.770  -11.451 1.00 25.56 ? 95  ILE C CA  1 
ATOM   646 C C   . ILE C 1 26 ? 10.865  19.420  -12.812 1.00 32.85 ? 95  ILE C C   1 
ATOM   647 O O   . ILE C 1 26 ? 11.970  19.873  -13.112 1.00 38.39 ? 95  ILE C O   1 
ATOM   648 C CB  . ILE C 1 26 ? 11.348  17.404  -11.420 1.00 28.68 ? 95  ILE C CB  1 
ATOM   649 C CG1 . ILE C 1 26 ? 10.851  16.511  -12.559 1.00 26.22 ? 95  ILE C CG1 1 
ATOM   650 C CG2 . ILE C 1 26 ? 11.153  16.728  -10.071 1.00 31.28 ? 95  ILE C CG2 1 
ATOM   651 C CD1 . ILE C 1 26 ? 11.542  15.162  -12.619 1.00 24.50 ? 95  ILE C CD1 1 
ATOM   652 N N   . ARG C 1 27 ? 9.820   19.470  -13.633 1.00 34.91 ? 96  ARG C N   1 
ATOM   653 C CA  . ARG C 1 27 ? 9.921   20.115  -14.937 1.00 33.08 ? 96  ARG C CA  1 
ATOM   654 C C   . ARG C 1 27 ? 9.862   21.630  -14.790 1.00 33.52 ? 96  ARG C C   1 
ATOM   655 O O   . ARG C 1 27 ? 10.519  22.359  -15.531 1.00 38.22 ? 96  ARG C O   1 
ATOM   656 C CB  . ARG C 1 27 ? 8.808   19.641  -15.872 1.00 31.72 ? 96  ARG C CB  1 
ATOM   657 C CG  . ARG C 1 27 ? 9.067   19.956  -17.338 1.00 38.86 ? 96  ARG C CG  1 
ATOM   658 C CD  . ARG C 1 27 ? 7.792   20.349  -18.068 1.00 41.19 ? 96  ARG C CD  1 
ATOM   659 N NE  . ARG C 1 27 ? 7.492   21.772  -17.923 1.00 33.28 ? 96  ARG C NE  1 
ATOM   660 C CZ  . ARG C 1 27 ? 6.690   22.279  -16.992 1.00 38.21 ? 96  ARG C CZ  1 
ATOM   661 N NH1 . ARG C 1 27 ? 6.100   21.480  -16.116 1.00 36.31 ? 96  ARG C NH1 1 
ATOM   662 N NH2 . ARG C 1 27 ? 6.476   23.587  -16.937 1.00 38.59 ? 96  ARG C NH2 1 
ATOM   663 N N   . ARG C 1 28 ? 9.075   22.101  -13.825 1.00 33.69 ? 97  ARG C N   1 
ATOM   664 C CA  . ARG C 1 28 ? 8.922   23.535  -13.592 1.00 35.03 ? 97  ARG C CA  1 
ATOM   665 C C   . ARG C 1 28 ? 10.160  24.152  -12.940 1.00 42.91 ? 97  ARG C C   1 
ATOM   666 O O   . ARG C 1 28 ? 10.142  25.314  -12.534 1.00 51.41 ? 97  ARG C O   1 
ATOM   667 C CB  . ARG C 1 28 ? 7.688   23.818  -12.730 1.00 32.22 ? 97  ARG C CB  1 
ATOM   668 C CG  . ARG C 1 28 ? 6.371   23.748  -13.487 1.00 33.57 ? 97  ARG C CG  1 
ATOM   669 C CD  . ARG C 1 28 ? 5.275   24.532  -12.779 1.00 30.31 ? 97  ARG C CD  1 
ATOM   670 N NE  . ARG C 1 28 ? 4.963   23.988  -11.460 1.00 36.49 ? 97  ARG C NE  1 
ATOM   671 C CZ  . ARG C 1 28 ? 3.971   24.422  -10.688 1.00 31.32 ? 97  ARG C CZ  1 
ATOM   672 N NH1 . ARG C 1 28 ? 3.760   23.867  -9.502  1.00 29.88 ? 97  ARG C NH1 1 
ATOM   673 N NH2 . ARG C 1 28 ? 3.188   25.407  -11.101 1.00 27.37 ? 97  ARG C NH2 1 
ATOM   674 N N   . LEU C 1 29 ? 11.227  23.366  -12.834 1.00 38.83 ? 98  LEU C N   1 
ATOM   675 C CA  . LEU C 1 29 ? 12.508  23.869  -12.358 1.00 40.67 ? 98  LEU C CA  1 
ATOM   676 C C   . LEU C 1 29 ? 13.498  23.890  -13.522 1.00 40.42 ? 98  LEU C C   1 
ATOM   677 O O   . LEU C 1 29 ? 13.173  23.446  -14.624 1.00 40.47 ? 98  LEU C O   1 
ATOM   678 C CB  . LEU C 1 29 ? 13.035  23.009  -11.205 1.00 35.04 ? 98  LEU C CB  1 
ATOM   679 C CG  . LEU C 1 29 ? 14.061  23.644  -10.261 1.00 34.81 ? 98  LEU C CG  1 
ATOM   680 C CD1 . LEU C 1 29 ? 13.459  24.835  -9.528  1.00 39.51 ? 98  LEU C CD1 1 
ATOM   681 C CD2 . LEU C 1 29 ? 14.606  22.620  -9.280  1.00 41.12 ? 98  LEU C CD2 1 
HETATM 682 N N   . SCH C 1 30 ? 14.694  24.419  -13.275 1.00 50.34 ? 99  SCH C N   1 
HETATM 683 C CA  . SCH C 1 30 ? 15.738  24.497  -14.271 1.00 54.51 ? 99  SCH C CA  1 
HETATM 684 C CB  . SCH C 1 30 ? 16.225  23.138  -14.795 1.00 59.92 ? 99  SCH C CB  1 
HETATM 685 S SG  . SCH C 1 30 ? 17.246  22.236  -13.681 1.00 71.81 ? 99  SCH C SG  1 
HETATM 686 S SD  . SCH C 1 30 ? 16.207  20.511  -13.061 1.00 45.71 ? 99  SCH C SD  1 
HETATM 687 C CE  . SCH C 1 30 ? 17.191  19.807  -11.796 1.00 28.71 ? 99  SCH C CE  1 
HETATM 688 C C   . SCH C 1 30 ? 15.407  25.388  -15.472 1.00 48.72 ? 99  SCH C C   1 
HETATM 689 O O   . SCH C 1 30 ? 14.232  26.070  -15.383 1.00 47.04 ? 99  SCH C O   1 
HETATM 690 O OXT . SCH C 1 30 ? 16.072  25.563  -16.496 1.00 43.12 ? 99  SCH C OXT 1 
ATOM   691 N N   . GLU D 1 1  ? -19.335 5.157   2.059   1.00 47.84 ? 70  GLU D N   1 
ATOM   692 C CA  . GLU D 1 1  ? -19.489 3.835   1.466   1.00 36.99 ? 70  GLU D CA  1 
ATOM   693 C C   . GLU D 1 1  ? -18.380 2.898   1.931   1.00 35.75 ? 70  GLU D C   1 
ATOM   694 O O   . GLU D 1 1  ? -17.260 3.339   2.191   1.00 35.98 ? 70  GLU D O   1 
ATOM   695 C CB  . GLU D 1 1  ? -19.496 3.923   -0.064  1.00 41.75 ? 70  GLU D CB  1 
ATOM   696 C CG  . GLU D 1 1  ? -20.635 4.745   -0.649  1.00 44.67 ? 70  GLU D CG  1 
ATOM   697 C CD  . GLU D 1 1  ? -20.366 6.237   -0.612  1.00 47.77 ? 70  GLU D CD  1 
ATOM   698 O OE1 . GLU D 1 1  ? -19.588 6.726   -1.460  1.00 41.59 ? 70  GLU D OE1 1 
ATOM   699 O OE2 . GLU D 1 1  ? -20.930 6.919   0.268   1.00 55.77 ? 70  GLU D OE2 1 
ATOM   700 N N   . PRO D 1 2  ? -18.687 1.597   2.040   1.00 38.42 ? 71  PRO D N   1 
ATOM   701 C CA  . PRO D 1 2  ? -17.672 0.606   2.406   1.00 35.22 ? 71  PRO D CA  1 
ATOM   702 C C   . PRO D 1 2  ? -16.810 0.194   1.217   1.00 34.87 ? 71  PRO D C   1 
ATOM   703 O O   . PRO D 1 2  ? -15.969 -0.697  1.338   1.00 35.71 ? 71  PRO D O   1 
ATOM   704 C CB  . PRO D 1 2  ? -18.504 -0.573  2.907   1.00 35.70 ? 71  PRO D CB  1 
ATOM   705 C CG  . PRO D 1 2  ? -19.760 -0.481  2.113   1.00 33.44 ? 71  PRO D CG  1 
ATOM   706 C CD  . PRO D 1 2  ? -20.027 0.991   1.922   1.00 43.01 ? 71  PRO D CD  1 
ATOM   707 N N   . GLU D 1 3  ? -17.027 0.844   0.078   1.00 31.84 ? 72  GLU D N   1 
ATOM   708 C CA  . GLU D 1 3  ? -16.296 0.526   -1.141  1.00 32.06 ? 72  GLU D CA  1 
ATOM   709 C C   . GLU D 1 3  ? -15.335 1.646   -1.522  1.00 27.56 ? 72  GLU D C   1 
ATOM   710 O O   . GLU D 1 3  ? -14.339 1.414   -2.208  1.00 28.08 ? 72  GLU D O   1 
ATOM   711 C CB  . GLU D 1 3  ? -17.273 0.255   -2.286  1.00 32.65 ? 72  GLU D CB  1 
ATOM   712 C CG  . GLU D 1 3  ? -18.239 1.395   -2.552  1.00 35.71 ? 72  GLU D CG  1 
ATOM   713 C CD  . GLU D 1 3  ? -19.465 0.950   -3.320  1.00 46.00 ? 72  GLU D CD  1 
ATOM   714 O OE1 . GLU D 1 3  ? -19.704 -0.273  -3.402  1.00 39.74 ? 72  GLU D OE1 1 
ATOM   715 O OE2 . GLU D 1 3  ? -20.191 1.824   -3.838  1.00 53.17 ? 72  GLU D OE2 1 
ATOM   716 N N   . ILE D 1 4  ? -15.635 2.860   -1.075  1.00 27.40 ? 73  ILE D N   1 
ATOM   717 C CA  . ILE D 1 4  ? -14.785 4.007   -1.368  1.00 25.47 ? 73  ILE D CA  1 
ATOM   718 C C   . ILE D 1 4  ? -13.634 4.097   -0.375  1.00 29.98 ? 73  ILE D C   1 
ATOM   719 O O   . ILE D 1 4  ? -12.623 4.746   -0.643  1.00 32.36 ? 73  ILE D O   1 
ATOM   720 C CB  . ILE D 1 4  ? -15.576 5.328   -1.343  1.00 28.31 ? 73  ILE D CB  1 
ATOM   721 C CG1 . ILE D 1 4  ? -16.129 5.596   0.058   1.00 41.32 ? 73  ILE D CG1 1 
ATOM   722 C CG2 . ILE D 1 4  ? -16.697 5.296   -2.373  1.00 38.89 ? 73  ILE D CG2 1 
ATOM   723 C CD1 . ILE D 1 4  ? -16.741 6.967   0.224   1.00 47.20 ? 73  ILE D CD1 1 
ATOM   724 N N   . THR D 1 5  ? -13.791 3.443   0.771   1.00 29.77 ? 74  THR D N   1 
ATOM   725 C CA  . THR D 1 5  ? -12.734 3.393   1.772   1.00 24.50 ? 74  THR D CA  1 
ATOM   726 C C   . THR D 1 5  ? -11.571 2.561   1.246   1.00 21.56 ? 74  THR D C   1 
ATOM   727 O O   . THR D 1 5  ? -10.411 2.824   1.559   1.00 21.28 ? 74  THR D O   1 
ATOM   728 C CB  . THR D 1 5  ? -13.240 2.804   3.105   1.00 31.70 ? 74  THR D CB  1 
ATOM   729 O OG1 . THR D 1 5  ? -14.436 3.481   3.507   1.00 34.38 ? 74  THR D OG1 1 
ATOM   730 C CG2 . THR D 1 5  ? -12.191 2.958   4.198   1.00 31.38 ? 74  THR D CG2 1 
ATOM   731 N N   . LEU D 1 6  ? -11.898 1.559   0.434   1.00 21.77 ? 75  LEU D N   1 
ATOM   732 C CA  . LEU D 1 6  ? -10.898 0.684   -0.164  1.00 22.94 ? 75  LEU D CA  1 
ATOM   733 C C   . LEU D 1 6  ? -10.190 1.368   -1.331  1.00 25.39 ? 75  LEU D C   1 
ATOM   734 O O   . LEU D 1 6  ? -9.030  1.077   -1.623  1.00 23.59 ? 75  LEU D O   1 
ATOM   735 C CB  . LEU D 1 6  ? -11.551 -0.620  -0.627  1.00 24.90 ? 75  LEU D CB  1 
ATOM   736 C CG  . LEU D 1 6  ? -12.304 -1.398  0.456   1.00 24.12 ? 75  LEU D CG  1 
ATOM   737 C CD1 . LEU D 1 6  ? -13.069 -2.573  -0.137  1.00 22.29 ? 75  LEU D CD1 1 
ATOM   738 C CD2 . LEU D 1 6  ? -11.345 -1.870  1.539   1.00 19.91 ? 75  LEU D CD2 1 
ATOM   739 N N   . ILE D 1 7  ? -10.897 2.276   -1.995  1.00 25.36 ? 76  ILE D N   1 
ATOM   740 C CA  . ILE D 1 7  ? -10.329 3.033   -3.106  1.00 22.50 ? 76  ILE D CA  1 
ATOM   741 C C   . ILE D 1 7  ? -9.347  4.087   -2.606  1.00 23.39 ? 76  ILE D C   1 
ATOM   742 O O   . ILE D 1 7  ? -8.223  4.185   -3.100  1.00 23.64 ? 76  ILE D O   1 
ATOM   743 C CB  . ILE D 1 7  ? -11.424 3.725   -3.939  1.00 20.62 ? 76  ILE D CB  1 
ATOM   744 C CG1 . ILE D 1 7  ? -12.398 2.693   -4.509  1.00 22.30 ? 76  ILE D CG1 1 
ATOM   745 C CG2 . ILE D 1 7  ? -10.803 4.547   -5.060  1.00 18.78 ? 76  ILE D CG2 1 
ATOM   746 C CD1 . ILE D 1 7  ? -13.526 3.300   -5.315  1.00 17.76 ? 76  ILE D CD1 1 
ATOM   747 N N   . ILE D 1 8  ? -9.781  4.873   -1.624  1.00 24.42 ? 77  ILE D N   1 
ATOM   748 C CA  . ILE D 1 8  ? -8.965  5.945   -1.063  1.00 17.76 ? 77  ILE D CA  1 
ATOM   749 C C   . ILE D 1 8  ? -7.673  5.406   -0.454  1.00 19.70 ? 77  ILE D C   1 
ATOM   750 O O   . ILE D 1 8  ? -6.609  6.008   -0.614  1.00 22.04 ? 77  ILE D O   1 
ATOM   751 C CB  . ILE D 1 8  ? -9.744  6.743   0.003   1.00 19.50 ? 77  ILE D CB  1 
ATOM   752 C CG1 . ILE D 1 8  ? -10.933 7.459   -0.640  1.00 21.83 ? 77  ILE D CG1 1 
ATOM   753 C CG2 . ILE D 1 8  ? -8.842  7.754   0.694   1.00 17.13 ? 77  ILE D CG2 1 
ATOM   754 C CD1 . ILE D 1 8  ? -11.734 8.306   0.322   1.00 19.17 ? 77  ILE D CD1 1 
ATOM   755 N N   . PHE D 1 9  ? -7.763  4.273   0.235   1.00 20.91 ? 78  PHE D N   1 
ATOM   756 C CA  . PHE D 1 9  ? -6.572  3.633   0.784   1.00 18.35 ? 78  PHE D CA  1 
ATOM   757 C C   . PHE D 1 9  ? -5.589  3.289   -0.325  1.00 18.82 ? 78  PHE D C   1 
ATOM   758 O O   . PHE D 1 9  ? -4.386  3.504   -0.185  1.00 20.00 ? 78  PHE D O   1 
ATOM   759 C CB  . PHE D 1 9  ? -6.922  2.365   1.563   1.00 17.39 ? 78  PHE D CB  1 
ATOM   760 C CG  . PHE D 1 9  ? -5.728  1.498   1.855   1.00 18.20 ? 78  PHE D CG  1 
ATOM   761 C CD1 . PHE D 1 9  ? -4.812  1.863   2.828   1.00 17.40 ? 78  PHE D CD1 1 
ATOM   762 C CD2 . PHE D 1 9  ? -5.511  0.330   1.145   1.00 15.58 ? 78  PHE D CD2 1 
ATOM   763 C CE1 . PHE D 1 9  ? -3.708  1.074   3.091   1.00 13.42 ? 78  PHE D CE1 1 
ATOM   764 C CE2 . PHE D 1 9  ? -4.411  -0.460  1.405   1.00 12.81 ? 78  PHE D CE2 1 
ATOM   765 C CZ  . PHE D 1 9  ? -3.509  -0.089  2.379   1.00 10.61 ? 78  PHE D CZ  1 
ATOM   766 N N   . GLY D 1 10 ? -6.113  2.750   -1.421  1.00 17.10 ? 79  GLY D N   1 
ATOM   767 C CA  . GLY D 1 10 ? -5.300  2.418   -2.574  1.00 18.06 ? 79  GLY D CA  1 
ATOM   768 C C   . GLY D 1 10 ? -4.545  3.630   -3.078  1.00 21.77 ? 79  GLY D C   1 
ATOM   769 O O   . GLY D 1 10 ? -3.339  3.567   -3.314  1.00 26.37 ? 79  GLY D O   1 
ATOM   770 N N   . VAL D 1 11 ? -5.261  4.740   -3.230  1.00 17.41 ? 80  VAL D N   1 
ATOM   771 C CA  . VAL D 1 11 ? -4.664  5.990   -3.680  1.00 15.29 ? 80  VAL D CA  1 
ATOM   772 C C   . VAL D 1 11 ? -3.524  6.419   -2.764  1.00 17.75 ? 80  VAL D C   1 
ATOM   773 O O   . VAL D 1 11 ? -2.406  6.654   -3.219  1.00 14.60 ? 80  VAL D O   1 
ATOM   774 C CB  . VAL D 1 11 ? -5.707  7.119   -3.753  1.00 16.09 ? 80  VAL D CB  1 
ATOM   775 C CG1 . VAL D 1 11 ? -5.048  8.422   -4.182  1.00 16.77 ? 80  VAL D CG1 1 
ATOM   776 C CG2 . VAL D 1 11 ? -6.831  6.739   -4.709  1.00 18.49 ? 80  VAL D CG2 1 
ATOM   777 N N   . ILE D 1 12 ? -3.814  6.506   -1.470  1.00 18.35 ? 81  ILE D N   1 
ATOM   778 C CA  . ILE D 1 12 ? -2.830  6.937   -0.483  1.00 15.72 ? 81  ILE D CA  1 
ATOM   779 C C   . ILE D 1 12 ? -1.654  5.963   -0.396  1.00 15.85 ? 81  ILE D C   1 
ATOM   780 O O   . ILE D 1 12 ? -0.500  6.381   -0.309  1.00 16.74 ? 81  ILE D O   1 
ATOM   781 C CB  . ILE D 1 12 ? -3.472  7.096   0.911   1.00 15.32 ? 81  ILE D CB  1 
ATOM   782 C CG1 . ILE D 1 12 ? -4.594  8.136   0.861   1.00 15.38 ? 81  ILE D CG1 1 
ATOM   783 C CG2 . ILE D 1 12 ? -2.432  7.496   1.944   1.00 14.89 ? 81  ILE D CG2 1 
ATOM   784 C CD1 . ILE D 1 12 ? -5.219  8.434   2.204   1.00 18.31 ? 81  ILE D CD1 1 
ATOM   785 N N   . ALA D 1 13 ? -1.947  4.667   -0.431  1.00 16.45 ? 82  ALA D N   1 
ATOM   786 C CA  . ALA D 1 13 ? -0.896  3.653   -0.416  1.00 17.98 ? 82  ALA D CA  1 
ATOM   787 C C   . ALA D 1 13 ? -0.079  3.691   -1.705  1.00 13.48 ? 82  ALA D C   1 
ATOM   788 O O   . ALA D 1 13 ? 1.082   3.287   -1.724  1.00 16.12 ? 82  ALA D O   1 
ATOM   789 C CB  . ALA D 1 13 ? -1.488  2.267   -0.205  1.00 14.56 ? 82  ALA D CB  1 
ATOM   790 N N   . GLY D 1 14 ? -0.689  4.186   -2.777  1.00 13.08 ? 83  GLY D N   1 
ATOM   791 C CA  . GLY D 1 14 ? -0.015  4.299   -4.056  1.00 12.74 ? 83  GLY D CA  1 
ATOM   792 C C   . GLY D 1 14 ? 0.801   5.572   -4.171  1.00 18.49 ? 83  GLY D C   1 
ATOM   793 O O   . GLY D 1 14 ? 1.810   5.611   -4.876  1.00 18.13 ? 83  GLY D O   1 
ATOM   794 N N   . VAL D 1 15 ? 0.362   6.617   -3.478  1.00 18.77 ? 84  VAL D N   1 
ATOM   795 C CA  . VAL D 1 15 ? 1.048   7.907   -3.509  1.00 17.24 ? 84  VAL D CA  1 
ATOM   796 C C   . VAL D 1 15 ? 2.314   7.886   -2.656  1.00 15.92 ? 84  VAL D C   1 
ATOM   797 O O   . VAL D 1 15 ? 3.396   8.230   -3.131  1.00 16.32 ? 84  VAL D O   1 
ATOM   798 C CB  . VAL D 1 15 ? 0.129   9.052   -3.023  1.00 21.76 ? 84  VAL D CB  1 
ATOM   799 C CG1 . VAL D 1 15 ? 0.941   10.314  -2.764  1.00 18.03 ? 84  VAL D CG1 1 
ATOM   800 C CG2 . VAL D 1 15 ? -0.969  9.325   -4.042  1.00 16.72 ? 84  VAL D CG2 1 
ATOM   801 N N   . ILE D 1 16 ? 2.167   7.487   -1.398  1.00 17.76 ? 85  ILE D N   1 
ATOM   802 C CA  . ILE D 1 16 ? 3.295   7.411   -0.475  1.00 13.36 ? 85  ILE D CA  1 
ATOM   803 C C   . ILE D 1 16 ? 4.356   6.439   -0.981  1.00 12.88 ? 85  ILE D C   1 
ATOM   804 O O   . ILE D 1 16 ? 5.554   6.701   -0.871  1.00 19.99 ? 85  ILE D O   1 
ATOM   805 C CB  . ILE D 1 16 ? 2.846   6.977   0.933   1.00 12.44 ? 85  ILE D CB  1 
ATOM   806 C CG1 . ILE D 1 16 ? 1.747   7.906   1.452   1.00 13.16 ? 85  ILE D CG1 1 
ATOM   807 C CG2 . ILE D 1 16 ? 4.028   6.965   1.892   1.00 10.36 ? 85  ILE D CG2 1 
ATOM   808 C CD1 . ILE D 1 16 ? 1.213   7.515   2.813   1.00 10.56 ? 85  ILE D CD1 1 
ATOM   809 N N   . GLY D 1 17 ? 3.910   5.325   -1.549  1.00 13.38 ? 86  GLY D N   1 
ATOM   810 C CA  . GLY D 1 17 ? 4.816   4.324   -2.080  1.00 15.97 ? 86  GLY D CA  1 
ATOM   811 C C   . GLY D 1 17 ? 5.645   4.850   -3.235  1.00 19.87 ? 86  GLY D C   1 
ATOM   812 O O   . GLY D 1 17 ? 6.829   4.536   -3.354  1.00 19.85 ? 86  GLY D O   1 
ATOM   813 N N   . THR D 1 18 ? 5.020   5.659   -4.084  1.00 18.39 ? 87  THR D N   1 
ATOM   814 C CA  . THR D 1 18 ? 5.701   6.220   -5.244  1.00 15.71 ? 87  THR D CA  1 
ATOM   815 C C   . THR D 1 18 ? 6.707   7.286   -4.823  1.00 16.50 ? 87  THR D C   1 
ATOM   816 O O   . THR D 1 18 ? 7.804   7.368   -5.377  1.00 18.98 ? 87  THR D O   1 
ATOM   817 C CB  . THR D 1 18 ? 4.700   6.832   -6.243  1.00 13.52 ? 87  THR D CB  1 
ATOM   818 O OG1 . THR D 1 18 ? 3.684   5.870   -6.553  1.00 15.31 ? 87  THR D OG1 1 
ATOM   819 C CG2 . THR D 1 18 ? 5.409   7.241   -7.525  1.00 21.76 ? 87  THR D CG2 1 
ATOM   820 N N   . ILE D 1 19 ? 6.329   8.096   -3.840  1.00 15.28 ? 88  ILE D N   1 
ATOM   821 C CA  . ILE D 1 19 ? 7.205   9.145   -3.330  1.00 14.73 ? 88  ILE D CA  1 
ATOM   822 C C   . ILE D 1 19 ? 8.503   8.561   -2.782  1.00 19.55 ? 88  ILE D C   1 
ATOM   823 O O   . ILE D 1 19 ? 9.590   8.994   -3.162  1.00 23.57 ? 88  ILE D O   1 
ATOM   824 C CB  . ILE D 1 19 ? 6.518   9.975   -2.228  1.00 13.82 ? 88  ILE D CB  1 
ATOM   825 C CG1 . ILE D 1 19 ? 5.377   10.801  -2.820  1.00 14.91 ? 88  ILE D CG1 1 
ATOM   826 C CG2 . ILE D 1 19 ? 7.521   10.891  -1.542  1.00 17.39 ? 88  ILE D CG2 1 
ATOM   827 C CD1 . ILE D 1 19 ? 4.709   11.723  -1.821  1.00 17.28 ? 88  ILE D CD1 1 
ATOM   828 N N   . LEU D 1 20 ? 8.380   7.570   -1.902  1.00 17.58 ? 89  LEU D N   1 
ATOM   829 C CA  . LEU D 1 20 ? 9.541   6.938   -1.283  1.00 18.69 ? 89  LEU D CA  1 
ATOM   830 C C   . LEU D 1 20 ? 10.438  6.273   -2.318  1.00 19.51 ? 89  LEU D C   1 
ATOM   831 O O   . LEU D 1 20 ? 11.658  6.253   -2.167  1.00 21.15 ? 89  LEU D O   1 
ATOM   832 C CB  . LEU D 1 20 ? 9.104   5.908   -0.237  1.00 12.39 ? 89  LEU D CB  1 
ATOM   833 C CG  . LEU D 1 20 ? 8.377   6.443   0.997   1.00 11.09 ? 89  LEU D CG  1 
ATOM   834 C CD1 . LEU D 1 20 ? 8.057   5.312   1.958   1.00 12.04 ? 89  LEU D CD1 1 
ATOM   835 C CD2 . LEU D 1 20 ? 9.205   7.518   1.684   1.00 14.19 ? 89  LEU D CD2 1 
ATOM   836 N N   . LEU D 1 21 ? 9.828   5.730   -3.367  1.00 19.23 ? 90  LEU D N   1 
ATOM   837 C CA  . LEU D 1 21 ? 10.576  5.077   -4.435  1.00 20.01 ? 90  LEU D CA  1 
ATOM   838 C C   . LEU D 1 21 ? 11.378  6.083   -5.247  1.00 22.84 ? 90  LEU D C   1 
ATOM   839 O O   . LEU D 1 21 ? 12.545  5.851   -5.562  1.00 22.48 ? 90  LEU D O   1 
ATOM   840 C CB  . LEU D 1 21 ? 9.635   4.295   -5.351  1.00 17.75 ? 90  LEU D CB  1 
ATOM   841 C CG  . LEU D 1 21 ? 9.315   2.881   -4.875  1.00 24.88 ? 90  LEU D CG  1 
ATOM   842 C CD1 . LEU D 1 21 ? 8.422   2.172   -5.876  1.00 32.40 ? 90  LEU D CD1 1 
ATOM   843 C CD2 . LEU D 1 21 ? 10.603  2.100   -4.650  1.00 24.28 ? 90  LEU D CD2 1 
ATOM   844 N N   . ILE D 1 22 ? 10.744  7.198   -5.590  1.00 21.41 ? 91  ILE D N   1 
ATOM   845 C CA  . ILE D 1 22 ? 11.433  8.271   -6.291  1.00 21.15 ? 91  ILE D CA  1 
ATOM   846 C C   . ILE D 1 22 ? 12.441  8.921   -5.350  1.00 22.65 ? 91  ILE D C   1 
ATOM   847 O O   . ILE D 1 22 ? 13.558  9.238   -5.754  1.00 26.00 ? 91  ILE D O   1 
ATOM   848 C CB  . ILE D 1 22 ? 10.446  9.321   -6.834  1.00 19.30 ? 91  ILE D CB  1 
ATOM   849 C CG1 . ILE D 1 22 ? 9.485   8.668   -7.830  1.00 18.18 ? 91  ILE D CG1 1 
ATOM   850 C CG2 . ILE D 1 22 ? 11.190  10.466  -7.499  1.00 16.51 ? 91  ILE D CG2 1 
ATOM   851 C CD1 . ILE D 1 22 ? 8.538   9.638   -8.496  1.00 23.70 ? 91  ILE D CD1 1 
ATOM   852 N N   . SER D 1 23 ? 12.050  9.090   -4.089  1.00 23.24 ? 92  SER D N   1 
ATOM   853 C CA  . SER D 1 23 ? 12.952  9.613   -3.065  1.00 26.84 ? 92  SER D CA  1 
ATOM   854 C C   . SER D 1 23 ? 14.169  8.710   -2.902  1.00 27.17 ? 92  SER D C   1 
ATOM   855 O O   . SER D 1 23 ? 15.281  9.186   -2.680  1.00 25.53 ? 92  SER D O   1 
ATOM   856 C CB  . SER D 1 23 ? 12.229  9.762   -1.724  1.00 26.26 ? 92  SER D CB  1 
ATOM   857 O OG  . SER D 1 23 ? 13.110  10.231  -0.719  1.00 38.54 ? 92  SER D OG  1 
ATOM   858 N N   . TYR D 1 24 ? 13.951  7.404   -3.012  1.00 25.93 ? 93  TYR D N   1 
ATOM   859 C CA  . TYR D 1 24 ? 15.047  6.446   -2.993  1.00 28.15 ? 93  TYR D CA  1 
ATOM   860 C C   . TYR D 1 24 ? 15.934  6.660   -4.215  1.00 31.50 ? 93  TYR D C   1 
ATOM   861 O O   . TYR D 1 24 ? 17.151  6.772   -4.097  1.00 36.77 ? 93  TYR D O   1 
ATOM   862 C CB  . TYR D 1 24 ? 14.518  5.010   -2.960  1.00 23.12 ? 93  TYR D CB  1 
ATOM   863 C CG  . TYR D 1 24 ? 15.562  3.958   -2.644  1.00 29.40 ? 93  TYR D CG  1 
ATOM   864 C CD1 . TYR D 1 24 ? 16.805  4.313   -2.124  1.00 47.14 ? 93  TYR D CD1 1 
ATOM   865 C CD2 . TYR D 1 24 ? 15.308  2.611   -2.870  1.00 32.05 ? 93  TYR D CD2 1 
ATOM   866 C CE1 . TYR D 1 24 ? 17.760  3.353   -1.837  1.00 46.12 ? 93  TYR D CE1 1 
ATOM   867 C CE2 . TYR D 1 24 ? 16.255  1.644   -2.584  1.00 27.19 ? 93  TYR D CE2 1 
ATOM   868 C CZ  . TYR D 1 24 ? 17.479  2.021   -2.069  1.00 34.03 ? 93  TYR D CZ  1 
ATOM   869 O OH  . TYR D 1 24 ? 18.423  1.063   -1.786  1.00 45.23 ? 93  TYR D OH  1 
ATOM   870 N N   . GLY D 1 25 ? 15.308  6.726   -5.386  1.00 26.73 ? 94  GLY D N   1 
ATOM   871 C CA  . GLY D 1 25 ? 16.027  6.931   -6.631  1.00 29.86 ? 94  GLY D CA  1 
ATOM   872 C C   . GLY D 1 25 ? 16.806  8.231   -6.681  1.00 33.26 ? 94  GLY D C   1 
ATOM   873 O O   . GLY D 1 25 ? 17.882  8.291   -7.276  1.00 32.86 ? 94  GLY D O   1 
ATOM   874 N N   . ILE D 1 26 ? 16.259  9.275   -6.063  1.00 33.53 ? 95  ILE D N   1 
ATOM   875 C CA  . ILE D 1 26 ? 16.923  10.573  -6.010  1.00 30.28 ? 95  ILE D CA  1 
ATOM   876 C C   . ILE D 1 26 ? 18.231  10.489  -5.228  1.00 35.37 ? 95  ILE D C   1 
ATOM   877 O O   . ILE D 1 26 ? 19.262  10.999  -5.667  1.00 32.40 ? 95  ILE D O   1 
ATOM   878 C CB  . ILE D 1 26 ? 16.018  11.648  -5.374  1.00 25.40 ? 95  ILE D CB  1 
ATOM   879 C CG1 . ILE D 1 26 ? 14.872  12.012  -6.319  1.00 26.89 ? 95  ILE D CG1 1 
ATOM   880 C CG2 . ILE D 1 26 ? 16.819  12.894  -5.040  1.00 25.24 ? 95  ILE D CG2 1 
ATOM   881 C CD1 . ILE D 1 26 ? 13.850  12.944  -5.709  1.00 26.78 ? 95  ILE D CD1 1 
ATOM   882 N N   . ARG D 1 27 ? 18.181  9.831   -4.074  1.00 40.69 ? 96  ARG D N   1 
ATOM   883 C CA  . ARG D 1 27 ? 19.346  9.708   -3.205  1.00 40.38 ? 96  ARG D CA  1 
ATOM   884 C C   . ARG D 1 27 ? 20.439  8.834   -3.819  1.00 41.81 ? 96  ARG D C   1 
ATOM   885 O O   . ARG D 1 27 ? 21.604  8.929   -3.435  1.00 47.50 ? 96  ARG D O   1 
ATOM   886 C CB  . ARG D 1 27 ? 18.933  9.145   -1.842  1.00 31.44 ? 96  ARG D CB  1 
ATOM   887 C CG  . ARG D 1 27 ? 17.996  10.050  -1.056  1.00 34.48 ? 96  ARG D CG  1 
ATOM   888 C CD  . ARG D 1 27 ? 17.636  9.445   0.290   1.00 44.63 ? 96  ARG D CD  1 
ATOM   889 N NE  . ARG D 1 27 ? 16.737  10.304  1.054   1.00 54.68 ? 96  ARG D NE  1 
ATOM   890 C CZ  . ARG D 1 27 ? 17.141  11.235  1.912   1.00 48.39 ? 96  ARG D CZ  1 
ATOM   891 N NH1 . ARG D 1 27 ? 18.436  11.431  2.120   1.00 43.68 ? 96  ARG D NH1 1 
ATOM   892 N NH2 . ARG D 1 27 ? 16.250  11.969  2.563   1.00 46.09 ? 96  ARG D NH2 1 
ATOM   893 N N   . ARG D 1 28 ? 20.064  7.986   -4.773  1.00 35.25 ? 97  ARG D N   1 
ATOM   894 C CA  . ARG D 1 28 ? 21.027  7.100   -5.417  1.00 37.40 ? 97  ARG D CA  1 
ATOM   895 C C   . ARG D 1 28 ? 21.858  7.839   -6.461  1.00 46.37 ? 97  ARG D C   1 
ATOM   896 O O   . ARG D 1 28 ? 22.955  7.400   -6.809  1.00 50.66 ? 97  ARG D O   1 
ATOM   897 C CB  . ARG D 1 28 ? 20.320  5.909   -6.064  1.00 39.33 ? 97  ARG D CB  1 
ATOM   898 C CG  . ARG D 1 28 ? 19.548  5.043   -5.085  1.00 39.95 ? 97  ARG D CG  1 
ATOM   899 C CD  . ARG D 1 28 ? 19.818  3.569   -5.314  1.00 42.50 ? 97  ARG D CD  1 
ATOM   900 N NE  . ARG D 1 28 ? 20.446  2.954   -4.149  1.00 48.91 ? 97  ARG D NE  1 
ATOM   901 C CZ  . ARG D 1 28 ? 21.754  2.965   -3.913  1.00 56.84 ? 97  ARG D CZ  1 
ATOM   902 N NH1 . ARG D 1 28 ? 22.578  3.557   -4.765  1.00 48.49 ? 97  ARG D NH1 1 
ATOM   903 N NH2 . ARG D 1 28 ? 22.237  2.381   -2.825  1.00 71.21 ? 97  ARG D NH2 1 
ATOM   904 N N   . LEU D 1 29 ? 21.329  8.953   -6.957  1.00 49.94 ? 98  LEU D N   1 
ATOM   905 C CA  . LEU D 1 29 ? 22.041  9.785   -7.924  1.00 46.91 ? 98  LEU D CA  1 
ATOM   906 C C   . LEU D 1 29 ? 23.386  10.222  -7.366  1.00 52.50 ? 98  LEU D C   1 
ATOM   907 O O   . LEU D 1 29 ? 24.416  10.101  -8.026  1.00 60.01 ? 98  LEU D O   1 
ATOM   908 C CB  . LEU D 1 29 ? 21.207  11.009  -8.302  1.00 41.29 ? 98  LEU D CB  1 
ATOM   909 C CG  . LEU D 1 29 ? 19.972  10.764  -9.168  1.00 40.32 ? 98  LEU D CG  1 
ATOM   910 C CD1 . LEU D 1 29 ? 19.144  12.030  -9.278  1.00 37.95 ? 98  LEU D CD1 1 
ATOM   911 C CD2 . LEU D 1 29 ? 20.380  10.270  -10.547 1.00 39.11 ? 98  LEU D CD2 1 
HETATM 912 N N   . SCH D 1 30 ? 23.365  10.730  -6.139  1.00 51.76 ? 99  SCH D N   1 
HETATM 913 C CA  . SCH D 1 30 ? 24.568  11.112  -5.455  1.00 47.70 ? 99  SCH D CA  1 
HETATM 914 C CB  . SCH D 1 30 ? 25.130  12.469  -5.882  1.00 46.28 ? 99  SCH D CB  1 
HETATM 915 S SG  . SCH D 1 30 ? 26.503  12.307  -6.968  1.00 56.96 ? 99  SCH D SG  1 
HETATM 916 S SD  . SCH D 1 30 ? 27.806  10.870  -6.149  1.00 65.57 ? 99  SCH D SD  1 
HETATM 917 C CE  . SCH D 1 30 ? 27.470  9.393   -7.024  1.00 62.01 ? 99  SCH D CE  1 
HETATM 918 C C   . SCH D 1 30 ? 24.395  11.107  -3.940  1.00 45.61 ? 99  SCH D C   1 
HETATM 919 O O   . SCH D 1 30 ? 24.264  10.129  -3.203  1.00 46.30 ? 99  SCH D O   1 
HETATM 920 O OXT . SCH D 1 30 ? 24.375  12.337  -3.362  1.00 44.43 ? 99  SCH D OXT 1 
HETATM 921 C C1  . OLB E 2 .  ? 7.145   2.534   -12.419 1.00 50.80 ? 101 OLB A C1  1 
HETATM 922 C C2  . OLB E 2 .  ? 6.456   2.958   -11.140 1.00 42.85 ? 101 OLB A C2  1 
HETATM 923 C C3  . OLB E 2 .  ? 6.382   1.826   -10.140 1.00 40.80 ? 101 OLB A C3  1 
HETATM 924 C C4  . OLB E 2 .  ? 5.110   1.838   -9.319  1.00 33.50 ? 101 OLB A C4  1 
HETATM 925 C C5  . OLB E 2 .  ? 5.385   1.627   -7.846  1.00 25.30 ? 101 OLB A C5  1 
HETATM 926 O O19 . OLB E 2 .  ? 6.551   1.847   -13.226 1.00 59.78 ? 101 OLB A O19 1 
HETATM 927 O O20 . OLB E 2 .  ? 8.471   2.923   -12.673 1.00 48.25 ? 101 OLB A O20 1 
HETATM 928 C C21 . OLB E 2 .  ? 9.337   1.841   -12.926 1.00 51.24 ? 101 OLB A C21 1 
HETATM 929 C C22 . OLB E 2 .  ? 10.729  2.383   -13.168 1.00 58.61 ? 101 OLB A C22 1 
HETATM 930 O O23 . OLB E 2 .  ? 11.617  1.707   -12.305 1.00 63.35 ? 101 OLB A O23 1 
HETATM 931 C C24 . OLB E 2 .  ? 11.196  2.161   -14.590 1.00 50.95 ? 101 OLB A C24 1 
HETATM 932 O O25 . OLB E 2 .  ? 12.506  2.668   -14.720 1.00 39.35 ? 101 OLB A O25 1 
HETATM 933 C C6  . OLB E 2 .  ? 4.165   1.172   -7.074  1.00 23.28 ? 101 OLB A C6  1 
HETATM 934 C C7  . OLB E 2 .  ? 4.289   1.459   -5.594  1.00 17.41 ? 101 OLB A C7  1 
HETATM 935 C C8  . OLB E 2 .  ? 3.231   0.761   -4.765  1.00 16.37 ? 101 OLB A C8  1 
HETATM 936 C C9  . OLB E 2 .  ? 3.517   0.896   -3.286  1.00 15.77 ? 101 OLB A C9  1 
HETATM 937 C C10 . OLB E 2 .  ? 2.741   0.305   -2.354  1.00 9.66  ? 101 OLB A C10 1 
HETATM 938 C C11 . OLB E 2 .  ? 1.543   -0.532  -2.737  1.00 10.01 ? 101 OLB A C11 1 
HETATM 939 C C12 . OLB E 2 .  ? 0.796   -1.002  -1.509  1.00 9.88  ? 101 OLB A C12 1 
HETATM 940 C C13 . OLB E 2 .  ? -0.402  -1.867  -1.833  1.00 7.07  ? 101 OLB A C13 1 
HETATM 941 C C14 . OLB E 2 .  ? -1.071  -2.383  -0.578  1.00 9.27  ? 101 OLB A C14 1 
HETATM 942 C C15 . OLB E 2 .  ? -1.972  -3.567  -0.845  1.00 10.03 ? 101 OLB A C15 1 
HETATM 943 C C16 . OLB E 2 .  ? -2.340  -4.300  0.428   1.00 8.47  ? 101 OLB A C16 1 
HETATM 944 C C17 . OLB E 2 .  ? -3.217  -5.505  0.164   1.00 13.22 ? 101 OLB A C17 1 
HETATM 945 C C18 . OLB E 2 .  ? -3.867  -6.034  1.423   1.00 17.17 ? 101 OLB A C18 1 
# 
loop_
_pdbx_poly_seq_scheme.asym_id 
_pdbx_poly_seq_scheme.entity_id 
_pdbx_poly_seq_scheme.seq_id 
_pdbx_poly_seq_scheme.mon_id 
_pdbx_poly_seq_scheme.ndb_seq_num 
_pdbx_poly_seq_scheme.pdb_seq_num 
_pdbx_poly_seq_scheme.auth_seq_num 
_pdbx_poly_seq_scheme.pdb_mon_id 
_pdbx_poly_seq_scheme.auth_mon_id 
_pdbx_poly_seq_scheme.pdb_strand_id 
_pdbx_poly_seq_scheme.pdb_ins_code 
_pdbx_poly_seq_scheme.hetero 
A 1 1  GLU 1  70 70 GLU GLU A . n 
A 1 2  PRO 2  71 71 PRO PRO A . n 
A 1 3  GLU 3  72 72 GLU GLU A . n 
A 1 4  ILE 4  73 73 ILE ILE A . n 
A 1 5  THR 5  74 74 THR THR A . n 
A 1 6  LEU 6  75 75 LEU LEU A . n 
A 1 7  ILE 7  76 76 ILE ILE A . n 
A 1 8  ILE 8  77 77 ILE ILE A . n 
A 1 9  PHE 9  78 78 PHE PHE A . n 
A 1 10 GLY 10 79 79 GLY GLY A . n 
A 1 11 VAL 11 80 80 VAL VAL A . n 
A 1 12 ILE 12 81 81 ILE ILE A . n 
A 1 13 ALA 13 82 82 ALA ALA A . n 
A 1 14 GLY 14 83 83 GLY GLY A . n 
A 1 15 VAL 15 84 84 VAL VAL A . n 
A 1 16 ILE 16 85 85 ILE ILE A . n 
A 1 17 GLY 17 86 86 GLY GLY A . n 
A 1 18 THR 18 87 87 THR THR A . n 
A 1 19 ILE 19 88 88 ILE ILE A . n 
A 1 20 LEU 20 89 89 LEU LEU A . n 
A 1 21 LEU 21 90 90 LEU LEU A . n 
A 1 22 ILE 22 91 91 ILE ILE A . n 
A 1 23 SER 23 92 92 SER SER A . n 
A 1 24 TYR 24 93 93 TYR TYR A . n 
A 1 25 GLY 25 94 94 GLY GLY A . n 
A 1 26 ILE 26 95 95 ILE ILE A . n 
A 1 27 ARG 27 96 96 ARG ARG A . n 
A 1 28 ARG 28 97 97 ARG ARG A . n 
A 1 29 LEU 29 98 98 LEU LEU A . n 
A 1 30 SCH 30 99 99 SCH SCH A . n 
B 1 1  GLU 1  70 70 GLU GLU B . n 
B 1 2  PRO 2  71 71 PRO PRO B . n 
B 1 3  GLU 3  72 72 GLU GLU B . n 
B 1 4  ILE 4  73 73 ILE ILE B . n 
B 1 5  THR 5  74 74 THR THR B . n 
B 1 6  LEU 6  75 75 LEU LEU B . n 
B 1 7  ILE 7  76 76 ILE ILE B . n 
B 1 8  ILE 8  77 77 ILE ILE B . n 
B 1 9  PHE 9  78 78 PHE PHE B . n 
B 1 10 GLY 10 79 79 GLY GLY B . n 
B 1 11 VAL 11 80 80 VAL VAL B . n 
B 1 12 ILE 12 81 81 ILE ILE B . n 
B 1 13 ALA 13 82 82 ALA ALA B . n 
B 1 14 GLY 14 83 83 GLY GLY B . n 
B 1 15 VAL 15 84 84 VAL VAL B . n 
B 1 16 ILE 16 85 85 ILE ILE B . n 
B 1 17 GLY 17 86 86 GLY GLY B . n 
B 1 18 THR 18 87 87 THR THR B . n 
B 1 19 ILE 19 88 88 ILE ILE B . n 
B 1 20 LEU 20 89 89 LEU LEU B . n 
B 1 21 LEU 21 90 90 LEU LEU B . n 
B 1 22 ILE 22 91 91 ILE ILE B . n 
B 1 23 SER 23 92 92 SER SER B . n 
B 1 24 TYR 24 93 93 TYR TYR B . n 
B 1 25 GLY 25 94 94 GLY GLY B . n 
B 1 26 ILE 26 95 95 ILE ILE B . n 
B 1 27 ARG 27 96 96 ARG ARG B . n 
B 1 28 ARG 28 97 97 ARG ARG B . n 
B 1 29 LEU 29 98 98 LEU LEU B . n 
B 1 30 SCH 30 99 99 SCH SCH B . n 
C 1 1  GLU 1  70 70 GLU GLU C . n 
C 1 2  PRO 2  71 71 PRO PRO C . n 
C 1 3  GLU 3  72 72 GLU GLU C . n 
C 1 4  ILE 4  73 73 ILE ILE C . n 
C 1 5  THR 5  74 74 THR THR C . n 
C 1 6  LEU 6  75 75 LEU LEU C . n 
C 1 7  ILE 7  76 76 ILE ILE C . n 
C 1 8  ILE 8  77 77 ILE ILE C . n 
C 1 9  PHE 9  78 78 PHE PHE C . n 
C 1 10 GLY 10 79 79 GLY GLY C . n 
C 1 11 VAL 11 80 80 VAL VAL C . n 
C 1 12 ILE 12 81 81 ILE ILE C . n 
C 1 13 ALA 13 82 82 ALA ALA C . n 
C 1 14 GLY 14 83 83 GLY GLY C . n 
C 1 15 VAL 15 84 84 VAL VAL C . n 
C 1 16 ILE 16 85 85 ILE ILE C . n 
C 1 17 GLY 17 86 86 GLY GLY C . n 
C 1 18 THR 18 87 87 THR THR C . n 
C 1 19 ILE 19 88 88 ILE ILE C . n 
C 1 20 LEU 20 89 89 LEU LEU C . n 
C 1 21 LEU 21 90 90 LEU LEU C . n 
C 1 22 ILE 22 91 91 ILE ILE C . n 
C 1 23 SER 23 92 92 SER SER C . n 
C 1 24 TYR 24 93 93 TYR TYR C . n 
C 1 25 GLY 25 94 94 GLY GLY C . n 
C 1 26 ILE 26 95 95 ILE ILE C . n 
C 1 27 ARG 27 96 96 ARG ARG C . n 
C 1 28 ARG 28 97 97 ARG ARG C . n 
C 1 29 LEU 29 98 98 LEU LEU C . n 
C 1 30 SCH 30 99 99 SCH SCH C . n 
D 1 1  GLU 1  70 70 GLU GLU D . n 
D 1 2  PRO 2  71 71 PRO PRO D . n 
D 1 3  GLU 3  72 72 GLU GLU D . n 
D 1 4  ILE 4  73 73 ILE ILE D . n 
D 1 5  THR 5  74 74 THR THR D . n 
D 1 6  LEU 6  75 75 LEU LEU D . n 
D 1 7  ILE 7  76 76 ILE ILE D . n 
D 1 8  ILE 8  77 77 ILE ILE D . n 
D 1 9  PHE 9  78 78 PHE PHE D . n 
D 1 10 GLY 10 79 79 GLY GLY D . n 
D 1 11 VAL 11 80 80 VAL VAL D . n 
D 1 12 ILE 12 81 81 ILE ILE D . n 
D 1 13 ALA 13 82 82 ALA ALA D . n 
D 1 14 GLY 14 83 83 GLY GLY D . n 
D 1 15 VAL 15 84 84 VAL VAL D . n 
D 1 16 ILE 16 85 85 ILE ILE D . n 
D 1 17 GLY 17 86 86 GLY GLY D . n 
D 1 18 THR 18 87 87 THR THR D . n 
D 1 19 ILE 19 88 88 ILE ILE D . n 
D 1 20 LEU 20 89 89 LEU LEU D . n 
D 1 21 LEU 21 90 90 LEU LEU D . n 
D 1 22 ILE 22 91 91 ILE ILE D . n 
D 1 23 SER 23 92 92 SER SER D . n 
D 1 24 TYR 24 93 93 TYR TYR D . n 
D 1 25 GLY 25 94 94 GLY GLY D . n 
D 1 26 ILE 26 95 95 ILE ILE D . n 
D 1 27 ARG 27 96 96 ARG ARG D . n 
D 1 28 ARG 28 97 97 ARG ARG D . n 
D 1 29 LEU 29 98 98 LEU LEU D . n 
D 1 30 SCH 30 99 99 SCH SCH D . n 
# 
_pdbx_nonpoly_scheme.asym_id         E 
_pdbx_nonpoly_scheme.entity_id       2 
_pdbx_nonpoly_scheme.mon_id          OLB 
_pdbx_nonpoly_scheme.ndb_seq_num     1 
_pdbx_nonpoly_scheme.pdb_seq_num     101 
_pdbx_nonpoly_scheme.auth_seq_num    1 
_pdbx_nonpoly_scheme.pdb_mon_id      OLB 
_pdbx_nonpoly_scheme.auth_mon_id     MPG 
_pdbx_nonpoly_scheme.pdb_strand_id   A 
_pdbx_nonpoly_scheme.pdb_ins_code    . 
# 
loop_
_pdbx_struct_mod_residue.id 
_pdbx_struct_mod_residue.label_asym_id 
_pdbx_struct_mod_residue.label_comp_id 
_pdbx_struct_mod_residue.label_seq_id 
_pdbx_struct_mod_residue.auth_asym_id 
_pdbx_struct_mod_residue.auth_comp_id 
_pdbx_struct_mod_residue.auth_seq_id 
_pdbx_struct_mod_residue.PDB_ins_code 
_pdbx_struct_mod_residue.parent_comp_id 
_pdbx_struct_mod_residue.details 
1 A SCH 30 A SCH 99 ? ? 'modified residue' 
2 B SCH 30 B SCH 99 ? ? 'modified residue' 
3 C SCH 30 C SCH 99 ? ? 'modified residue' 
4 D SCH 30 D SCH 99 ? ? 'modified residue' 
# 
loop_
_pdbx_struct_assembly.id 
_pdbx_struct_assembly.details 
_pdbx_struct_assembly.method_details 
_pdbx_struct_assembly.oligomeric_details 
_pdbx_struct_assembly.oligomeric_count 
1 author_and_software_defined_assembly PISA dimeric 2 
2 author_and_software_defined_assembly PISA dimeric 2 
# 
loop_
_pdbx_struct_assembly_gen.assembly_id 
_pdbx_struct_assembly_gen.oper_expression 
_pdbx_struct_assembly_gen.asym_id_list 
1 1 A,B,E 
2 1 C,D   
# 
loop_
_pdbx_struct_assembly_prop.biol_id 
_pdbx_struct_assembly_prop.type 
_pdbx_struct_assembly_prop.value 
_pdbx_struct_assembly_prop.details 
1 'ABSA (A^2)' 1110 ? 
1 MORE         -12  ? 
1 'SSA (A^2)'  5480 ? 
2 'ABSA (A^2)' 890  ? 
2 MORE         -12  ? 
2 'SSA (A^2)'  5160 ? 
# 
_pdbx_struct_oper_list.id                   1 
_pdbx_struct_oper_list.type                 'identity operation' 
_pdbx_struct_oper_list.name                 1_555 
_pdbx_struct_oper_list.symmetry_operation   x,y,z 
_pdbx_struct_oper_list.matrix[1][1]         1.0000000000 
_pdbx_struct_oper_list.matrix[1][2]         0.0000000000 
_pdbx_struct_oper_list.matrix[1][3]         0.0000000000 
_pdbx_struct_oper_list.vector[1]            0.0000000000 
_pdbx_struct_oper_list.matrix[2][1]         0.0000000000 
_pdbx_struct_oper_list.matrix[2][2]         1.0000000000 
_pdbx_struct_oper_list.matrix[2][3]         0.0000000000 
_pdbx_struct_oper_list.vector[2]            0.0000000000 
_pdbx_struct_oper_list.matrix[3][1]         0.0000000000 
_pdbx_struct_oper_list.matrix[3][2]         0.0000000000 
_pdbx_struct_oper_list.matrix[3][3]         1.0000000000 
_pdbx_struct_oper_list.vector[3]            0.0000000000 
# 
loop_
_pdbx_audit_revision_history.ordinal 
_pdbx_audit_revision_history.data_content_type 
_pdbx_audit_revision_history.major_revision 
_pdbx_audit_revision_history.minor_revision 
_pdbx_audit_revision_history.revision_date 
1 'Structure model' 1 0 2015-12-23 
2 'Structure model' 1 1 2016-01-06 
3 'Structure model' 1 2 2017-09-20 
4 'Structure model' 1 3 2018-01-17 
5 'Structure model' 1 4 2020-01-01 
6 'Structure model' 1 5 2023-09-27 
# 
_pdbx_audit_revision_details.ordinal             1 
_pdbx_audit_revision_details.revision_ordinal    1 
_pdbx_audit_revision_details.data_content_type   'Structure model' 
_pdbx_audit_revision_details.provider            repository 
_pdbx_audit_revision_details.type                'Initial release' 
_pdbx_audit_revision_details.description         ? 
_pdbx_audit_revision_details.details             ? 
# 
loop_
_pdbx_audit_revision_group.ordinal 
_pdbx_audit_revision_group.revision_ordinal 
_pdbx_audit_revision_group.data_content_type 
_pdbx_audit_revision_group.group 
1 2 'Structure model' 'Database references'        
2 3 'Structure model' 'Author supporting evidence' 
3 3 'Structure model' 'Data collection'            
4 3 'Structure model' 'Derived calculations'       
5 4 'Structure model' 'Author supporting evidence' 
6 5 'Structure model' 'Author supporting evidence' 
7 6 'Structure model' 'Data collection'            
8 6 'Structure model' 'Database references'        
9 6 'Structure model' 'Refinement description'     
# 
loop_
_pdbx_audit_revision_category.ordinal 
_pdbx_audit_revision_category.revision_ordinal 
_pdbx_audit_revision_category.data_content_type 
_pdbx_audit_revision_category.category 
1 3 'Structure model' diffrn_source                 
2 3 'Structure model' pdbx_audit_support            
3 3 'Structure model' pdbx_struct_oper_list         
4 4 'Structure model' pdbx_audit_support            
5 5 'Structure model' pdbx_audit_support            
6 6 'Structure model' chem_comp_atom                
7 6 'Structure model' chem_comp_bond                
8 6 'Structure model' database_2                    
9 6 'Structure model' pdbx_initial_refinement_model 
# 
loop_
_pdbx_audit_revision_item.ordinal 
_pdbx_audit_revision_item.revision_ordinal 
_pdbx_audit_revision_item.data_content_type 
_pdbx_audit_revision_item.item 
1 3 'Structure model' '_diffrn_source.pdbx_synchrotron_site'      
2 3 'Structure model' '_pdbx_audit_support.funding_organization'  
3 3 'Structure model' '_pdbx_struct_oper_list.symmetry_operation' 
4 4 'Structure model' '_pdbx_audit_support.funding_organization'  
5 5 'Structure model' '_pdbx_audit_support.funding_organization'  
6 6 'Structure model' '_database_2.pdbx_DOI'                      
7 6 'Structure model' '_database_2.pdbx_database_accession'       
# 
loop_
_software.citation_id 
_software.classification 
_software.compiler_name 
_software.compiler_version 
_software.contact_author 
_software.contact_author_email 
_software.date 
_software.description 
_software.dependencies 
_software.hardware 
_software.language 
_software.location 
_software.mods 
_software.name 
_software.os 
_software.os_version 
_software.type 
_software.version 
_software.pdbx_ordinal 
? refinement       ? ? ? ? ? ? ? ? ? ? ? PHENIX   ? ? ? 1.9_1692 1 
? 'data reduction' ? ? ? ? ? ? ? ? ? ? ? HKL-2000 ? ? ? .        2 
? 'data scaling'   ? ? ? ? ? ? ? ? ? ? ? HKL-2000 ? ? ? .        3 
? phasing          ? ? ? ? ? ? ? ? ? ? ? PHENIX   ? ? ? 1.9_1692 4 
# 
_pdbx_validate_torsion.id              1 
_pdbx_validate_torsion.PDB_model_num   1 
_pdbx_validate_torsion.auth_comp_id    PRO 
_pdbx_validate_torsion.auth_asym_id    B 
_pdbx_validate_torsion.auth_seq_id     71 
_pdbx_validate_torsion.PDB_ins_code    ? 
_pdbx_validate_torsion.label_alt_id    ? 
_pdbx_validate_torsion.phi             -60.52 
_pdbx_validate_torsion.psi             69.69 
# 
loop_
_chem_comp_atom.comp_id 
_chem_comp_atom.atom_id 
_chem_comp_atom.type_symbol 
_chem_comp_atom.pdbx_aromatic_flag 
_chem_comp_atom.pdbx_stereo_config 
_chem_comp_atom.pdbx_ordinal 
ALA N    N N N 1   
ALA CA   C N S 2   
ALA C    C N N 3   
ALA O    O N N 4   
ALA CB   C N N 5   
ALA OXT  O N N 6   
ALA H    H N N 7   
ALA H2   H N N 8   
ALA HA   H N N 9   
ALA HB1  H N N 10  
ALA HB2  H N N 11  
ALA HB3  H N N 12  
ALA HXT  H N N 13  
ARG N    N N N 14  
ARG CA   C N S 15  
ARG C    C N N 16  
ARG O    O N N 17  
ARG CB   C N N 18  
ARG CG   C N N 19  
ARG CD   C N N 20  
ARG NE   N N N 21  
ARG CZ   C N N 22  
ARG NH1  N N N 23  
ARG NH2  N N N 24  
ARG OXT  O N N 25  
ARG H    H N N 26  
ARG H2   H N N 27  
ARG HA   H N N 28  
ARG HB2  H N N 29  
ARG HB3  H N N 30  
ARG HG2  H N N 31  
ARG HG3  H N N 32  
ARG HD2  H N N 33  
ARG HD3  H N N 34  
ARG HE   H N N 35  
ARG HH11 H N N 36  
ARG HH12 H N N 37  
ARG HH21 H N N 38  
ARG HH22 H N N 39  
ARG HXT  H N N 40  
GLU N    N N N 41  
GLU CA   C N S 42  
GLU C    C N N 43  
GLU O    O N N 44  
GLU CB   C N N 45  
GLU CG   C N N 46  
GLU CD   C N N 47  
GLU OE1  O N N 48  
GLU OE2  O N N 49  
GLU OXT  O N N 50  
GLU H    H N N 51  
GLU H2   H N N 52  
GLU HA   H N N 53  
GLU HB2  H N N 54  
GLU HB3  H N N 55  
GLU HG2  H N N 56  
GLU HG3  H N N 57  
GLU HE2  H N N 58  
GLU HXT  H N N 59  
GLY N    N N N 60  
GLY CA   C N N 61  
GLY C    C N N 62  
GLY O    O N N 63  
GLY OXT  O N N 64  
GLY H    H N N 65  
GLY H2   H N N 66  
GLY HA2  H N N 67  
GLY HA3  H N N 68  
GLY HXT  H N N 69  
ILE N    N N N 70  
ILE CA   C N S 71  
ILE C    C N N 72  
ILE O    O N N 73  
ILE CB   C N S 74  
ILE CG1  C N N 75  
ILE CG2  C N N 76  
ILE CD1  C N N 77  
ILE OXT  O N N 78  
ILE H    H N N 79  
ILE H2   H N N 80  
ILE HA   H N N 81  
ILE HB   H N N 82  
ILE HG12 H N N 83  
ILE HG13 H N N 84  
ILE HG21 H N N 85  
ILE HG22 H N N 86  
ILE HG23 H N N 87  
ILE HD11 H N N 88  
ILE HD12 H N N 89  
ILE HD13 H N N 90  
ILE HXT  H N N 91  
LEU N    N N N 92  
LEU CA   C N S 93  
LEU C    C N N 94  
LEU O    O N N 95  
LEU CB   C N N 96  
LEU CG   C N N 97  
LEU CD1  C N N 98  
LEU CD2  C N N 99  
LEU OXT  O N N 100 
LEU H    H N N 101 
LEU H2   H N N 102 
LEU HA   H N N 103 
LEU HB2  H N N 104 
LEU HB3  H N N 105 
LEU HG   H N N 106 
LEU HD11 H N N 107 
LEU HD12 H N N 108 
LEU HD13 H N N 109 
LEU HD21 H N N 110 
LEU HD22 H N N 111 
LEU HD23 H N N 112 
LEU HXT  H N N 113 
MET N    N N N 114 
MET CA   C N S 115 
MET C    C N N 116 
MET O    O N N 117 
MET CB   C N N 118 
MET CG   C N N 119 
MET SD   S N N 120 
MET CE   C N N 121 
MET OXT  O N N 122 
MET H    H N N 123 
MET H2   H N N 124 
MET HA   H N N 125 
MET HB2  H N N 126 
MET HB3  H N N 127 
MET HG2  H N N 128 
MET HG3  H N N 129 
MET HE1  H N N 130 
MET HE2  H N N 131 
MET HE3  H N N 132 
MET HXT  H N N 133 
OLB C1   C N N 134 
OLB C2   C N N 135 
OLB C3   C N N 136 
OLB C4   C N N 137 
OLB C5   C N N 138 
OLB O19  O N N 139 
OLB O20  O N N 140 
OLB C21  C N N 141 
OLB C22  C N S 142 
OLB O23  O N N 143 
OLB C24  C N N 144 
OLB O25  O N N 145 
OLB C6   C N N 146 
OLB C7   C N N 147 
OLB C8   C N N 148 
OLB C9   C N N 149 
OLB C10  C N N 150 
OLB C11  C N N 151 
OLB H2   H N N 152 
OLB H2A  H N N 153 
OLB H3   H N N 154 
OLB H3A  H N N 155 
OLB H4   H N N 156 
OLB H4A  H N N 157 
OLB H5   H N N 158 
OLB H5A  H N N 159 
OLB H21  H N N 160 
OLB H21A H N N 161 
OLB H22  H N N 162 
OLB HO23 H N N 163 
OLB H24  H N N 164 
OLB H24A H N N 165 
OLB HO25 H N N 166 
OLB H16  H N N 167 
OLB H17  H N N 168 
OLB H18  H N N 169 
OLB H19  H N N 170 
OLB H20  H N N 171 
OLB H211 H N N 172 
OLB H221 H N N 173 
OLB H23  H N N 174 
OLB H241 H N N 175 
OLB H25  H N N 176 
OLB C12  C N N 177 
OLB H26  H N N 178 
OLB C13  C N N 179 
OLB H27  H N N 180 
OLB C14  C N N 181 
OLB H28  H N N 182 
OLB H29  H N N 183 
OLB H30  H N N 184 
OLB H31  H N N 185 
OLB C15  C N N 186 
OLB C16  C N N 187 
OLB H32  H N N 188 
OLB H33  H N N 189 
OLB H34  H N N 190 
OLB H35  H N N 191 
OLB C17  C N N 192 
OLB C18  C N N 193 
OLB H36  H N N 194 
OLB H37  H N N 195 
OLB H38  H N N 196 
OLB H39  H N N 197 
OLB H40  H N N 198 
PHE N    N N N 199 
PHE CA   C N S 200 
PHE C    C N N 201 
PHE O    O N N 202 
PHE CB   C N N 203 
PHE CG   C Y N 204 
PHE CD1  C Y N 205 
PHE CD2  C Y N 206 
PHE CE1  C Y N 207 
PHE CE2  C Y N 208 
PHE CZ   C Y N 209 
PHE OXT  O N N 210 
PHE H    H N N 211 
PHE H2   H N N 212 
PHE HA   H N N 213 
PHE HB2  H N N 214 
PHE HB3  H N N 215 
PHE HD1  H N N 216 
PHE HD2  H N N 217 
PHE HE1  H N N 218 
PHE HE2  H N N 219 
PHE HZ   H N N 220 
PHE HXT  H N N 221 
PRO N    N N N 222 
PRO CA   C N S 223 
PRO C    C N N 224 
PRO O    O N N 225 
PRO CB   C N N 226 
PRO CG   C N N 227 
PRO CD   C N N 228 
PRO OXT  O N N 229 
PRO H    H N N 230 
PRO HA   H N N 231 
PRO HB2  H N N 232 
PRO HB3  H N N 233 
PRO HG2  H N N 234 
PRO HG3  H N N 235 
PRO HD2  H N N 236 
PRO HD3  H N N 237 
PRO HXT  H N N 238 
SCH N    N N N 239 
SCH CA   C N R 240 
SCH CB   C N N 241 
SCH SG   S N N 242 
SCH SD   S N N 243 
SCH CE   C N N 244 
SCH C    C N N 245 
SCH O    O N N 246 
SCH OXT  O N N 247 
SCH H    H N N 248 
SCH H2   H N N 249 
SCH HA   H N N 250 
SCH HB2  H N N 251 
SCH HB3  H N N 252 
SCH HE1  H N N 253 
SCH HE2  H N N 254 
SCH HE3  H N N 255 
SCH HXT  H N N 256 
SER N    N N N 257 
SER CA   C N S 258 
SER C    C N N 259 
SER O    O N N 260 
SER CB   C N N 261 
SER OG   O N N 262 
SER OXT  O N N 263 
SER H    H N N 264 
SER H2   H N N 265 
SER HA   H N N 266 
SER HB2  H N N 267 
SER HB3  H N N 268 
SER HG   H N N 269 
SER HXT  H N N 270 
THR N    N N N 271 
THR CA   C N S 272 
THR C    C N N 273 
THR O    O N N 274 
THR CB   C N R 275 
THR OG1  O N N 276 
THR CG2  C N N 277 
THR OXT  O N N 278 
THR H    H N N 279 
THR H2   H N N 280 
THR HA   H N N 281 
THR HB   H N N 282 
THR HG1  H N N 283 
THR HG21 H N N 284 
THR HG22 H N N 285 
THR HG23 H N N 286 
THR HXT  H N N 287 
TYR N    N N N 288 
TYR CA   C N S 289 
TYR C    C N N 290 
TYR O    O N N 291 
TYR CB   C N N 292 
TYR CG   C Y N 293 
TYR CD1  C Y N 294 
TYR CD2  C Y N 295 
TYR CE1  C Y N 296 
TYR CE2  C Y N 297 
TYR CZ   C Y N 298 
TYR OH   O N N 299 
TYR OXT  O N N 300 
TYR H    H N N 301 
TYR H2   H N N 302 
TYR HA   H N N 303 
TYR HB2  H N N 304 
TYR HB3  H N N 305 
TYR HD1  H N N 306 
TYR HD2  H N N 307 
TYR HE1  H N N 308 
TYR HE2  H N N 309 
TYR HH   H N N 310 
TYR HXT  H N N 311 
VAL N    N N N 312 
VAL CA   C N S 313 
VAL C    C N N 314 
VAL O    O N N 315 
VAL CB   C N N 316 
VAL CG1  C N N 317 
VAL CG2  C N N 318 
VAL OXT  O N N 319 
VAL H    H N N 320 
VAL H2   H N N 321 
VAL HA   H N N 322 
VAL HB   H N N 323 
VAL HG11 H N N 324 
VAL HG12 H N N 325 
VAL HG13 H N N 326 
VAL HG21 H N N 327 
VAL HG22 H N N 328 
VAL HG23 H N N 329 
VAL HXT  H N N 330 
# 
loop_
_chem_comp_bond.comp_id 
_chem_comp_bond.atom_id_1 
_chem_comp_bond.atom_id_2 
_chem_comp_bond.value_order 
_chem_comp_bond.pdbx_aromatic_flag 
_chem_comp_bond.pdbx_stereo_config 
_chem_comp_bond.pdbx_ordinal 
ALA N   CA   sing N N 1   
ALA N   H    sing N N 2   
ALA N   H2   sing N N 3   
ALA CA  C    sing N N 4   
ALA CA  CB   sing N N 5   
ALA CA  HA   sing N N 6   
ALA C   O    doub N N 7   
ALA C   OXT  sing N N 8   
ALA CB  HB1  sing N N 9   
ALA CB  HB2  sing N N 10  
ALA CB  HB3  sing N N 11  
ALA OXT HXT  sing N N 12  
ARG N   CA   sing N N 13  
ARG N   H    sing N N 14  
ARG N   H2   sing N N 15  
ARG CA  C    sing N N 16  
ARG CA  CB   sing N N 17  
ARG CA  HA   sing N N 18  
ARG C   O    doub N N 19  
ARG C   OXT  sing N N 20  
ARG CB  CG   sing N N 21  
ARG CB  HB2  sing N N 22  
ARG CB  HB3  sing N N 23  
ARG CG  CD   sing N N 24  
ARG CG  HG2  sing N N 25  
ARG CG  HG3  sing N N 26  
ARG CD  NE   sing N N 27  
ARG CD  HD2  sing N N 28  
ARG CD  HD3  sing N N 29  
ARG NE  CZ   sing N N 30  
ARG NE  HE   sing N N 31  
ARG CZ  NH1  sing N N 32  
ARG CZ  NH2  doub N N 33  
ARG NH1 HH11 sing N N 34  
ARG NH1 HH12 sing N N 35  
ARG NH2 HH21 sing N N 36  
ARG NH2 HH22 sing N N 37  
ARG OXT HXT  sing N N 38  
GLU N   CA   sing N N 39  
GLU N   H    sing N N 40  
GLU N   H2   sing N N 41  
GLU CA  C    sing N N 42  
GLU CA  CB   sing N N 43  
GLU CA  HA   sing N N 44  
GLU C   O    doub N N 45  
GLU C   OXT  sing N N 46  
GLU CB  CG   sing N N 47  
GLU CB  HB2  sing N N 48  
GLU CB  HB3  sing N N 49  
GLU CG  CD   sing N N 50  
GLU CG  HG2  sing N N 51  
GLU CG  HG3  sing N N 52  
GLU CD  OE1  doub N N 53  
GLU CD  OE2  sing N N 54  
GLU OE2 HE2  sing N N 55  
GLU OXT HXT  sing N N 56  
GLY N   CA   sing N N 57  
GLY N   H    sing N N 58  
GLY N   H2   sing N N 59  
GLY CA  C    sing N N 60  
GLY CA  HA2  sing N N 61  
GLY CA  HA3  sing N N 62  
GLY C   O    doub N N 63  
GLY C   OXT  sing N N 64  
GLY OXT HXT  sing N N 65  
ILE N   CA   sing N N 66  
ILE N   H    sing N N 67  
ILE N   H2   sing N N 68  
ILE CA  C    sing N N 69  
ILE CA  CB   sing N N 70  
ILE CA  HA   sing N N 71  
ILE C   O    doub N N 72  
ILE C   OXT  sing N N 73  
ILE CB  CG1  sing N N 74  
ILE CB  CG2  sing N N 75  
ILE CB  HB   sing N N 76  
ILE CG1 CD1  sing N N 77  
ILE CG1 HG12 sing N N 78  
ILE CG1 HG13 sing N N 79  
ILE CG2 HG21 sing N N 80  
ILE CG2 HG22 sing N N 81  
ILE CG2 HG23 sing N N 82  
ILE CD1 HD11 sing N N 83  
ILE CD1 HD12 sing N N 84  
ILE CD1 HD13 sing N N 85  
ILE OXT HXT  sing N N 86  
LEU N   CA   sing N N 87  
LEU N   H    sing N N 88  
LEU N   H2   sing N N 89  
LEU CA  C    sing N N 90  
LEU CA  CB   sing N N 91  
LEU CA  HA   sing N N 92  
LEU C   O    doub N N 93  
LEU C   OXT  sing N N 94  
LEU CB  CG   sing N N 95  
LEU CB  HB2  sing N N 96  
LEU CB  HB3  sing N N 97  
LEU CG  CD1  sing N N 98  
LEU CG  CD2  sing N N 99  
LEU CG  HG   sing N N 100 
LEU CD1 HD11 sing N N 101 
LEU CD1 HD12 sing N N 102 
LEU CD1 HD13 sing N N 103 
LEU CD2 HD21 sing N N 104 
LEU CD2 HD22 sing N N 105 
LEU CD2 HD23 sing N N 106 
LEU OXT HXT  sing N N 107 
MET N   CA   sing N N 108 
MET N   H    sing N N 109 
MET N   H2   sing N N 110 
MET CA  C    sing N N 111 
MET CA  CB   sing N N 112 
MET CA  HA   sing N N 113 
MET C   O    doub N N 114 
MET C   OXT  sing N N 115 
MET CB  CG   sing N N 116 
MET CB  HB2  sing N N 117 
MET CB  HB3  sing N N 118 
MET CG  SD   sing N N 119 
MET CG  HG2  sing N N 120 
MET CG  HG3  sing N N 121 
MET SD  CE   sing N N 122 
MET CE  HE1  sing N N 123 
MET CE  HE2  sing N N 124 
MET CE  HE3  sing N N 125 
MET OXT HXT  sing N N 126 
OLB C1  O19  doub N N 127 
OLB C1  O20  sing N N 128 
OLB C2  C1   sing N N 129 
OLB C3  C2   sing N N 130 
OLB C4  C3   sing N N 131 
OLB C5  C4   sing N N 132 
OLB C5  C6   sing N N 133 
OLB O20 C21  sing N N 134 
OLB C21 C22  sing N N 135 
OLB C22 C24  sing N N 136 
OLB O23 C22  sing N N 137 
OLB C24 O25  sing N N 138 
OLB C6  C7   sing N N 139 
OLB C7  C8   sing N N 140 
OLB C8  C9   sing N N 141 
OLB C9  C10  doub N Z 142 
OLB C10 C11  sing N N 143 
OLB C2  H2   sing N N 144 
OLB C2  H2A  sing N N 145 
OLB C3  H3   sing N N 146 
OLB C3  H3A  sing N N 147 
OLB C4  H4   sing N N 148 
OLB C4  H4A  sing N N 149 
OLB C5  H5   sing N N 150 
OLB C5  H5A  sing N N 151 
OLB C21 H21  sing N N 152 
OLB C21 H21A sing N N 153 
OLB C22 H22  sing N N 154 
OLB O23 HO23 sing N N 155 
OLB C24 H24  sing N N 156 
OLB C24 H24A sing N N 157 
OLB O25 HO25 sing N N 158 
OLB C6  H16  sing N N 159 
OLB C6  H17  sing N N 160 
OLB C7  H18  sing N N 161 
OLB C7  H19  sing N N 162 
OLB C8  H20  sing N N 163 
OLB C8  H211 sing N N 164 
OLB C9  H221 sing N N 165 
OLB C10 H23  sing N N 166 
OLB C11 H241 sing N N 167 
OLB C11 H25  sing N N 168 
OLB C11 C12  sing N N 169 
OLB C12 H26  sing N N 170 
OLB C12 C13  sing N N 171 
OLB C12 H27  sing N N 172 
OLB C13 C14  sing N N 173 
OLB C13 H28  sing N N 174 
OLB C13 H29  sing N N 175 
OLB C14 H30  sing N N 176 
OLB C14 H31  sing N N 177 
OLB C14 C15  sing N N 178 
OLB C15 C16  sing N N 179 
OLB C15 H32  sing N N 180 
OLB C15 H33  sing N N 181 
OLB C16 H34  sing N N 182 
OLB C16 H35  sing N N 183 
OLB C16 C17  sing N N 184 
OLB C17 C18  sing N N 185 
OLB C17 H36  sing N N 186 
OLB C17 H37  sing N N 187 
OLB C18 H38  sing N N 188 
OLB C18 H39  sing N N 189 
OLB C18 H40  sing N N 190 
PHE N   CA   sing N N 191 
PHE N   H    sing N N 192 
PHE N   H2   sing N N 193 
PHE CA  C    sing N N 194 
PHE CA  CB   sing N N 195 
PHE CA  HA   sing N N 196 
PHE C   O    doub N N 197 
PHE C   OXT  sing N N 198 
PHE CB  CG   sing N N 199 
PHE CB  HB2  sing N N 200 
PHE CB  HB3  sing N N 201 
PHE CG  CD1  doub Y N 202 
PHE CG  CD2  sing Y N 203 
PHE CD1 CE1  sing Y N 204 
PHE CD1 HD1  sing N N 205 
PHE CD2 CE2  doub Y N 206 
PHE CD2 HD2  sing N N 207 
PHE CE1 CZ   doub Y N 208 
PHE CE1 HE1  sing N N 209 
PHE CE2 CZ   sing Y N 210 
PHE CE2 HE2  sing N N 211 
PHE CZ  HZ   sing N N 212 
PHE OXT HXT  sing N N 213 
PRO N   CA   sing N N 214 
PRO N   CD   sing N N 215 
PRO N   H    sing N N 216 
PRO CA  C    sing N N 217 
PRO CA  CB   sing N N 218 
PRO CA  HA   sing N N 219 
PRO C   O    doub N N 220 
PRO C   OXT  sing N N 221 
PRO CB  CG   sing N N 222 
PRO CB  HB2  sing N N 223 
PRO CB  HB3  sing N N 224 
PRO CG  CD   sing N N 225 
PRO CG  HG2  sing N N 226 
PRO CG  HG3  sing N N 227 
PRO CD  HD2  sing N N 228 
PRO CD  HD3  sing N N 229 
PRO OXT HXT  sing N N 230 
SCH N   CA   sing N N 231 
SCH N   H    sing N N 232 
SCH N   H2   sing N N 233 
SCH CA  CB   sing N N 234 
SCH CA  C    sing N N 235 
SCH CA  HA   sing N N 236 
SCH CB  SG   sing N N 237 
SCH CB  HB2  sing N N 238 
SCH CB  HB3  sing N N 239 
SCH SG  SD   sing N N 240 
SCH SD  CE   sing N N 241 
SCH CE  HE1  sing N N 242 
SCH CE  HE2  sing N N 243 
SCH CE  HE3  sing N N 244 
SCH C   O    doub N N 245 
SCH C   OXT  sing N N 246 
SCH OXT HXT  sing N N 247 
SER N   CA   sing N N 248 
SER N   H    sing N N 249 
SER N   H2   sing N N 250 
SER CA  C    sing N N 251 
SER CA  CB   sing N N 252 
SER CA  HA   sing N N 253 
SER C   O    doub N N 254 
SER C   OXT  sing N N 255 
SER CB  OG   sing N N 256 
SER CB  HB2  sing N N 257 
SER CB  HB3  sing N N 258 
SER OG  HG   sing N N 259 
SER OXT HXT  sing N N 260 
THR N   CA   sing N N 261 
THR N   H    sing N N 262 
THR N   H2   sing N N 263 
THR CA  C    sing N N 264 
THR CA  CB   sing N N 265 
THR CA  HA   sing N N 266 
THR C   O    doub N N 267 
THR C   OXT  sing N N 268 
THR CB  OG1  sing N N 269 
THR CB  CG2  sing N N 270 
THR CB  HB   sing N N 271 
THR OG1 HG1  sing N N 272 
THR CG2 HG21 sing N N 273 
THR CG2 HG22 sing N N 274 
THR CG2 HG23 sing N N 275 
THR OXT HXT  sing N N 276 
TYR N   CA   sing N N 277 
TYR N   H    sing N N 278 
TYR N   H2   sing N N 279 
TYR CA  C    sing N N 280 
TYR CA  CB   sing N N 281 
TYR CA  HA   sing N N 282 
TYR C   O    doub N N 283 
TYR C   OXT  sing N N 284 
TYR CB  CG   sing N N 285 
TYR CB  HB2  sing N N 286 
TYR CB  HB3  sing N N 287 
TYR CG  CD1  doub Y N 288 
TYR CG  CD2  sing Y N 289 
TYR CD1 CE1  sing Y N 290 
TYR CD1 HD1  sing N N 291 
TYR CD2 CE2  doub Y N 292 
TYR CD2 HD2  sing N N 293 
TYR CE1 CZ   doub Y N 294 
TYR CE1 HE1  sing N N 295 
TYR CE2 CZ   sing Y N 296 
TYR CE2 HE2  sing N N 297 
TYR CZ  OH   sing N N 298 
TYR OH  HH   sing N N 299 
TYR OXT HXT  sing N N 300 
VAL N   CA   sing N N 301 
VAL N   H    sing N N 302 
VAL N   H2   sing N N 303 
VAL CA  C    sing N N 304 
VAL CA  CB   sing N N 305 
VAL CA  HA   sing N N 306 
VAL C   O    doub N N 307 
VAL C   OXT  sing N N 308 
VAL CB  CG1  sing N N 309 
VAL CB  CG2  sing N N 310 
VAL CB  HB   sing N N 311 
VAL CG1 HG11 sing N N 312 
VAL CG1 HG12 sing N N 313 
VAL CG1 HG13 sing N N 314 
VAL CG2 HG21 sing N N 315 
VAL CG2 HG22 sing N N 316 
VAL CG2 HG23 sing N N 317 
VAL OXT HXT  sing N N 318 
# 
loop_
_pdbx_audit_support.funding_organization 
_pdbx_audit_support.country 
_pdbx_audit_support.grant_number 
_pdbx_audit_support.ordinal 
'National Health and Medical Research Council (NHMRC, Australia)' Australia GNT1030902  1 
'Australian Research Council (ARC)'                               Australia FT120100145 2 
'Australian Research Council (ARC)'                               Australia DP11010436  3 
# 
_pdbx_entity_nonpoly.entity_id   2 
_pdbx_entity_nonpoly.name        '(2S)-2,3-dihydroxypropyl (9Z)-octadec-9-enoate' 
_pdbx_entity_nonpoly.comp_id     OLB 
# 
_pdbx_initial_refinement_model.id               1 
_pdbx_initial_refinement_model.entity_id_list   ? 
_pdbx_initial_refinement_model.type             'experimental model' 
_pdbx_initial_refinement_model.source_name      PDB 
_pdbx_initial_refinement_model.accession_code   5EH6 
_pdbx_initial_refinement_model.details          ? 
# 
